data_9EKV
#
_entry.id   9EKV
#
_cell.length_a   1.00
_cell.length_b   1.00
_cell.length_c   1.00
_cell.angle_alpha   90.00
_cell.angle_beta   90.00
_cell.angle_gamma   90.00
#
_symmetry.space_group_name_H-M   'P 1'
#
loop_
_entity.id
_entity.type
_entity.pdbx_description
1 polymer Mucolipin-1
2 non-polymer N4-(3-chloranyl-2-piperidin-1-yl-phenyl)-N1,N1-dimethyl-benzene-1,4-disulfonamide
#
_entity_poly.entity_id   1
_entity_poly.type   'polypeptide(L)'
_entity_poly.pdbx_seq_one_letter_code
;MTAPAGPRGSETERLLTPNPGYGTQAGPSPAPPTPPEEEDLRRRLKYFFMSPCDKFRAKGRKPCKLMLQVVKILVVTVQL
ILFGLSNQLAVTFREENTIAFRHLFLLGYSDGADDTFAAYTREQLYQAIFHAVDQYLALPDVSLGRYAYVRGGGDPWTNG
SGLALCQRYYHRGHVDPANDTFDIDPMVVTDCIQVDPPERPPPPPSDDLTLLESSSSYKNLTLKFHKLVNVTIHFRLKTI
NLQSLINNEIPDCYTFSVLITFDNKAHSGRIPISLETQAHIQECKHPSVFQHGDNSFRLLFDVVVILTCSLSFLLCARSL
LRGFLLQNEFVGFMWRQRGRVISLWERLEFVNGWYILLVTSDVLTISGTIMKIGIEAKNLASYDVCSILLGTSTLLVWVG
VIRYLTFFHNYNILIATLRVALPSVMRFCCCVAVIYLGYCFCGWIVLGPYHVKFRSLSMVSECLFSLINGDDMFVTFAAM
QAQQGRSSLVWLFSQLYLYSFISLFIYMVLSLFIALITGAYDTIKHPGGAGAEESELQAYIAQCQDSPTSGKFRRGSGSA
CSLLCCCGRDPSEEHSLLVN
;
_entity_poly.pdbx_strand_id   A,B,C,D
#
# COMPACT_ATOMS: atom_id res chain seq x y z
N LEU A 41 -28.03 46.93 -32.61
CA LEU A 41 -27.86 45.52 -32.95
C LEU A 41 -26.46 45.05 -32.54
N ARG A 42 -25.43 45.79 -32.96
CA ARG A 42 -24.09 45.51 -32.45
C ARG A 42 -23.99 45.85 -30.97
N ARG A 43 -24.65 46.93 -30.54
CA ARG A 43 -24.72 47.19 -29.11
C ARG A 43 -25.60 46.16 -28.41
N ARG A 44 -26.57 45.59 -29.12
CA ARG A 44 -27.33 44.47 -28.57
C ARG A 44 -26.42 43.28 -28.32
N LEU A 45 -25.54 42.97 -29.26
CA LEU A 45 -24.57 41.89 -29.07
C LEU A 45 -23.61 42.22 -27.92
N LYS A 46 -23.17 43.48 -27.84
CA LYS A 46 -22.36 43.93 -26.73
C LYS A 46 -23.04 43.64 -25.40
N TYR A 47 -24.32 44.03 -25.29
CA TYR A 47 -25.06 43.79 -24.06
C TYR A 47 -25.24 42.30 -23.79
N PHE A 48 -25.51 41.51 -24.83
CA PHE A 48 -25.76 40.09 -24.66
C PHE A 48 -24.51 39.32 -24.23
N PHE A 49 -23.32 39.76 -24.66
CA PHE A 49 -22.07 39.11 -24.29
C PHE A 49 -21.32 39.83 -23.16
N MET A 50 -21.88 40.90 -22.62
CA MET A 50 -21.27 41.59 -21.49
C MET A 50 -21.23 40.70 -20.25
N SER A 51 -20.25 40.96 -19.39
CA SER A 51 -20.13 40.28 -18.09
C SER A 51 -21.19 40.82 -17.13
N PRO A 52 -21.46 40.11 -16.02
CA PRO A 52 -22.51 40.60 -15.11
C PRO A 52 -22.22 41.97 -14.52
N CYS A 53 -20.96 42.23 -14.15
CA CYS A 53 -20.60 43.49 -13.53
C CYS A 53 -20.76 44.66 -14.49
N ASP A 54 -20.27 44.51 -15.73
CA ASP A 54 -20.46 45.56 -16.74
C ASP A 54 -21.92 45.67 -17.19
N LYS A 55 -22.68 44.57 -17.11
CA LYS A 55 -24.12 44.65 -17.33
C LYS A 55 -24.79 45.53 -16.27
N PHE A 56 -24.38 45.37 -15.01
CA PHE A 56 -24.90 46.22 -13.93
C PHE A 56 -24.46 47.67 -14.11
N ARG A 57 -23.23 47.88 -14.57
CA ARG A 57 -22.80 49.24 -14.91
C ARG A 57 -23.66 49.81 -16.04
N ALA A 58 -24.01 48.99 -17.03
CA ALA A 58 -24.75 49.46 -18.19
C ALA A 58 -26.18 49.87 -17.81
N LYS A 59 -26.96 48.94 -17.28
CA LYS A 59 -28.39 49.18 -17.05
C LYS A 59 -28.77 49.18 -15.57
N GLY A 60 -27.79 49.26 -14.67
CA GLY A 60 -28.11 49.17 -13.25
C GLY A 60 -28.89 47.93 -12.89
N ARG A 61 -28.65 46.83 -13.58
CA ARG A 61 -29.42 45.61 -13.40
C ARG A 61 -28.78 44.76 -12.32
N LYS A 62 -29.52 44.49 -11.25
CA LYS A 62 -29.04 43.56 -10.23
C LYS A 62 -29.02 42.15 -10.81
N PRO A 63 -27.91 41.43 -10.71
CA PRO A 63 -27.84 40.07 -11.26
C PRO A 63 -28.71 39.09 -10.48
N CYS A 64 -30.02 39.13 -10.73
CA CYS A 64 -30.95 38.17 -10.11
C CYS A 64 -30.52 36.74 -10.39
N LYS A 65 -30.05 36.47 -11.60
CA LYS A 65 -29.54 35.14 -11.92
C LYS A 65 -28.39 34.76 -10.99
N LEU A 66 -27.45 35.68 -10.79
CA LEU A 66 -26.32 35.40 -9.91
C LEU A 66 -26.77 35.19 -8.47
N MET A 67 -27.73 35.99 -7.99
CA MET A 67 -28.27 35.78 -6.64
C MET A 67 -28.93 34.42 -6.50
N LEU A 68 -29.70 34.03 -7.52
CA LEU A 68 -30.34 32.73 -7.53
C LEU A 68 -29.30 31.61 -7.48
N GLN A 69 -28.24 31.73 -8.28
CA GLN A 69 -27.17 30.75 -8.24
C GLN A 69 -26.53 30.68 -6.86
N VAL A 70 -26.29 31.84 -6.25
CA VAL A 70 -25.59 31.86 -4.96
C VAL A 70 -26.44 31.16 -3.89
N VAL A 71 -27.73 31.47 -3.83
CA VAL A 71 -28.58 30.77 -2.86
C VAL A 71 -28.78 29.31 -3.26
N LYS A 72 -28.68 29.00 -4.56
CA LYS A 72 -28.82 27.63 -5.03
C LYS A 72 -27.66 26.77 -4.55
N ILE A 73 -26.46 27.34 -4.48
CA ILE A 73 -25.30 26.61 -3.97
C ILE A 73 -25.55 26.12 -2.56
N LEU A 74 -26.16 26.95 -1.73
CA LEU A 74 -26.39 26.57 -0.34
C LEU A 74 -27.57 25.61 -0.22
N VAL A 75 -28.68 25.90 -0.91
CA VAL A 75 -29.87 25.09 -0.72
C VAL A 75 -29.65 23.67 -1.22
N VAL A 76 -28.96 23.50 -2.36
CA VAL A 76 -28.77 22.17 -2.90
C VAL A 76 -27.85 21.35 -2.01
N THR A 77 -26.79 21.95 -1.50
CA THR A 77 -25.86 21.22 -0.63
C THR A 77 -26.51 20.85 0.70
N VAL A 78 -27.29 21.77 1.27
CA VAL A 78 -27.99 21.46 2.52
C VAL A 78 -28.97 20.31 2.31
N GLN A 79 -29.71 20.34 1.19
CA GLN A 79 -30.64 19.26 0.91
C GLN A 79 -29.90 17.93 0.72
N LEU A 80 -28.74 17.98 0.05
CA LEU A 80 -27.96 16.76 -0.15
C LEU A 80 -27.53 16.15 1.19
N ILE A 81 -27.07 16.99 2.11
CA ILE A 81 -26.65 16.47 3.42
C ILE A 81 -27.85 15.90 4.19
N LEU A 82 -28.98 16.62 4.16
CA LEU A 82 -30.16 16.15 4.88
C LEU A 82 -30.64 14.81 4.34
N PHE A 83 -30.61 14.62 3.03
CA PHE A 83 -30.94 13.32 2.47
C PHE A 83 -29.89 12.27 2.85
N GLY A 84 -28.61 12.65 2.83
CA GLY A 84 -27.56 11.72 3.16
C GLY A 84 -27.72 11.12 4.54
N LEU A 85 -28.32 11.86 5.46
CA LEU A 85 -28.62 11.29 6.78
C LEU A 85 -29.46 10.01 6.66
N SER A 86 -30.60 10.10 5.96
CA SER A 86 -31.49 8.94 5.83
C SER A 86 -30.86 7.85 4.98
N ASN A 87 -30.13 8.24 3.94
CA ASN A 87 -29.43 7.25 3.12
C ASN A 87 -28.44 6.44 3.96
N GLN A 88 -27.70 7.13 4.83
CA GLN A 88 -26.77 6.45 5.72
C GLN A 88 -27.52 5.51 6.65
N LEU A 89 -28.65 5.96 7.20
CA LEU A 89 -29.41 5.08 8.08
C LEU A 89 -29.81 3.79 7.37
N ALA A 90 -30.36 3.91 6.16
CA ALA A 90 -30.84 2.72 5.46
C ALA A 90 -29.70 1.78 5.10
N VAL A 91 -28.61 2.32 4.54
CA VAL A 91 -27.49 1.47 4.14
C VAL A 91 -26.87 0.81 5.36
N THR A 92 -26.75 1.54 6.47
CA THR A 92 -26.20 0.97 7.69
C THR A 92 -27.08 -0.17 8.20
N PHE A 93 -28.40 0.02 8.19
CA PHE A 93 -29.29 -1.06 8.63
C PHE A 93 -29.08 -2.31 7.79
N ARG A 94 -29.05 -2.15 6.46
CA ARG A 94 -28.89 -3.32 5.59
C ARG A 94 -27.57 -4.02 5.85
N GLU A 95 -26.46 -3.28 5.86
CA GLU A 95 -25.15 -3.91 5.98
C GLU A 95 -24.96 -4.57 7.34
N GLU A 96 -25.39 -3.90 8.41
CA GLU A 96 -25.22 -4.48 9.75
C GLU A 96 -26.09 -5.71 9.92
N ASN A 97 -27.30 -5.71 9.35
CA ASN A 97 -28.11 -6.92 9.39
C ASN A 97 -27.46 -8.06 8.63
N THR A 98 -26.85 -7.76 7.48
CA THR A 98 -26.18 -8.83 6.73
C THR A 98 -25.00 -9.39 7.53
N ILE A 99 -24.24 -8.52 8.20
CA ILE A 99 -23.11 -8.99 9.02
C ILE A 99 -23.60 -9.86 10.16
N ALA A 100 -24.67 -9.43 10.83
CA ALA A 100 -25.23 -10.23 11.91
C ALA A 100 -25.71 -11.58 11.42
N PHE A 101 -26.33 -11.61 10.23
CA PHE A 101 -26.76 -12.88 9.65
C PHE A 101 -25.59 -13.80 9.37
N ARG A 102 -24.50 -13.25 8.84
CA ARG A 102 -23.32 -14.07 8.59
C ARG A 102 -22.80 -14.68 9.89
N HIS A 103 -22.64 -13.86 10.93
CA HIS A 103 -22.13 -14.38 12.19
C HIS A 103 -23.09 -15.36 12.85
N LEU A 104 -24.39 -15.19 12.63
CA LEU A 104 -25.37 -16.09 13.23
C LEU A 104 -25.44 -17.43 12.53
N PHE A 105 -25.43 -17.43 11.19
CA PHE A 105 -25.76 -18.64 10.45
C PHE A 105 -24.55 -19.37 9.86
N LEU A 106 -23.40 -18.72 9.73
CA LEU A 106 -22.23 -19.38 9.17
C LEU A 106 -21.38 -19.91 10.31
N LEU A 107 -21.14 -21.23 10.31
CA LEU A 107 -20.42 -21.89 11.39
C LEU A 107 -18.93 -21.59 11.28
N GLY A 108 -18.36 -21.07 12.36
CA GLY A 108 -16.94 -20.74 12.36
C GLY A 108 -16.57 -19.50 11.60
N TYR A 109 -17.55 -18.67 11.26
CA TYR A 109 -17.29 -17.44 10.51
C TYR A 109 -16.66 -16.40 11.43
N SER A 110 -15.65 -15.70 10.91
CA SER A 110 -15.01 -14.59 11.59
C SER A 110 -14.97 -13.39 10.65
N ASP A 111 -14.90 -12.19 11.23
CA ASP A 111 -14.86 -10.98 10.42
C ASP A 111 -13.64 -10.98 9.51
N GLY A 112 -13.82 -10.46 8.30
CA GLY A 112 -12.92 -10.78 7.22
C GLY A 112 -13.31 -12.11 6.64
N ALA A 113 -12.48 -12.60 5.72
CA ALA A 113 -12.61 -13.96 5.17
C ALA A 113 -14.02 -14.22 4.65
N ASP A 114 -14.62 -13.20 4.04
CA ASP A 114 -15.87 -13.44 3.31
C ASP A 114 -15.61 -14.34 2.12
N ASP A 115 -14.47 -14.19 1.47
CA ASP A 115 -13.94 -15.21 0.57
C ASP A 115 -13.02 -16.12 1.39
N THR A 116 -12.38 -17.10 0.77
CA THR A 116 -11.56 -18.09 1.47
C THR A 116 -12.30 -18.67 2.67
N PHE A 117 -13.60 -18.89 2.52
CA PHE A 117 -14.41 -19.53 3.56
C PHE A 117 -15.16 -20.67 2.90
N ALA A 118 -14.77 -21.90 3.21
CA ALA A 118 -15.26 -23.05 2.47
C ALA A 118 -15.31 -24.25 3.38
N ALA A 119 -15.88 -25.33 2.85
CA ALA A 119 -15.85 -26.63 3.49
C ALA A 119 -14.96 -27.55 2.67
N TYR A 120 -14.21 -28.40 3.37
CA TYR A 120 -13.28 -29.32 2.71
C TYR A 120 -13.52 -30.76 3.07
N THR A 121 -14.38 -31.06 4.03
CA THR A 121 -14.77 -32.43 4.33
C THR A 121 -16.28 -32.54 4.38
N ARG A 122 -16.76 -33.77 4.18
CA ARG A 122 -18.20 -34.03 4.22
C ARG A 122 -18.77 -33.65 5.58
N GLU A 123 -18.04 -33.95 6.65
CA GLU A 123 -18.52 -33.60 7.98
C GLU A 123 -18.59 -32.09 8.17
N GLN A 124 -17.61 -31.36 7.62
CA GLN A 124 -17.66 -29.91 7.68
C GLN A 124 -18.89 -29.38 6.96
N LEU A 125 -19.19 -29.91 5.77
CA LEU A 125 -20.35 -29.44 5.02
C LEU A 125 -21.65 -29.75 5.77
N TYR A 126 -21.79 -30.97 6.28
CA TYR A 126 -22.99 -31.33 7.02
C TYR A 126 -23.15 -30.45 8.26
N GLN A 127 -22.06 -30.22 8.99
CA GLN A 127 -22.13 -29.40 10.18
C GLN A 127 -22.51 -27.96 9.84
N ALA A 128 -21.97 -27.42 8.75
CA ALA A 128 -22.34 -26.07 8.34
C ALA A 128 -23.82 -25.98 8.02
N ILE A 129 -24.34 -26.94 7.26
CA ILE A 129 -25.75 -26.90 6.87
C ILE A 129 -26.65 -27.03 8.10
N PHE A 130 -26.34 -28.00 8.96
CA PHE A 130 -27.19 -28.22 10.13
C PHE A 130 -27.09 -27.07 11.12
N HIS A 131 -25.92 -26.45 11.25
CA HIS A 131 -25.79 -25.27 12.09
C HIS A 131 -26.61 -24.11 11.54
N ALA A 132 -26.61 -23.92 10.22
CA ALA A 132 -27.44 -22.87 9.64
C ALA A 132 -28.91 -23.10 9.94
N VAL A 133 -29.38 -24.34 9.78
CA VAL A 133 -30.80 -24.60 10.02
C VAL A 133 -31.13 -24.49 11.50
N ASP A 134 -30.24 -24.96 12.38
CA ASP A 134 -30.49 -24.87 13.81
C ASP A 134 -30.53 -23.42 14.29
N GLN A 135 -29.63 -22.58 13.78
CA GLN A 135 -29.66 -21.17 14.13
C GLN A 135 -30.93 -20.51 13.59
N TYR A 136 -31.40 -20.93 12.41
CA TYR A 136 -32.67 -20.42 11.94
C TYR A 136 -33.79 -20.78 12.90
N LEU A 137 -33.82 -22.03 13.35
CA LEU A 137 -34.88 -22.46 14.25
C LEU A 137 -34.76 -21.88 15.65
N ALA A 138 -33.58 -21.40 16.05
CA ALA A 138 -33.40 -20.88 17.39
C ALA A 138 -33.23 -19.36 17.46
N LEU A 139 -33.33 -18.65 16.33
CA LEU A 139 -33.23 -17.19 16.28
C LEU A 139 -33.97 -16.43 17.39
N PRO A 140 -35.27 -16.62 17.60
CA PRO A 140 -36.03 -15.71 18.48
C PRO A 140 -35.57 -15.69 19.93
N ASP A 141 -34.78 -16.67 20.39
CA ASP A 141 -34.26 -16.67 21.75
C ASP A 141 -32.74 -16.66 21.82
N VAL A 142 -32.05 -16.46 20.70
CA VAL A 142 -30.61 -16.31 20.71
C VAL A 142 -30.13 -15.02 20.04
N SER A 143 -30.92 -14.40 19.17
CA SER A 143 -30.44 -13.23 18.45
C SER A 143 -30.63 -11.96 19.26
N LEU A 144 -29.78 -10.98 18.99
CA LEU A 144 -29.87 -9.68 19.64
C LEU A 144 -30.87 -8.76 18.98
N GLY A 145 -31.30 -9.08 17.76
CA GLY A 145 -32.35 -8.35 17.10
C GLY A 145 -33.65 -9.12 17.13
N ARG A 146 -34.75 -8.41 16.89
CA ARG A 146 -36.07 -9.02 16.88
C ARG A 146 -36.51 -9.23 15.44
N TYR A 147 -36.69 -10.49 15.07
CA TYR A 147 -37.06 -10.87 13.71
C TYR A 147 -38.37 -11.66 13.72
N ALA A 148 -39.06 -11.63 12.59
CA ALA A 148 -40.29 -12.38 12.40
C ALA A 148 -40.14 -13.33 11.23
N TYR A 149 -40.77 -14.50 11.35
CA TYR A 149 -40.72 -15.50 10.30
C TYR A 149 -41.76 -15.22 9.23
N VAL A 150 -41.43 -15.56 7.99
CA VAL A 150 -42.29 -15.36 6.84
C VAL A 150 -42.64 -16.74 6.29
N ARG A 151 -43.90 -17.14 6.44
CA ARG A 151 -44.34 -18.42 5.93
C ARG A 151 -44.39 -18.38 4.40
N GLY A 152 -44.22 -19.55 3.79
CA GLY A 152 -43.99 -19.65 2.36
C GLY A 152 -45.06 -19.09 1.46
N GLY A 153 -44.65 -18.24 0.52
CA GLY A 153 -45.53 -17.73 -0.51
C GLY A 153 -44.85 -17.54 -1.85
N GLY A 154 -43.60 -18.00 -1.97
CA GLY A 154 -42.75 -17.64 -3.09
C GLY A 154 -42.24 -18.85 -3.84
N ASP A 155 -41.01 -18.71 -4.37
CA ASP A 155 -40.50 -19.72 -5.30
C ASP A 155 -40.15 -21.02 -4.60
N PRO A 156 -39.18 -21.07 -3.67
CA PRO A 156 -38.77 -22.38 -3.13
C PRO A 156 -39.68 -22.87 -2.02
N TRP A 157 -40.40 -21.96 -1.37
CA TRP A 157 -41.15 -22.27 -0.17
C TRP A 157 -42.56 -22.73 -0.50
N THR A 158 -42.99 -23.79 0.18
CA THR A 158 -44.38 -24.23 0.11
C THR A 158 -45.19 -23.51 1.18
N ASN A 159 -46.48 -23.83 1.26
CA ASN A 159 -47.33 -23.20 2.26
C ASN A 159 -46.91 -23.61 3.66
N GLY A 160 -46.63 -22.63 4.51
CA GLY A 160 -46.18 -22.87 5.86
C GLY A 160 -44.69 -23.03 6.01
N SER A 161 -43.94 -23.12 4.92
CA SER A 161 -42.50 -23.33 4.99
C SER A 161 -41.79 -22.01 5.17
N GLY A 162 -40.87 -21.96 6.14
CA GLY A 162 -40.09 -20.76 6.35
C GLY A 162 -38.71 -20.87 5.74
N LEU A 163 -38.13 -22.08 5.79
CA LEU A 163 -36.80 -22.33 5.27
C LEU A 163 -36.87 -23.45 4.25
N ALA A 164 -36.22 -23.26 3.10
CA ALA A 164 -36.14 -24.27 2.06
C ALA A 164 -34.70 -24.74 1.95
N LEU A 165 -34.49 -26.04 2.12
CA LEU A 165 -33.16 -26.65 2.04
C LEU A 165 -33.12 -27.45 0.74
N CYS A 166 -32.53 -26.87 -0.28
CA CYS A 166 -32.50 -27.46 -1.62
C CYS A 166 -31.07 -27.87 -1.98
N GLN A 167 -30.92 -29.10 -2.46
CA GLN A 167 -29.69 -29.56 -3.07
C GLN A 167 -29.95 -29.85 -4.54
N ARG A 168 -28.98 -29.49 -5.38
CA ARG A 168 -29.11 -29.66 -6.82
C ARG A 168 -27.97 -30.54 -7.32
N TYR A 169 -28.31 -31.51 -8.16
CA TYR A 169 -27.33 -32.47 -8.66
C TYR A 169 -27.71 -32.84 -10.09
N TYR A 170 -26.75 -33.45 -10.79
CA TYR A 170 -27.00 -33.92 -12.14
C TYR A 170 -28.04 -35.03 -12.11
N HIS A 171 -28.87 -35.08 -13.15
CA HIS A 171 -29.94 -36.08 -13.20
C HIS A 171 -29.36 -37.49 -13.15
N ARG A 172 -28.24 -37.71 -13.83
CA ARG A 172 -27.57 -39.00 -13.83
C ARG A 172 -26.07 -38.77 -13.88
N GLY A 173 -25.36 -39.17 -12.84
CA GLY A 173 -23.92 -39.00 -12.83
C GLY A 173 -23.19 -40.24 -12.36
N HIS A 174 -22.37 -40.81 -13.23
CA HIS A 174 -21.55 -41.98 -12.92
C HIS A 174 -20.09 -41.56 -13.11
N VAL A 175 -19.52 -40.95 -12.08
CA VAL A 175 -18.15 -40.46 -12.16
C VAL A 175 -17.24 -41.55 -11.63
N ASP A 176 -16.29 -42.00 -12.45
CA ASP A 176 -15.38 -43.06 -12.09
C ASP A 176 -13.98 -42.73 -12.56
N PRO A 177 -13.20 -42.00 -11.76
CA PRO A 177 -11.82 -41.66 -12.15
C PRO A 177 -10.90 -42.87 -12.22
N ALA A 178 -11.27 -43.99 -11.61
CA ALA A 178 -10.41 -45.18 -11.64
C ALA A 178 -10.29 -45.73 -13.05
N ASN A 179 -11.41 -45.88 -13.74
CA ASN A 179 -11.41 -46.40 -15.11
C ASN A 179 -11.45 -45.31 -16.17
N ASP A 180 -11.28 -44.05 -15.78
CA ASP A 180 -11.30 -42.92 -16.69
C ASP A 180 -12.56 -42.91 -17.56
N THR A 181 -13.71 -43.10 -16.91
CA THR A 181 -14.98 -43.14 -17.61
C THR A 181 -16.02 -42.39 -16.80
N PHE A 182 -17.03 -41.87 -17.49
CA PHE A 182 -18.18 -41.25 -16.84
C PHE A 182 -19.36 -41.24 -17.81
N ASP A 183 -20.52 -41.69 -17.33
CA ASP A 183 -21.77 -41.60 -18.08
C ASP A 183 -22.65 -40.56 -17.38
N ILE A 184 -22.66 -39.35 -17.90
CA ILE A 184 -23.26 -38.19 -17.23
C ILE A 184 -24.40 -37.64 -18.06
N ASP A 185 -25.50 -37.32 -17.38
CA ASP A 185 -26.59 -36.54 -17.97
C ASP A 185 -26.66 -35.21 -17.23
N PRO A 186 -26.16 -34.12 -17.81
CA PRO A 186 -26.02 -32.88 -17.05
C PRO A 186 -27.30 -32.07 -16.95
N MET A 187 -28.41 -32.70 -16.61
CA MET A 187 -29.65 -32.01 -16.33
C MET A 187 -29.80 -31.87 -14.81
N VAL A 188 -29.90 -30.64 -14.33
CA VAL A 188 -29.87 -30.38 -12.90
C VAL A 188 -31.23 -30.72 -12.30
N VAL A 189 -31.23 -31.61 -11.30
CA VAL A 189 -32.44 -31.97 -10.57
C VAL A 189 -32.38 -31.33 -9.20
N THR A 190 -33.47 -30.69 -8.79
CA THR A 190 -33.54 -29.97 -7.53
C THR A 190 -34.35 -30.77 -6.52
N ASP A 191 -33.82 -30.91 -5.31
CA ASP A 191 -34.48 -31.62 -4.22
C ASP A 191 -34.50 -30.72 -3.01
N CYS A 192 -35.68 -30.24 -2.64
CA CYS A 192 -35.84 -29.24 -1.58
C CYS A 192 -36.49 -29.88 -0.35
N ILE A 193 -36.02 -29.48 0.82
CA ILE A 193 -36.61 -29.85 2.10
C ILE A 193 -37.20 -28.59 2.73
N GLN A 194 -38.45 -28.69 3.18
CA GLN A 194 -39.17 -27.57 3.73
C GLN A 194 -39.16 -27.64 5.26
N VAL A 195 -38.77 -26.55 5.90
CA VAL A 195 -38.69 -26.47 7.35
C VAL A 195 -39.66 -25.40 7.82
N ASP A 196 -40.53 -25.77 8.76
CA ASP A 196 -41.52 -24.87 9.32
C ASP A 196 -40.98 -24.24 10.61
N PRO A 197 -41.11 -22.94 10.80
CA PRO A 197 -40.65 -22.33 12.04
C PRO A 197 -41.40 -22.89 13.23
N PRO A 198 -40.76 -22.96 14.40
CA PRO A 198 -41.44 -23.50 15.57
C PRO A 198 -42.67 -22.69 15.94
N GLU A 199 -43.72 -23.39 16.35
CA GLU A 199 -44.98 -22.77 16.76
C GLU A 199 -44.93 -22.56 18.27
N ARG A 200 -44.44 -21.39 18.68
CA ARG A 200 -44.34 -21.09 20.09
C ARG A 200 -45.09 -19.82 20.43
N PRO A 201 -45.74 -19.75 21.60
CA PRO A 201 -46.45 -18.54 22.05
C PRO A 201 -45.52 -17.33 22.25
N SER A 217 -36.24 -33.81 10.59
CA SER A 217 -36.54 -34.20 9.21
C SER A 217 -35.43 -33.73 8.27
N TYR A 218 -34.96 -32.49 8.48
CA TYR A 218 -33.87 -31.97 7.67
C TYR A 218 -32.52 -32.59 8.02
N LYS A 219 -32.43 -33.28 9.15
CA LYS A 219 -31.19 -33.92 9.57
C LYS A 219 -30.98 -35.27 8.91
N ASN A 220 -31.97 -35.79 8.18
CA ASN A 220 -31.83 -36.99 7.37
C ASN A 220 -31.38 -36.68 5.95
N LEU A 221 -30.70 -35.56 5.75
CA LEU A 221 -30.31 -35.11 4.42
C LEU A 221 -29.14 -35.93 3.89
N THR A 222 -29.34 -36.60 2.76
CA THR A 222 -28.26 -37.24 2.02
C THR A 222 -27.86 -36.33 0.87
N LEU A 223 -26.56 -36.08 0.73
CA LEU A 223 -26.10 -34.93 -0.05
C LEU A 223 -25.64 -35.27 -1.47
N LYS A 224 -25.42 -36.55 -1.79
CA LYS A 224 -25.06 -36.98 -3.14
C LYS A 224 -23.81 -36.23 -3.63
N PHE A 225 -22.69 -36.51 -2.96
CA PHE A 225 -21.50 -35.67 -3.12
C PHE A 225 -20.89 -35.76 -4.51
N HIS A 226 -20.91 -36.94 -5.13
CA HIS A 226 -20.15 -37.13 -6.36
C HIS A 226 -20.74 -36.37 -7.53
N LYS A 227 -22.04 -36.05 -7.52
CA LYS A 227 -22.68 -35.29 -8.58
C LYS A 227 -23.37 -34.04 -8.07
N LEU A 228 -23.01 -33.57 -6.88
CA LEU A 228 -23.65 -32.40 -6.30
C LEU A 228 -23.25 -31.13 -7.05
N VAL A 229 -24.22 -30.27 -7.34
CA VAL A 229 -23.94 -29.00 -8.00
C VAL A 229 -23.83 -27.90 -6.96
N ASN A 230 -24.89 -27.68 -6.20
CA ASN A 230 -24.85 -26.74 -5.09
C ASN A 230 -25.94 -27.09 -4.09
N VAL A 231 -25.79 -26.57 -2.88
CA VAL A 231 -26.82 -26.64 -1.85
C VAL A 231 -27.13 -25.22 -1.40
N THR A 232 -28.41 -24.87 -1.38
CA THR A 232 -28.83 -23.52 -1.05
C THR A 232 -29.89 -23.54 0.04
N ILE A 233 -29.84 -22.54 0.91
CA ILE A 233 -30.81 -22.36 1.99
C ILE A 233 -31.50 -21.02 1.78
N HIS A 234 -32.82 -21.03 1.68
CA HIS A 234 -33.62 -19.85 1.45
C HIS A 234 -34.56 -19.62 2.62
N PHE A 235 -34.52 -18.42 3.19
CA PHE A 235 -35.53 -18.02 4.18
C PHE A 235 -35.59 -16.50 4.23
N ARG A 236 -36.70 -15.99 4.76
CA ARG A 236 -36.97 -14.57 4.84
C ARG A 236 -37.21 -14.17 6.29
N LEU A 237 -36.75 -12.97 6.65
CA LEU A 237 -36.89 -12.43 7.99
C LEU A 237 -37.41 -11.00 7.92
N LYS A 238 -38.37 -10.68 8.78
CA LYS A 238 -38.92 -9.34 8.86
C LYS A 238 -38.41 -8.65 10.11
N THR A 239 -38.07 -7.37 9.96
CA THR A 239 -37.55 -6.58 11.07
C THR A 239 -37.88 -5.12 10.83
N ILE A 240 -37.76 -4.32 11.88
CA ILE A 240 -38.13 -2.91 11.83
C ILE A 240 -36.88 -2.08 12.08
N ASN A 241 -36.66 -1.08 11.22
CA ASN A 241 -35.48 -0.22 11.32
C ASN A 241 -35.76 0.86 12.36
N LEU A 242 -35.53 0.51 13.62
CA LEU A 242 -35.79 1.43 14.72
C LEU A 242 -34.81 2.59 14.76
N GLN A 243 -33.64 2.45 14.13
CA GLN A 243 -32.69 3.57 14.12
C GLN A 243 -33.21 4.74 13.30
N SER A 244 -34.21 4.52 12.44
CA SER A 244 -34.82 5.64 11.75
C SER A 244 -35.82 6.32 12.69
N LEU A 245 -35.35 6.63 13.90
CA LEU A 245 -36.14 7.36 14.89
C LEU A 245 -35.36 8.50 15.53
N ILE A 246 -34.03 8.47 15.52
CA ILE A 246 -33.26 9.64 15.92
C ILE A 246 -33.36 10.73 14.87
N ASN A 247 -33.72 10.38 13.64
CA ASN A 247 -33.91 11.33 12.56
C ASN A 247 -35.35 11.80 12.42
N ASN A 248 -36.25 11.30 13.27
CA ASN A 248 -37.65 11.72 13.31
C ASN A 248 -38.31 11.48 11.95
N GLU A 249 -38.29 10.21 11.54
CA GLU A 249 -38.82 9.82 10.25
C GLU A 249 -39.81 8.65 10.30
N ILE A 250 -39.99 8.02 11.46
CA ILE A 250 -40.78 6.81 11.68
C ILE A 250 -39.97 5.60 11.20
N PRO A 251 -40.10 4.44 11.85
CA PRO A 251 -39.39 3.23 11.37
C PRO A 251 -40.09 2.50 10.24
N ASP A 252 -39.35 2.15 9.20
CA ASP A 252 -39.93 1.32 8.15
C ASP A 252 -39.81 -0.16 8.51
N CYS A 253 -40.59 -0.97 7.80
CA CYS A 253 -40.59 -2.42 7.97
C CYS A 253 -39.80 -3.06 6.84
N TYR A 254 -38.77 -3.81 7.19
CA TYR A 254 -37.88 -4.44 6.23
C TYR A 254 -38.13 -5.94 6.17
N THR A 255 -37.84 -6.54 5.02
CA THR A 255 -37.92 -7.98 4.83
C THR A 255 -36.63 -8.44 4.16
N PHE A 256 -35.80 -9.16 4.90
CA PHE A 256 -34.53 -9.66 4.38
C PHE A 256 -34.73 -11.06 3.82
N SER A 257 -34.36 -11.25 2.56
CA SER A 257 -34.38 -12.56 1.92
C SER A 257 -32.96 -13.11 1.94
N VAL A 258 -32.73 -14.11 2.79
CA VAL A 258 -31.40 -14.64 3.05
C VAL A 258 -31.15 -15.86 2.17
N LEU A 259 -30.00 -15.89 1.52
CA LEU A 259 -29.60 -16.99 0.64
C LEU A 259 -28.22 -17.46 1.06
N ILE A 260 -28.12 -18.69 1.55
CA ILE A 260 -26.86 -19.31 1.91
C ILE A 260 -26.52 -20.34 0.85
N THR A 261 -25.38 -20.17 0.20
CA THR A 261 -24.99 -21.02 -0.93
C THR A 261 -23.79 -21.88 -0.56
N PHE A 262 -23.88 -23.16 -0.87
CA PHE A 262 -22.78 -24.11 -0.76
C PHE A 262 -22.43 -24.53 -2.18
N ASP A 263 -21.43 -23.90 -2.76
CA ASP A 263 -21.19 -23.95 -4.21
C ASP A 263 -20.20 -25.07 -4.52
N ASN A 264 -20.67 -26.10 -5.23
CA ASN A 264 -19.83 -27.20 -5.68
C ASN A 264 -19.73 -27.26 -7.19
N LYS A 265 -19.87 -26.12 -7.86
CA LYS A 265 -19.85 -26.11 -9.33
C LYS A 265 -18.48 -26.46 -9.89
N ALA A 266 -17.40 -26.22 -9.13
CA ALA A 266 -16.08 -26.52 -9.62
C ALA A 266 -15.70 -27.99 -9.48
N HIS A 267 -16.37 -28.72 -8.58
CA HIS A 267 -16.09 -30.13 -8.35
C HIS A 267 -14.62 -30.37 -8.02
N SER A 268 -14.05 -29.48 -7.22
CA SER A 268 -12.63 -29.50 -6.93
C SER A 268 -12.31 -29.90 -5.49
N GLY A 269 -13.28 -30.44 -4.76
CA GLY A 269 -13.06 -30.82 -3.38
C GLY A 269 -13.11 -29.66 -2.40
N ARG A 270 -13.29 -28.44 -2.87
CA ARG A 270 -13.44 -27.25 -2.03
C ARG A 270 -14.77 -26.62 -2.36
N ILE A 271 -15.61 -26.46 -1.34
CA ILE A 271 -16.95 -25.90 -1.52
C ILE A 271 -17.05 -24.57 -0.80
N PRO A 272 -16.94 -23.44 -1.48
CA PRO A 272 -17.07 -22.15 -0.80
C PRO A 272 -18.48 -21.91 -0.29
N ILE A 273 -18.57 -21.20 0.82
CA ILE A 273 -19.83 -20.90 1.48
C ILE A 273 -19.99 -19.39 1.54
N SER A 274 -21.14 -18.89 1.11
CA SER A 274 -21.41 -17.45 1.10
C SER A 274 -22.85 -17.21 1.55
N LEU A 275 -23.08 -15.99 2.04
CA LEU A 275 -24.41 -15.57 2.46
C LEU A 275 -24.70 -14.22 1.82
N GLU A 276 -25.84 -14.12 1.14
CA GLU A 276 -26.27 -12.89 0.51
C GLU A 276 -27.70 -12.59 0.92
N THR A 277 -28.01 -11.30 1.02
CA THR A 277 -29.33 -10.86 1.45
C THR A 277 -29.87 -9.81 0.48
N GLN A 278 -31.19 -9.84 0.28
CA GLN A 278 -31.90 -8.80 -0.45
C GLN A 278 -32.93 -8.16 0.48
N ALA A 279 -32.86 -6.84 0.60
CA ALA A 279 -33.71 -6.10 1.52
C ALA A 279 -34.84 -5.43 0.76
N HIS A 280 -36.07 -5.56 1.26
CA HIS A 280 -37.25 -5.01 0.64
C HIS A 280 -37.95 -4.10 1.65
N ILE A 281 -37.88 -2.80 1.42
CA ILE A 281 -38.44 -1.82 2.35
C ILE A 281 -39.89 -1.55 1.99
N GLN A 282 -40.72 -1.39 3.02
CA GLN A 282 -42.11 -1.02 2.84
C GLN A 282 -42.60 -0.39 4.14
N GLU A 283 -43.69 0.34 4.05
CA GLU A 283 -44.24 1.00 5.22
C GLU A 283 -44.92 -0.01 6.14
N CYS A 284 -44.87 0.25 7.44
CA CYS A 284 -45.53 -0.61 8.39
C CYS A 284 -47.02 -0.27 8.48
N LYS A 285 -47.79 -1.19 9.04
CA LYS A 285 -49.23 -1.04 9.13
C LYS A 285 -49.60 -0.29 10.41
N HIS A 286 -50.25 0.87 10.25
CA HIS A 286 -50.73 1.73 11.32
C HIS A 286 -49.75 1.82 12.51
N PRO A 287 -48.54 2.32 12.28
CA PRO A 287 -47.58 2.44 13.37
C PRO A 287 -47.91 3.61 14.28
N SER A 288 -47.26 3.63 15.45
CA SER A 288 -47.51 4.66 16.45
C SER A 288 -46.19 5.07 17.08
N VAL A 289 -45.85 6.36 16.97
CA VAL A 289 -44.71 6.93 17.67
C VAL A 289 -45.23 8.05 18.56
N PHE A 290 -44.94 7.97 19.85
CA PHE A 290 -45.47 8.92 20.82
C PHE A 290 -44.83 10.29 20.60
N GLN A 291 -45.68 11.29 20.30
CA GLN A 291 -45.25 12.66 20.05
C GLN A 291 -44.14 12.71 19.01
N HIS A 292 -44.41 12.12 17.85
CA HIS A 292 -43.44 12.16 16.77
C HIS A 292 -43.38 13.54 16.12
N GLY A 293 -44.55 14.11 15.83
CA GLY A 293 -44.60 15.39 15.14
C GLY A 293 -44.54 15.21 13.65
N ASP A 294 -44.48 16.33 12.96
CA ASP A 294 -44.39 16.30 11.50
C ASP A 294 -42.99 16.66 11.05
N ASN A 295 -42.73 16.42 9.77
CA ASN A 295 -41.53 16.89 9.08
C ASN A 295 -41.87 18.05 8.17
N SER A 296 -42.65 19.00 8.68
CA SER A 296 -43.00 20.21 7.96
C SER A 296 -41.75 20.93 7.49
N PHE A 297 -40.73 21.00 8.35
CA PHE A 297 -39.50 21.69 7.96
C PHE A 297 -38.84 21.01 6.75
N ARG A 298 -38.75 19.68 6.78
CA ARG A 298 -38.14 18.96 5.67
C ARG A 298 -38.95 19.14 4.39
N LEU A 299 -40.28 19.03 4.49
CA LEU A 299 -41.12 19.18 3.30
C LEU A 299 -41.03 20.60 2.74
N LEU A 300 -41.05 21.60 3.63
CA LEU A 300 -40.98 22.99 3.19
C LEU A 300 -39.64 23.30 2.56
N PHE A 301 -38.56 22.73 3.10
CA PHE A 301 -37.25 22.94 2.51
C PHE A 301 -37.14 22.26 1.14
N ASP A 302 -37.75 21.08 0.99
CA ASP A 302 -37.79 20.46 -0.33
C ASP A 302 -38.56 21.32 -1.32
N VAL A 303 -39.68 21.91 -0.88
CA VAL A 303 -40.44 22.81 -1.74
C VAL A 303 -39.62 24.05 -2.09
N VAL A 304 -38.85 24.56 -1.12
CA VAL A 304 -38.03 25.73 -1.37
C VAL A 304 -36.95 25.42 -2.40
N VAL A 305 -36.30 24.26 -2.28
CA VAL A 305 -35.32 23.84 -3.27
C VAL A 305 -35.95 23.70 -4.63
N ILE A 306 -37.14 23.10 -4.69
CA ILE A 306 -37.84 22.93 -5.97
C ILE A 306 -38.14 24.29 -6.60
N LEU A 307 -38.62 25.24 -5.81
CA LEU A 307 -38.97 26.55 -6.34
C LEU A 307 -37.73 27.31 -6.80
N THR A 308 -36.64 27.24 -6.04
CA THR A 308 -35.41 27.90 -6.44
C THR A 308 -34.90 27.34 -7.77
N CYS A 309 -34.87 26.00 -7.88
CA CYS A 309 -34.41 25.39 -9.11
C CYS A 309 -35.35 25.67 -10.27
N SER A 310 -36.65 25.82 -9.99
CA SER A 310 -37.60 26.15 -11.05
C SER A 310 -37.38 27.55 -11.57
N LEU A 311 -37.17 28.52 -10.68
CA LEU A 311 -36.88 29.88 -11.10
C LEU A 311 -35.58 29.92 -11.90
N SER A 312 -34.56 29.22 -11.44
CA SER A 312 -33.29 29.19 -12.17
C SER A 312 -33.48 28.58 -13.55
N PHE A 313 -34.22 27.48 -13.65
CA PHE A 313 -34.47 26.85 -14.94
C PHE A 313 -35.22 27.79 -15.88
N LEU A 314 -36.22 28.49 -15.36
CA LEU A 314 -37.00 29.40 -16.20
C LEU A 314 -36.13 30.53 -16.74
N LEU A 315 -35.29 31.12 -15.87
CA LEU A 315 -34.42 32.20 -16.34
C LEU A 315 -33.42 31.69 -17.37
N CYS A 316 -32.83 30.52 -17.12
CA CYS A 316 -31.86 29.97 -18.07
C CYS A 316 -32.50 29.67 -19.42
N ALA A 317 -33.72 29.12 -19.42
CA ALA A 317 -34.38 28.83 -20.69
C ALA A 317 -34.76 30.11 -21.42
N ARG A 318 -35.17 31.14 -20.68
CA ARG A 318 -35.46 32.42 -21.31
C ARG A 318 -34.20 32.99 -21.98
N SER A 319 -33.06 32.92 -21.30
CA SER A 319 -31.83 33.43 -21.90
C SER A 319 -31.41 32.62 -23.13
N LEU A 320 -31.58 31.29 -23.07
CA LEU A 320 -31.28 30.46 -24.23
C LEU A 320 -32.16 30.81 -25.41
N LEU A 321 -33.46 30.99 -25.19
CA LEU A 321 -34.35 31.33 -26.30
C LEU A 321 -34.07 32.73 -26.85
N ARG A 322 -33.69 33.67 -25.97
CA ARG A 322 -33.30 34.99 -26.44
C ARG A 322 -32.05 34.91 -27.31
N GLY A 323 -31.07 34.10 -26.89
CA GLY A 323 -29.88 33.92 -27.70
C GLY A 323 -30.18 33.27 -29.04
N PHE A 324 -31.11 32.32 -29.07
CA PHE A 324 -31.51 31.71 -30.34
C PHE A 324 -32.15 32.74 -31.27
N LEU A 325 -33.02 33.59 -30.73
CA LEU A 325 -33.64 34.63 -31.55
C LEU A 325 -32.60 35.59 -32.10
N LEU A 326 -31.65 36.00 -31.25
CA LEU A 326 -30.59 36.89 -31.72
C LEU A 326 -29.73 36.23 -32.78
N GLN A 327 -29.43 34.93 -32.62
CA GLN A 327 -28.67 34.21 -33.63
C GLN A 327 -29.42 34.18 -34.96
N ASN A 328 -30.73 33.92 -34.90
CA ASN A 328 -31.53 33.92 -36.13
C ASN A 328 -31.51 35.29 -36.80
N GLU A 329 -31.66 36.35 -36.00
CA GLU A 329 -31.62 37.69 -36.57
C GLU A 329 -30.27 37.98 -37.23
N PHE A 330 -29.18 37.58 -36.57
CA PHE A 330 -27.84 37.83 -37.13
C PHE A 330 -27.62 37.04 -38.41
N VAL A 331 -28.05 35.78 -38.46
CA VAL A 331 -27.86 34.99 -39.68
C VAL A 331 -28.71 35.55 -40.80
N GLY A 332 -29.90 36.07 -40.49
CA GLY A 332 -30.68 36.78 -41.50
C GLY A 332 -29.96 38.01 -42.01
N PHE A 333 -29.35 38.76 -41.09
CA PHE A 333 -28.53 39.91 -41.48
C PHE A 333 -27.43 39.49 -42.44
N MET A 334 -26.74 38.39 -42.13
CA MET A 334 -25.66 37.93 -42.99
C MET A 334 -26.19 37.50 -44.37
N TRP A 335 -27.32 36.79 -44.38
CA TRP A 335 -27.90 36.37 -45.66
C TRP A 335 -28.27 37.58 -46.52
N ARG A 336 -28.83 38.62 -45.89
CA ARG A 336 -29.15 39.83 -46.65
C ARG A 336 -27.90 40.45 -47.25
N GLN A 337 -26.82 40.51 -46.47
CA GLN A 337 -25.55 41.05 -46.93
C GLN A 337 -24.98 40.25 -48.10
N LEU A 344 -21.34 26.36 -40.58
CA LEU A 344 -22.37 26.53 -39.56
C LEU A 344 -21.85 26.14 -38.19
N TRP A 345 -20.64 26.64 -37.87
CA TRP A 345 -19.98 26.31 -36.61
C TRP A 345 -19.94 27.50 -35.65
N GLU A 346 -20.44 28.65 -36.04
CA GLU A 346 -20.48 29.82 -35.17
C GLU A 346 -21.86 30.12 -34.63
N ARG A 347 -22.91 29.75 -35.37
CA ARG A 347 -24.27 29.90 -34.84
C ARG A 347 -24.47 29.05 -33.60
N LEU A 348 -23.82 27.88 -33.54
CA LEU A 348 -23.81 27.11 -32.31
C LEU A 348 -22.99 27.79 -31.22
N GLU A 349 -21.92 28.48 -31.62
CA GLU A 349 -21.13 29.24 -30.65
C GLU A 349 -21.91 30.41 -30.08
N PHE A 350 -22.94 30.88 -30.79
CA PHE A 350 -23.85 31.88 -30.24
C PHE A 350 -24.51 31.42 -28.95
N VAL A 351 -24.49 30.12 -28.66
CA VAL A 351 -25.24 29.55 -27.57
C VAL A 351 -24.34 29.44 -26.35
N ASN A 352 -24.94 29.48 -25.16
CA ASN A 352 -24.21 29.41 -23.89
C ASN A 352 -24.29 27.98 -23.36
N GLY A 353 -23.12 27.34 -23.22
CA GLY A 353 -23.06 26.00 -22.65
C GLY A 353 -23.17 25.97 -21.14
N TRP A 354 -22.88 27.09 -20.48
CA TRP A 354 -23.14 27.14 -19.06
C TRP A 354 -24.64 27.11 -18.76
N TYR A 355 -25.47 27.64 -19.65
CA TYR A 355 -26.90 27.53 -19.45
C TYR A 355 -27.41 26.11 -19.71
N ILE A 356 -26.79 25.40 -20.65
CA ILE A 356 -27.08 23.98 -20.81
C ILE A 356 -26.74 23.22 -19.54
N LEU A 357 -25.56 23.51 -18.97
CA LEU A 357 -25.18 22.87 -17.73
C LEU A 357 -26.15 23.21 -16.60
N LEU A 358 -26.58 24.47 -16.54
CA LEU A 358 -27.49 24.91 -15.48
C LEU A 358 -28.85 24.25 -15.61
N VAL A 359 -29.37 24.11 -16.83
CA VAL A 359 -30.68 23.47 -16.98
C VAL A 359 -30.58 21.97 -16.71
N THR A 360 -29.46 21.33 -17.09
CA THR A 360 -29.26 19.94 -16.72
C THR A 360 -29.23 19.78 -15.21
N SER A 361 -28.52 20.67 -14.52
CA SER A 361 -28.48 20.61 -13.06
C SER A 361 -29.85 20.89 -12.45
N ASP A 362 -30.62 21.80 -13.03
CA ASP A 362 -31.94 22.11 -12.50
C ASP A 362 -32.88 20.90 -12.63
N VAL A 363 -32.87 20.24 -13.79
CA VAL A 363 -33.75 19.08 -13.94
C VAL A 363 -33.28 17.93 -13.05
N LEU A 364 -31.96 17.76 -12.88
CA LEU A 364 -31.48 16.73 -11.98
C LEU A 364 -31.91 17.01 -10.54
N THR A 365 -31.80 18.26 -10.10
CA THR A 365 -32.18 18.59 -8.73
C THR A 365 -33.67 18.42 -8.52
N ILE A 366 -34.49 18.82 -9.50
CA ILE A 366 -35.93 18.66 -9.35
C ILE A 366 -36.32 17.19 -9.30
N SER A 367 -35.73 16.36 -10.16
CA SER A 367 -36.02 14.94 -10.12
C SER A 367 -35.60 14.32 -8.79
N GLY A 368 -34.41 14.68 -8.31
CA GLY A 368 -33.95 14.17 -7.03
C GLY A 368 -34.84 14.60 -5.87
N THR A 369 -35.31 15.84 -5.90
CA THR A 369 -36.16 16.31 -4.82
C THR A 369 -37.52 15.63 -4.85
N ILE A 370 -38.08 15.41 -6.04
CA ILE A 370 -39.35 14.67 -6.13
C ILE A 370 -39.18 13.26 -5.61
N MET A 371 -38.07 12.59 -5.99
CA MET A 371 -37.83 11.25 -5.50
C MET A 371 -37.64 11.23 -3.99
N LYS A 372 -36.96 12.24 -3.44
CA LYS A 372 -36.76 12.32 -2.00
C LYS A 372 -38.07 12.55 -1.26
N ILE A 373 -38.95 13.39 -1.83
CA ILE A 373 -40.27 13.58 -1.24
C ILE A 373 -41.04 12.29 -1.25
N GLY A 374 -40.93 11.52 -2.33
CA GLY A 374 -41.56 10.20 -2.35
C GLY A 374 -41.00 9.27 -1.30
N ILE A 375 -39.67 9.29 -1.11
CA ILE A 375 -39.04 8.44 -0.11
C ILE A 375 -39.56 8.79 1.28
N GLU A 376 -39.64 10.08 1.59
CA GLU A 376 -40.11 10.49 2.92
C GLU A 376 -41.60 10.29 3.08
N ALA A 377 -42.36 10.31 1.99
CA ALA A 377 -43.77 9.95 2.01
C ALA A 377 -44.01 8.45 1.91
N LYS A 378 -42.94 7.64 1.90
CA LYS A 378 -42.97 6.17 2.01
C LYS A 378 -43.46 5.44 0.77
N ASN A 379 -43.48 6.06 -0.40
CA ASN A 379 -43.97 5.38 -1.59
C ASN A 379 -42.85 4.75 -2.40
N LEU A 380 -41.78 5.51 -2.66
CA LEU A 380 -40.68 5.07 -3.52
C LEU A 380 -39.43 4.94 -2.67
N ALA A 381 -38.96 3.71 -2.50
CA ALA A 381 -37.73 3.43 -1.76
C ALA A 381 -36.60 3.16 -2.76
N SER A 382 -36.06 4.24 -3.32
CA SER A 382 -34.88 4.17 -4.21
C SER A 382 -33.86 5.17 -3.68
N TYR A 383 -33.14 4.75 -2.65
CA TYR A 383 -32.14 5.60 -2.04
C TYR A 383 -30.93 5.77 -2.93
N ASP A 384 -30.53 4.72 -3.67
CA ASP A 384 -29.37 4.85 -4.54
C ASP A 384 -29.65 5.80 -5.69
N VAL A 385 -30.84 5.69 -6.31
CA VAL A 385 -31.19 6.59 -7.40
C VAL A 385 -31.30 8.03 -6.90
N CYS A 386 -31.97 8.22 -5.75
CA CYS A 386 -32.11 9.56 -5.21
C CYS A 386 -30.76 10.17 -4.87
N SER A 387 -29.87 9.38 -4.27
CA SER A 387 -28.55 9.87 -3.91
C SER A 387 -27.73 10.22 -5.13
N ILE A 388 -27.80 9.38 -6.18
CA ILE A 388 -27.02 9.66 -7.38
C ILE A 388 -27.51 10.95 -8.04
N LEU A 389 -28.83 11.12 -8.15
CA LEU A 389 -29.37 12.34 -8.72
C LEU A 389 -28.94 13.56 -7.92
N LEU A 390 -29.12 13.52 -6.59
CA LEU A 390 -28.81 14.69 -5.78
C LEU A 390 -27.31 15.00 -5.77
N GLY A 391 -26.47 13.97 -5.71
CA GLY A 391 -25.04 14.22 -5.70
C GLY A 391 -24.53 14.77 -7.03
N THR A 392 -25.03 14.24 -8.15
CA THR A 392 -24.64 14.78 -9.44
C THR A 392 -25.12 16.23 -9.59
N SER A 393 -26.33 16.51 -9.13
CA SER A 393 -26.81 17.89 -9.21
C SER A 393 -26.00 18.82 -8.33
N THR A 394 -25.58 18.37 -7.14
CA THR A 394 -24.74 19.20 -6.29
C THR A 394 -23.39 19.47 -6.95
N LEU A 395 -22.79 18.44 -7.54
CA LEU A 395 -21.51 18.63 -8.22
C LEU A 395 -21.64 19.63 -9.37
N LEU A 396 -22.69 19.50 -10.18
CA LEU A 396 -22.86 20.44 -11.29
C LEU A 396 -23.16 21.85 -10.78
N VAL A 397 -23.91 21.96 -9.68
CA VAL A 397 -24.23 23.27 -9.11
C VAL A 397 -22.95 23.95 -8.63
N TRP A 398 -22.07 23.21 -7.97
CA TRP A 398 -20.81 23.80 -7.52
C TRP A 398 -19.92 24.16 -8.70
N VAL A 399 -19.90 23.32 -9.73
CA VAL A 399 -19.07 23.60 -10.90
C VAL A 399 -19.57 24.83 -11.63
N GLY A 400 -20.87 25.09 -11.61
CA GLY A 400 -21.43 26.16 -12.40
C GLY A 400 -21.11 27.58 -11.97
N VAL A 401 -20.31 27.77 -10.92
CA VAL A 401 -19.91 29.11 -10.53
C VAL A 401 -18.65 29.58 -11.24
N ILE A 402 -17.92 28.67 -11.90
CA ILE A 402 -16.82 29.09 -12.77
C ILE A 402 -17.34 30.00 -13.88
N ARG A 403 -18.63 29.92 -14.18
CA ARG A 403 -19.24 30.78 -15.20
C ARG A 403 -18.98 32.26 -14.93
N TYR A 404 -18.94 32.66 -13.66
CA TYR A 404 -18.68 34.03 -13.30
C TYR A 404 -17.20 34.34 -13.12
N LEU A 405 -16.33 33.35 -13.31
CA LEU A 405 -14.89 33.57 -13.36
C LEU A 405 -14.35 33.57 -14.77
N THR A 406 -15.18 33.24 -15.77
CA THR A 406 -14.73 33.20 -17.15
C THR A 406 -14.43 34.60 -17.69
N PHE A 407 -15.15 35.61 -17.21
CA PHE A 407 -15.02 36.95 -17.77
C PHE A 407 -13.72 37.63 -17.35
N PHE A 408 -13.14 37.24 -16.22
CA PHE A 408 -12.05 38.02 -15.65
C PHE A 408 -10.74 37.86 -16.40
N HIS A 409 -10.56 36.72 -17.08
CA HIS A 409 -9.40 36.44 -17.94
C HIS A 409 -8.14 36.23 -17.11
N ASN A 410 -8.24 36.40 -15.79
CA ASN A 410 -7.20 36.00 -14.87
C ASN A 410 -7.57 34.75 -14.07
N TYR A 411 -8.84 34.37 -14.06
CA TYR A 411 -9.33 33.25 -13.25
C TYR A 411 -9.77 32.05 -14.06
N ASN A 412 -9.90 32.18 -15.39
CA ASN A 412 -10.40 31.13 -16.25
C ASN A 412 -9.28 30.45 -17.03
N ILE A 413 -8.11 30.36 -16.41
CA ILE A 413 -6.97 29.69 -17.06
C ILE A 413 -7.33 28.24 -17.37
N LEU A 414 -7.97 27.55 -16.42
CA LEU A 414 -8.35 26.16 -16.63
C LEU A 414 -9.32 26.04 -17.80
N ILE A 415 -10.35 26.89 -17.83
CA ILE A 415 -11.38 26.76 -18.86
C ILE A 415 -10.79 27.07 -20.24
N ALA A 416 -9.99 28.13 -20.35
CA ALA A 416 -9.40 28.46 -21.65
C ALA A 416 -8.42 27.39 -22.10
N THR A 417 -7.59 26.88 -21.19
CA THR A 417 -6.64 25.84 -21.55
C THR A 417 -7.37 24.59 -22.02
N LEU A 418 -8.45 24.20 -21.34
CA LEU A 418 -9.21 23.04 -21.77
C LEU A 418 -9.87 23.26 -23.12
N ARG A 419 -10.43 24.46 -23.34
CA ARG A 419 -11.07 24.75 -24.61
C ARG A 419 -10.08 24.67 -25.76
N VAL A 420 -8.84 25.09 -25.54
CA VAL A 420 -7.84 25.01 -26.60
C VAL A 420 -7.31 23.58 -26.75
N ALA A 421 -7.15 22.86 -25.64
CA ALA A 421 -6.48 21.57 -25.65
C ALA A 421 -7.39 20.40 -25.99
N LEU A 422 -8.70 20.58 -25.99
CA LEU A 422 -9.59 19.43 -26.14
C LEU A 422 -9.43 18.66 -27.45
N PRO A 423 -9.36 19.28 -28.64
CA PRO A 423 -9.28 18.47 -29.87
C PRO A 423 -8.02 17.62 -29.99
N SER A 424 -6.86 18.21 -29.68
CA SER A 424 -5.62 17.45 -29.73
C SER A 424 -5.66 16.29 -28.74
N VAL A 425 -6.20 16.53 -27.55
CA VAL A 425 -6.36 15.46 -26.58
C VAL A 425 -7.28 14.38 -27.12
N MET A 426 -8.33 14.77 -27.86
CA MET A 426 -9.25 13.78 -28.40
C MET A 426 -8.56 12.90 -29.44
N ARG A 427 -7.72 13.48 -30.29
CA ARG A 427 -7.02 12.67 -31.30
C ARG A 427 -5.97 11.76 -30.64
N PHE A 428 -5.18 12.32 -29.74
CA PHE A 428 -4.22 11.52 -28.99
C PHE A 428 -4.91 10.36 -28.30
N CYS A 429 -6.10 10.62 -27.74
CA CYS A 429 -6.88 9.55 -27.13
C CYS A 429 -7.40 8.57 -28.17
N CYS A 430 -7.69 9.03 -29.39
CA CYS A 430 -8.11 8.12 -30.44
C CYS A 430 -7.03 7.06 -30.70
N CYS A 431 -5.76 7.44 -30.58
CA CYS A 431 -4.70 6.44 -30.75
C CYS A 431 -4.45 5.63 -29.47
N VAL A 432 -4.31 6.32 -28.34
CA VAL A 432 -4.04 5.65 -27.09
C VAL A 432 -5.17 4.71 -26.69
N ALA A 433 -6.37 4.93 -27.22
CA ALA A 433 -7.50 4.06 -26.90
C ALA A 433 -7.32 2.67 -27.49
N VAL A 434 -6.89 2.58 -28.74
CA VAL A 434 -6.66 1.26 -29.33
C VAL A 434 -5.47 0.59 -28.65
N ILE A 435 -4.44 1.37 -28.30
CA ILE A 435 -3.32 0.76 -27.57
C ILE A 435 -3.78 0.20 -26.23
N TYR A 436 -4.54 1.01 -25.49
CA TYR A 436 -5.01 0.64 -24.16
C TYR A 436 -5.96 -0.54 -24.21
N LEU A 437 -6.83 -0.60 -25.22
CA LEU A 437 -7.77 -1.70 -25.33
C LEU A 437 -7.06 -3.01 -25.67
N GLY A 438 -6.07 -2.95 -26.56
CA GLY A 438 -5.28 -4.14 -26.81
C GLY A 438 -4.62 -4.66 -25.55
N TYR A 439 -4.01 -3.76 -24.79
CA TYR A 439 -3.38 -4.18 -23.54
C TYR A 439 -4.39 -4.73 -22.55
N CYS A 440 -5.58 -4.12 -22.48
CA CYS A 440 -6.60 -4.58 -21.53
C CYS A 440 -7.07 -5.98 -21.86
N PHE A 441 -7.39 -6.24 -23.13
CA PHE A 441 -7.85 -7.57 -23.51
C PHE A 441 -6.78 -8.62 -23.27
N CYS A 442 -5.54 -8.33 -23.70
CA CYS A 442 -4.46 -9.28 -23.52
C CYS A 442 -4.26 -9.60 -22.04
N GLY A 443 -4.15 -8.56 -21.21
CA GLY A 443 -3.95 -8.78 -19.79
C GLY A 443 -5.09 -9.57 -19.17
N TRP A 444 -6.33 -9.15 -19.43
CA TRP A 444 -7.49 -9.87 -18.92
C TRP A 444 -7.39 -11.35 -19.21
N ILE A 445 -7.33 -11.71 -20.50
CA ILE A 445 -7.46 -13.12 -20.83
C ILE A 445 -6.25 -13.93 -20.37
N VAL A 446 -5.04 -13.37 -20.47
CA VAL A 446 -3.87 -14.18 -20.18
C VAL A 446 -3.59 -14.24 -18.68
N LEU A 447 -3.51 -13.08 -18.02
CA LEU A 447 -3.12 -13.04 -16.62
C LEU A 447 -4.30 -13.15 -15.67
N GLY A 448 -5.55 -13.18 -16.17
CA GLY A 448 -6.70 -13.24 -15.31
C GLY A 448 -6.78 -14.45 -14.41
N PRO A 449 -6.56 -15.65 -14.95
CA PRO A 449 -6.58 -16.85 -14.10
C PRO A 449 -5.51 -16.86 -13.02
N TYR A 450 -4.40 -16.14 -13.22
CA TYR A 450 -3.29 -16.17 -12.29
C TYR A 450 -3.15 -14.93 -11.42
N HIS A 451 -3.58 -13.77 -11.90
CA HIS A 451 -3.39 -12.52 -11.19
C HIS A 451 -4.70 -12.09 -10.53
N VAL A 452 -4.61 -11.66 -9.27
CA VAL A 452 -5.81 -11.28 -8.53
C VAL A 452 -6.37 -9.93 -8.99
N LYS A 453 -5.57 -9.12 -9.68
CA LYS A 453 -6.00 -7.80 -10.13
C LYS A 453 -6.41 -7.78 -11.59
N PHE A 454 -6.50 -8.95 -12.23
CA PHE A 454 -6.91 -9.06 -13.62
C PHE A 454 -8.11 -9.98 -13.80
N ARG A 455 -8.91 -10.16 -12.74
CA ARG A 455 -9.98 -11.17 -12.79
C ARG A 455 -11.07 -10.79 -13.78
N SER A 456 -11.45 -9.52 -13.83
CA SER A 456 -12.51 -9.07 -14.73
C SER A 456 -12.00 -7.90 -15.56
N LEU A 457 -12.76 -7.54 -16.59
CA LEU A 457 -12.32 -6.49 -17.51
C LEU A 457 -12.27 -5.13 -16.85
N SER A 458 -13.27 -4.80 -16.02
CA SER A 458 -13.23 -3.55 -15.29
C SER A 458 -12.06 -3.52 -14.32
N MET A 459 -11.77 -4.66 -13.68
CA MET A 459 -10.63 -4.73 -12.77
C MET A 459 -9.32 -4.54 -13.51
N VAL A 460 -9.23 -5.09 -14.73
CA VAL A 460 -8.03 -4.89 -15.55
C VAL A 460 -7.88 -3.42 -15.91
N SER A 461 -8.98 -2.77 -16.28
CA SER A 461 -8.92 -1.35 -16.62
C SER A 461 -8.48 -0.52 -15.42
N GLU A 462 -9.02 -0.83 -14.23
CA GLU A 462 -8.61 -0.12 -13.02
C GLU A 462 -7.14 -0.34 -12.72
N CYS A 463 -6.66 -1.59 -12.85
CA CYS A 463 -5.27 -1.89 -12.56
C CYS A 463 -4.33 -1.15 -13.50
N LEU A 464 -4.65 -1.15 -14.80
CA LEU A 464 -3.79 -0.47 -15.76
C LEU A 464 -3.83 1.04 -15.57
N PHE A 465 -5.02 1.59 -15.28
CA PHE A 465 -5.13 3.03 -15.05
C PHE A 465 -4.36 3.44 -13.81
N SER A 466 -4.34 2.59 -12.79
CA SER A 466 -3.54 2.88 -11.60
C SER A 466 -2.05 2.74 -11.90
N LEU A 467 -1.67 1.79 -12.75
CA LEU A 467 -0.26 1.63 -13.09
C LEU A 467 0.26 2.82 -13.88
N ILE A 468 -0.59 3.41 -14.73
CA ILE A 468 -0.18 4.61 -15.46
C ILE A 468 0.18 5.73 -14.50
N ASN A 469 -0.50 5.81 -13.35
CA ASN A 469 -0.21 6.80 -12.34
C ASN A 469 0.76 6.29 -11.28
N GLY A 470 1.44 5.18 -11.55
CA GLY A 470 2.45 4.68 -10.62
C GLY A 470 1.92 4.17 -9.30
N ASP A 471 0.82 3.43 -9.32
CA ASP A 471 0.21 2.91 -8.10
C ASP A 471 0.25 1.38 -8.10
N ASP A 472 0.62 0.81 -6.96
CA ASP A 472 0.60 -0.65 -6.74
C ASP A 472 1.49 -1.39 -7.73
N MET A 473 2.57 -0.75 -8.17
CA MET A 473 3.43 -1.35 -9.18
C MET A 473 4.11 -2.61 -8.67
N PHE A 474 4.72 -2.54 -7.49
CA PHE A 474 5.44 -3.70 -6.97
C PHE A 474 4.48 -4.81 -6.57
N VAL A 475 3.30 -4.47 -6.04
CA VAL A 475 2.31 -5.49 -5.73
C VAL A 475 1.86 -6.21 -7.00
N THR A 476 1.65 -5.45 -8.08
CA THR A 476 1.27 -6.05 -9.35
C THR A 476 2.38 -6.96 -9.87
N PHE A 477 3.64 -6.54 -9.72
CA PHE A 477 4.76 -7.37 -10.15
C PHE A 477 4.86 -8.65 -9.32
N ALA A 478 4.68 -8.53 -8.01
CA ALA A 478 4.92 -9.65 -7.09
C ALA A 478 3.74 -10.59 -6.97
N ALA A 479 2.58 -10.23 -7.50
CA ALA A 479 1.49 -11.21 -7.48
C ALA A 479 1.74 -12.42 -8.39
N MET A 480 2.89 -12.50 -9.06
CA MET A 480 3.24 -13.64 -9.89
C MET A 480 4.52 -14.35 -9.44
N GLN A 481 5.08 -13.97 -8.29
CA GLN A 481 6.24 -14.71 -7.78
C GLN A 481 5.89 -16.15 -7.46
N ALA A 482 4.63 -16.42 -7.10
CA ALA A 482 4.19 -17.80 -6.93
C ALA A 482 4.18 -18.54 -8.25
N GLN A 483 3.83 -17.86 -9.35
CA GLN A 483 3.83 -18.48 -10.67
C GLN A 483 5.20 -18.48 -11.33
N GLN A 484 6.20 -17.84 -10.72
CA GLN A 484 7.55 -17.95 -11.27
C GLN A 484 8.02 -19.40 -11.32
N GLY A 485 7.68 -20.18 -10.29
CA GLY A 485 8.08 -21.57 -10.25
C GLY A 485 7.18 -22.47 -11.08
N ARG A 486 5.87 -22.32 -10.94
CA ARG A 486 4.89 -23.08 -11.71
C ARG A 486 4.26 -22.15 -12.73
N SER A 487 4.28 -22.55 -14.01
CA SER A 487 3.97 -21.69 -15.14
C SER A 487 4.99 -20.57 -15.26
N SER A 488 6.27 -20.95 -15.39
CA SER A 488 7.32 -19.97 -15.59
C SER A 488 7.13 -19.20 -16.89
N LEU A 489 6.52 -19.82 -17.90
CA LEU A 489 6.24 -19.12 -19.15
C LEU A 489 5.25 -17.99 -18.93
N VAL A 490 4.20 -18.25 -18.16
CA VAL A 490 3.23 -17.19 -17.84
C VAL A 490 3.89 -16.13 -16.98
N TRP A 491 4.78 -16.52 -16.07
CA TRP A 491 5.48 -15.52 -15.27
C TRP A 491 6.34 -14.61 -16.13
N LEU A 492 7.07 -15.19 -17.08
CA LEU A 492 7.91 -14.38 -17.98
C LEU A 492 7.05 -13.48 -18.86
N PHE A 493 5.92 -13.99 -19.34
CA PHE A 493 5.01 -13.15 -20.12
C PHE A 493 4.49 -12.00 -19.27
N SER A 494 4.19 -12.26 -18.00
CA SER A 494 3.73 -11.19 -17.12
C SER A 494 4.80 -10.14 -16.93
N GLN A 495 6.06 -10.58 -16.76
CA GLN A 495 7.17 -9.63 -16.64
C GLN A 495 7.25 -8.73 -17.86
N LEU A 496 7.27 -9.34 -19.06
CA LEU A 496 7.38 -8.54 -20.28
C LEU A 496 6.18 -7.62 -20.44
N TYR A 497 4.97 -8.13 -20.20
CA TYR A 497 3.76 -7.34 -20.35
C TYR A 497 3.78 -6.12 -19.43
N LEU A 498 4.08 -6.33 -18.15
CA LEU A 498 4.07 -5.22 -17.20
C LEU A 498 5.16 -4.20 -17.52
N TYR A 499 6.38 -4.67 -17.81
CA TYR A 499 7.46 -3.73 -18.11
C TYR A 499 7.13 -2.90 -19.35
N SER A 500 6.66 -3.55 -20.41
CA SER A 500 6.34 -2.84 -21.64
C SER A 500 5.23 -1.83 -21.42
N PHE A 501 4.15 -2.24 -20.78
CA PHE A 501 3.03 -1.32 -20.57
C PHE A 501 3.46 -0.12 -19.73
N ILE A 502 4.18 -0.39 -18.63
CA ILE A 502 4.56 0.70 -17.74
C ILE A 502 5.47 1.69 -18.45
N SER A 503 6.49 1.19 -19.14
CA SER A 503 7.40 2.09 -19.84
C SER A 503 6.65 2.91 -20.89
N LEU A 504 5.92 2.22 -21.77
CA LEU A 504 5.27 2.91 -22.89
C LEU A 504 4.27 3.95 -22.41
N PHE A 505 3.50 3.64 -21.37
CA PHE A 505 2.44 4.56 -20.98
C PHE A 505 2.88 5.64 -20.00
N ILE A 506 3.75 5.32 -19.04
CA ILE A 506 4.19 6.37 -18.13
C ILE A 506 5.17 7.32 -18.82
N TYR A 507 6.08 6.78 -19.63
CA TYR A 507 7.18 7.60 -20.12
C TYR A 507 6.93 8.21 -21.49
N MET A 508 6.22 7.51 -22.39
CA MET A 508 5.97 8.04 -23.73
C MET A 508 4.60 8.68 -23.89
N VAL A 509 3.55 8.03 -23.41
CA VAL A 509 2.19 8.50 -23.70
C VAL A 509 1.78 9.61 -22.76
N LEU A 510 1.95 9.39 -21.45
CA LEU A 510 1.54 10.39 -20.47
C LEU A 510 2.33 11.68 -20.62
N SER A 511 3.61 11.56 -20.98
CA SER A 511 4.44 12.73 -21.23
C SER A 511 3.86 13.57 -22.36
N LEU A 512 3.43 12.92 -23.45
CA LEU A 512 2.87 13.67 -24.57
C LEU A 512 1.49 14.25 -24.24
N PHE A 513 0.71 13.55 -23.41
CA PHE A 513 -0.56 14.11 -22.96
C PHE A 513 -0.34 15.40 -22.18
N ILE A 514 0.55 15.36 -21.19
CA ILE A 514 0.84 16.55 -20.40
C ILE A 514 1.47 17.63 -21.28
N ALA A 515 2.26 17.22 -22.28
CA ALA A 515 2.85 18.18 -23.20
C ALA A 515 1.80 18.91 -24.01
N LEU A 516 0.78 18.17 -24.48
CA LEU A 516 -0.32 18.82 -25.20
C LEU A 516 -1.03 19.83 -24.32
N ILE A 517 -1.33 19.43 -23.07
CA ILE A 517 -2.07 20.34 -22.18
C ILE A 517 -1.25 21.58 -21.87
N THR A 518 0.03 21.41 -21.56
CA THR A 518 0.86 22.56 -21.25
C THR A 518 1.18 23.42 -22.47
N GLY A 519 1.21 22.83 -23.67
CA GLY A 519 1.36 23.63 -24.87
C GLY A 519 0.14 24.48 -25.15
N ALA A 520 -1.05 23.92 -24.90
CA ALA A 520 -2.25 24.72 -25.00
C ALA A 520 -2.24 25.85 -23.98
N TYR A 521 -1.75 25.58 -22.76
CA TYR A 521 -1.63 26.64 -21.78
C TYR A 521 -0.66 27.72 -22.26
N ASP A 522 0.47 27.32 -22.85
CA ASP A 522 1.43 28.30 -23.35
C ASP A 522 0.82 29.13 -24.47
N THR A 523 -0.03 28.52 -25.30
CA THR A 523 -0.75 29.28 -26.30
C THR A 523 -1.69 30.29 -25.66
N ILE A 524 -2.39 29.87 -24.60
CA ILE A 524 -3.37 30.75 -23.96
C ILE A 524 -2.68 31.95 -23.29
N LYS A 525 -1.61 31.69 -22.54
CA LYS A 525 -1.00 32.74 -21.73
C LYS A 525 -0.31 33.82 -22.55
N HIS A 526 -0.09 33.58 -23.85
CA HIS A 526 0.50 34.61 -24.71
C HIS A 526 -0.58 35.28 -25.54
N LEU B 41 6.66 6.33 -62.98
CA LEU B 41 7.59 5.82 -61.98
C LEU B 41 7.54 6.67 -60.72
N ARG B 42 7.68 7.99 -60.88
CA ARG B 42 7.45 8.87 -59.74
C ARG B 42 5.98 8.88 -59.34
N ARG B 43 5.08 8.81 -60.31
CA ARG B 43 3.67 8.64 -59.97
C ARG B 43 3.41 7.24 -59.40
N ARG B 44 4.23 6.26 -59.78
CA ARG B 44 4.16 4.96 -59.14
C ARG B 44 4.52 5.06 -57.66
N LEU B 45 5.59 5.81 -57.35
CA LEU B 45 5.94 6.04 -55.95
C LEU B 45 4.86 6.80 -55.22
N LYS B 46 4.28 7.81 -55.88
CA LYS B 46 3.14 8.53 -55.33
C LYS B 46 2.03 7.56 -54.94
N TYR B 47 1.66 6.67 -55.86
CA TYR B 47 0.59 5.71 -55.59
C TYR B 47 0.98 4.75 -54.47
N PHE B 48 2.24 4.31 -54.47
CA PHE B 48 2.69 3.34 -53.47
C PHE B 48 2.73 3.92 -52.06
N PHE B 49 3.02 5.21 -51.92
CA PHE B 49 3.07 5.86 -50.61
C PHE B 49 1.81 6.67 -50.29
N MET B 50 0.81 6.65 -51.17
CA MET B 50 -0.46 7.32 -50.88
C MET B 50 -1.19 6.68 -49.70
N SER B 51 -1.99 7.49 -49.02
CA SER B 51 -2.85 7.01 -47.93
C SER B 51 -4.03 6.23 -48.50
N PRO B 52 -4.73 5.45 -47.68
CA PRO B 52 -5.85 4.66 -48.23
C PRO B 52 -6.96 5.51 -48.84
N CYS B 53 -7.29 6.64 -48.21
CA CYS B 53 -8.38 7.48 -48.70
C CYS B 53 -8.03 8.12 -50.04
N ASP B 54 -6.81 8.66 -50.17
CA ASP B 54 -6.38 9.22 -51.45
C ASP B 54 -6.13 8.13 -52.50
N LYS B 55 -5.79 6.91 -52.07
CA LYS B 55 -5.76 5.78 -52.99
C LYS B 55 -7.13 5.49 -53.57
N PHE B 56 -8.17 5.53 -52.72
CA PHE B 56 -9.53 5.34 -53.19
C PHE B 56 -9.97 6.49 -54.10
N ARG B 57 -9.55 7.71 -53.78
CA ARG B 57 -9.80 8.83 -54.69
C ARG B 57 -9.11 8.60 -56.04
N ALA B 58 -7.89 8.05 -56.02
CA ALA B 58 -7.12 7.87 -57.24
C ALA B 58 -7.75 6.83 -58.15
N LYS B 59 -7.88 5.59 -57.66
CA LYS B 59 -8.31 4.49 -58.52
C LYS B 59 -9.66 3.91 -58.12
N GLY B 60 -10.43 4.61 -57.29
CA GLY B 60 -11.68 4.05 -56.82
C GLY B 60 -11.54 2.69 -56.19
N ARG B 61 -10.41 2.44 -55.52
CA ARG B 61 -10.10 1.13 -54.95
C ARG B 61 -10.67 1.06 -53.54
N LYS B 62 -11.56 0.10 -53.31
CA LYS B 62 -12.04 -0.15 -51.96
C LYS B 62 -10.90 -0.76 -51.14
N PRO B 63 -10.59 -0.21 -49.96
CA PRO B 63 -9.51 -0.76 -49.14
C PRO B 63 -9.84 -2.13 -48.57
N CYS B 64 -9.74 -3.17 -49.41
CA CYS B 64 -9.96 -4.54 -48.94
C CYS B 64 -9.06 -4.88 -47.77
N LYS B 65 -7.80 -4.41 -47.80
CA LYS B 65 -6.90 -4.62 -46.68
C LYS B 65 -7.48 -4.01 -45.40
N LEU B 66 -7.99 -2.78 -45.49
CA LEU B 66 -8.57 -2.12 -44.32
C LEU B 66 -9.80 -2.87 -43.82
N MET B 67 -10.65 -3.34 -44.73
CA MET B 67 -11.82 -4.12 -44.33
C MET B 67 -11.39 -5.41 -43.62
N LEU B 68 -10.38 -6.09 -44.16
CA LEU B 68 -9.86 -7.29 -43.54
C LEU B 68 -9.33 -7.00 -42.15
N GLN B 69 -8.58 -5.90 -41.99
CA GLN B 69 -8.11 -5.53 -40.67
C GLN B 69 -9.27 -5.26 -39.71
N VAL B 70 -10.30 -4.57 -40.18
CA VAL B 70 -11.42 -4.20 -39.31
C VAL B 70 -12.13 -5.45 -38.81
N VAL B 71 -12.42 -6.39 -39.72
CA VAL B 71 -13.06 -7.63 -39.27
C VAL B 71 -12.08 -8.48 -38.45
N LYS B 72 -10.77 -8.33 -38.69
CA LYS B 72 -9.77 -9.07 -37.94
C LYS B 72 -9.74 -8.63 -36.49
N ILE B 73 -9.96 -7.33 -36.24
CA ILE B 73 -10.00 -6.82 -34.88
C ILE B 73 -11.06 -7.53 -34.06
N LEU B 74 -12.22 -7.76 -34.67
CA LEU B 74 -13.33 -8.40 -33.95
C LEU B 74 -13.11 -9.90 -33.82
N VAL B 75 -12.71 -10.56 -34.92
CA VAL B 75 -12.62 -12.01 -34.89
C VAL B 75 -11.53 -12.47 -33.91
N VAL B 76 -10.38 -11.78 -33.90
CA VAL B 76 -9.31 -12.22 -33.02
C VAL B 76 -9.68 -12.02 -31.56
N THR B 77 -10.31 -10.90 -31.22
CA THR B 77 -10.69 -10.65 -29.83
C THR B 77 -11.77 -11.62 -29.38
N VAL B 78 -12.76 -11.91 -30.23
CA VAL B 78 -13.80 -12.87 -29.87
C VAL B 78 -13.19 -14.24 -29.65
N GLN B 79 -12.27 -14.66 -30.52
CA GLN B 79 -11.61 -15.94 -30.33
C GLN B 79 -10.81 -15.97 -29.03
N LEU B 80 -10.13 -14.86 -28.71
CA LEU B 80 -9.35 -14.80 -27.46
C LEU B 80 -10.26 -14.98 -26.24
N ILE B 81 -11.42 -14.32 -26.24
CA ILE B 81 -12.34 -14.47 -25.11
C ILE B 81 -12.86 -15.90 -25.01
N LEU B 82 -13.25 -16.48 -26.16
CA LEU B 82 -13.78 -17.83 -26.15
C LEU B 82 -12.76 -18.83 -25.64
N PHE B 83 -11.49 -18.68 -26.02
CA PHE B 83 -10.46 -19.53 -25.46
C PHE B 83 -10.25 -19.25 -23.97
N GLY B 84 -10.31 -17.98 -23.57
CA GLY B 84 -10.11 -17.63 -22.18
C GLY B 84 -11.09 -18.32 -21.27
N LEU B 85 -12.30 -18.60 -21.76
CA LEU B 85 -13.26 -19.37 -20.97
C LEU B 85 -12.66 -20.72 -20.52
N SER B 86 -12.17 -21.50 -21.48
CA SER B 86 -11.62 -22.82 -21.16
C SER B 86 -10.32 -22.71 -20.36
N ASN B 87 -9.51 -21.71 -20.68
CA ASN B 87 -8.28 -21.50 -19.91
C ASN B 87 -8.60 -21.23 -18.44
N GLN B 88 -9.62 -20.40 -18.18
CA GLN B 88 -10.06 -20.13 -16.83
C GLN B 88 -10.55 -21.40 -16.15
N LEU B 89 -11.32 -22.21 -16.87
CA LEU B 89 -11.79 -23.47 -16.28
C LEU B 89 -10.64 -24.34 -15.83
N ALA B 90 -9.64 -24.53 -16.70
CA ALA B 90 -8.52 -25.42 -16.37
C ALA B 90 -7.71 -24.88 -15.20
N VAL B 91 -7.35 -23.60 -15.25
CA VAL B 91 -6.54 -23.02 -14.17
C VAL B 91 -7.30 -23.06 -12.86
N THR B 92 -8.59 -22.77 -12.88
CA THR B 92 -9.39 -22.82 -11.67
C THR B 92 -9.43 -24.23 -11.10
N PHE B 93 -9.61 -25.24 -11.94
CA PHE B 93 -9.61 -26.61 -11.44
C PHE B 93 -8.30 -26.93 -10.75
N ARG B 94 -7.17 -26.60 -11.39
CA ARG B 94 -5.87 -26.91 -10.80
C ARG B 94 -5.69 -26.22 -9.46
N GLU B 95 -5.93 -24.90 -9.42
CA GLU B 95 -5.66 -24.15 -8.20
C GLU B 95 -6.58 -24.57 -7.05
N GLU B 96 -7.87 -24.76 -7.34
CA GLU B 96 -8.79 -25.15 -6.29
C GLU B 96 -8.48 -26.55 -5.76
N ASN B 97 -8.07 -27.47 -6.64
CA ASN B 97 -7.66 -28.78 -6.17
C ASN B 97 -6.42 -28.69 -5.29
N THR B 98 -5.47 -27.83 -5.65
CA THR B 98 -4.28 -27.67 -4.80
C THR B 98 -4.66 -27.11 -3.43
N ILE B 99 -5.58 -26.15 -3.39
CA ILE B 99 -6.01 -25.58 -2.11
C ILE B 99 -6.70 -26.64 -1.26
N ALA B 100 -7.57 -27.43 -1.88
CA ALA B 100 -8.25 -28.51 -1.16
C ALA B 100 -7.25 -29.52 -0.62
N PHE B 101 -6.22 -29.84 -1.41
CA PHE B 101 -5.20 -30.76 -0.94
C PHE B 101 -4.46 -30.19 0.26
N ARG B 102 -4.12 -28.90 0.22
CA ARG B 102 -3.46 -28.29 1.36
C ARG B 102 -4.30 -28.40 2.62
N HIS B 103 -5.58 -28.03 2.52
CA HIS B 103 -6.45 -28.08 3.69
C HIS B 103 -6.69 -29.51 4.16
N LEU B 104 -6.68 -30.47 3.25
CA LEU B 104 -6.90 -31.87 3.64
C LEU B 104 -5.69 -32.49 4.30
N PHE B 105 -4.49 -32.25 3.77
CA PHE B 105 -3.33 -33.02 4.19
C PHE B 105 -2.39 -32.28 5.14
N LEU B 106 -2.45 -30.95 5.21
CA LEU B 106 -1.57 -30.22 6.11
C LEU B 106 -2.30 -29.98 7.43
N LEU B 107 -1.71 -30.45 8.53
CA LEU B 107 -2.33 -30.38 9.83
C LEU B 107 -2.25 -28.95 10.38
N GLY B 108 -3.39 -28.39 10.74
CA GLY B 108 -3.42 -27.04 11.26
C GLY B 108 -3.25 -25.95 10.22
N TYR B 109 -3.38 -26.28 8.94
CA TYR B 109 -3.22 -25.30 7.89
C TYR B 109 -4.45 -24.40 7.81
N SER B 110 -4.20 -23.10 7.64
CA SER B 110 -5.25 -22.11 7.43
C SER B 110 -4.92 -21.30 6.18
N ASP B 111 -5.96 -20.72 5.57
CA ASP B 111 -5.74 -19.93 4.36
C ASP B 111 -4.84 -18.74 4.65
N GLY B 112 -3.99 -18.42 3.68
CA GLY B 112 -2.82 -17.63 3.96
C GLY B 112 -1.74 -18.54 4.51
N ALA B 113 -0.64 -17.94 4.95
CA ALA B 113 0.42 -18.65 5.65
C ALA B 113 0.89 -19.88 4.87
N ASP B 114 0.95 -19.75 3.55
CA ASP B 114 1.61 -20.80 2.76
C ASP B 114 3.09 -20.85 3.09
N ASP B 115 3.71 -19.69 3.32
CA ASP B 115 5.00 -19.61 4.00
C ASP B 115 4.73 -19.46 5.50
N THR B 116 5.77 -19.31 6.31
CA THR B 116 5.63 -19.25 7.77
C THR B 116 4.75 -20.39 8.29
N PHE B 117 4.87 -21.57 7.70
CA PHE B 117 4.15 -22.75 8.15
C PHE B 117 5.18 -23.85 8.32
N ALA B 118 5.47 -24.21 9.57
CA ALA B 118 6.59 -25.09 9.85
C ALA B 118 6.29 -25.91 11.09
N ALA B 119 7.19 -26.85 11.36
CA ALA B 119 7.18 -27.61 12.59
C ALA B 119 8.39 -27.19 13.43
N TYR B 120 8.18 -27.11 14.74
CA TYR B 120 9.24 -26.69 15.65
C TYR B 120 9.55 -27.71 16.73
N THR B 121 8.74 -28.76 16.88
CA THR B 121 9.03 -29.83 17.81
C THR B 121 8.92 -31.16 17.10
N ARG B 122 9.59 -32.16 17.66
CA ARG B 122 9.55 -33.51 17.10
C ARG B 122 8.12 -34.03 17.06
N GLU B 123 7.35 -33.76 18.11
CA GLU B 123 5.97 -34.21 18.13
C GLU B 123 5.14 -33.52 17.06
N GLN B 124 5.38 -32.23 16.83
CA GLN B 124 4.69 -31.54 15.74
C GLN B 124 5.01 -32.18 14.40
N LEU B 125 6.29 -32.49 14.15
CA LEU B 125 6.67 -33.09 12.88
C LEU B 125 6.03 -34.47 12.70
N TYR B 126 6.09 -35.30 13.74
CA TYR B 126 5.48 -36.62 13.66
C TYR B 126 3.97 -36.53 13.43
N GLN B 127 3.31 -35.61 14.14
CA GLN B 127 1.88 -35.47 13.97
C GLN B 127 1.53 -34.99 12.58
N ALA B 128 2.31 -34.06 12.02
CA ALA B 128 2.07 -33.60 10.66
C ALA B 128 2.20 -34.75 9.66
N ILE B 129 3.26 -35.54 9.79
CA ILE B 129 3.47 -36.65 8.84
C ILE B 129 2.35 -37.67 8.95
N PHE B 130 2.03 -38.08 10.19
CA PHE B 130 1.01 -39.10 10.38
C PHE B 130 -0.38 -38.59 9.97
N HIS B 131 -0.66 -37.31 10.19
CA HIS B 131 -1.93 -36.75 9.73
C HIS B 131 -2.01 -36.74 8.21
N ALA B 132 -0.90 -36.41 7.53
CA ALA B 132 -0.90 -36.46 6.08
C ALA B 132 -1.18 -37.87 5.58
N VAL B 133 -0.54 -38.87 6.18
CA VAL B 133 -0.74 -40.24 5.71
C VAL B 133 -2.16 -40.72 6.05
N ASP B 134 -2.67 -40.37 7.23
CA ASP B 134 -4.02 -40.78 7.61
C ASP B 134 -5.07 -40.16 6.71
N GLN B 135 -4.91 -38.88 6.37
CA GLN B 135 -5.83 -38.24 5.45
C GLN B 135 -5.75 -38.87 4.06
N TYR B 136 -4.54 -39.27 3.63
CA TYR B 136 -4.45 -40.00 2.38
C TYR B 136 -5.24 -41.29 2.45
N LEU B 137 -5.10 -42.04 3.53
CA LEU B 137 -5.81 -43.30 3.65
C LEU B 137 -7.30 -43.16 3.84
N ALA B 138 -7.77 -41.98 4.29
CA ALA B 138 -9.19 -41.79 4.55
C ALA B 138 -9.90 -40.88 3.54
N LEU B 139 -9.19 -40.41 2.51
CA LEU B 139 -9.78 -39.58 1.46
C LEU B 139 -11.16 -39.98 0.95
N PRO B 140 -11.38 -41.22 0.48
CA PRO B 140 -12.63 -41.53 -0.25
C PRO B 140 -13.90 -41.38 0.57
N ASP B 141 -13.82 -41.32 1.91
CA ASP B 141 -15.00 -41.11 2.74
C ASP B 141 -14.95 -39.84 3.58
N VAL B 142 -13.96 -38.97 3.35
CA VAL B 142 -13.94 -37.67 4.01
C VAL B 142 -13.85 -36.51 3.05
N SER B 143 -13.41 -36.69 1.81
CA SER B 143 -13.23 -35.56 0.92
C SER B 143 -14.53 -35.21 0.21
N LEU B 144 -14.64 -33.94 -0.16
CA LEU B 144 -15.80 -33.46 -0.92
C LEU B 144 -15.68 -33.72 -2.40
N GLY B 145 -14.48 -34.02 -2.90
CA GLY B 145 -14.29 -34.41 -4.27
C GLY B 145 -14.08 -35.90 -4.39
N ARG B 146 -14.26 -36.42 -5.60
CA ARG B 146 -14.10 -37.84 -5.86
C ARG B 146 -12.75 -38.07 -6.52
N TYR B 147 -11.88 -38.81 -5.84
CA TYR B 147 -10.53 -39.08 -6.31
C TYR B 147 -10.30 -40.58 -6.43
N ALA B 148 -9.35 -40.95 -7.28
CA ALA B 148 -8.97 -42.34 -7.46
C ALA B 148 -7.48 -42.50 -7.17
N TYR B 149 -7.13 -43.64 -6.59
CA TYR B 149 -5.75 -43.94 -6.24
C TYR B 149 -5.00 -44.47 -7.45
N VAL B 150 -3.72 -44.15 -7.51
CA VAL B 150 -2.83 -44.58 -8.59
C VAL B 150 -1.77 -45.49 -7.99
N ARG B 151 -1.84 -46.77 -8.30
CA ARG B 151 -0.85 -47.71 -7.80
C ARG B 151 0.50 -47.47 -8.47
N GLY B 152 1.57 -47.83 -7.77
CA GLY B 152 2.91 -47.43 -8.15
C GLY B 152 3.40 -47.89 -9.51
N GLY B 153 3.91 -46.94 -10.30
CA GLY B 153 4.54 -47.25 -11.56
C GLY B 153 5.70 -46.33 -11.88
N GLY B 154 6.12 -45.51 -10.91
CA GLY B 154 7.03 -44.41 -11.19
C GLY B 154 8.27 -44.47 -10.32
N ASP B 155 8.79 -43.27 -9.98
CA ASP B 155 10.11 -43.21 -9.34
C ASP B 155 10.07 -43.71 -7.89
N PRO B 156 9.32 -43.08 -6.97
CA PRO B 156 9.44 -43.49 -5.56
C PRO B 156 8.59 -44.71 -5.23
N TRP B 157 7.55 -44.95 -6.03
CA TRP B 157 6.55 -45.95 -5.71
C TRP B 157 6.93 -47.32 -6.27
N THR B 158 6.75 -48.35 -5.45
CA THR B 158 6.89 -49.72 -5.89
C THR B 158 5.56 -50.22 -6.42
N ASN B 159 5.51 -51.48 -6.84
CA ASN B 159 4.28 -52.05 -7.37
C ASN B 159 3.23 -52.16 -6.27
N GLY B 160 2.06 -51.56 -6.49
CA GLY B 160 1.00 -51.54 -5.53
C GLY B 160 1.05 -50.39 -4.54
N SER B 161 2.14 -49.63 -4.52
CA SER B 161 2.28 -48.54 -3.56
C SER B 161 1.59 -47.28 -4.08
N GLY B 162 0.77 -46.66 -3.24
CA GLY B 162 0.13 -45.42 -3.61
C GLY B 162 0.84 -44.22 -3.04
N LEU B 163 1.35 -44.35 -1.82
CA LEU B 163 2.04 -43.28 -1.12
C LEU B 163 3.44 -43.75 -0.75
N ALA B 164 4.44 -42.90 -1.00
CA ALA B 164 5.82 -43.17 -0.64
C ALA B 164 6.24 -42.18 0.44
N LEU B 165 6.66 -42.71 1.58
CA LEU B 165 7.11 -41.89 2.72
C LEU B 165 8.62 -42.05 2.81
N CYS B 166 9.34 -41.06 2.28
CA CYS B 166 10.79 -41.11 2.18
C CYS B 166 11.40 -40.08 3.11
N GLN B 167 12.38 -40.50 3.90
CA GLN B 167 13.23 -39.59 4.66
C GLN B 167 14.65 -39.69 4.13
N ARG B 168 15.33 -38.56 4.05
CA ARG B 168 16.69 -38.49 3.53
C ARG B 168 17.60 -37.91 4.59
N TYR B 169 18.75 -38.54 4.78
CA TYR B 169 19.70 -38.13 5.80
C TYR B 169 21.11 -38.39 5.30
N TYR B 170 22.08 -37.77 5.98
CA TYR B 170 23.48 -38.00 5.65
C TYR B 170 23.85 -39.44 5.93
N HIS B 171 24.73 -39.99 5.09
CA HIS B 171 25.13 -41.38 5.24
C HIS B 171 25.75 -41.63 6.61
N ARG B 172 26.54 -40.68 7.10
CA ARG B 172 27.15 -40.79 8.42
C ARG B 172 27.23 -39.41 9.03
N GLY B 173 26.51 -39.19 10.13
CA GLY B 173 26.55 -37.91 10.79
C GLY B 173 26.72 -38.00 12.28
N HIS B 174 27.83 -37.46 12.78
CA HIS B 174 28.11 -37.42 14.22
C HIS B 174 28.22 -35.96 14.62
N VAL B 175 27.08 -35.34 14.89
CA VAL B 175 27.05 -33.93 15.24
C VAL B 175 27.11 -33.81 16.75
N ASP B 176 28.12 -33.11 17.25
CA ASP B 176 28.32 -32.95 18.69
C ASP B 176 28.72 -31.52 18.99
N PRO B 177 27.74 -30.64 19.20
CA PRO B 177 28.07 -29.25 19.53
C PRO B 177 28.72 -29.06 20.89
N ALA B 178 28.64 -30.06 21.77
CA ALA B 178 29.24 -29.94 23.10
C ALA B 178 30.76 -29.88 23.00
N ASN B 179 31.36 -30.78 22.22
CA ASN B 179 32.81 -30.82 22.05
C ASN B 179 33.28 -30.10 20.80
N ASP B 180 32.40 -29.39 20.11
CA ASP B 180 32.73 -28.64 18.90
C ASP B 180 33.40 -29.55 17.87
N THR B 181 32.81 -30.72 17.64
CA THR B 181 33.35 -31.69 16.71
C THR B 181 32.21 -32.32 15.92
N PHE B 182 32.53 -32.78 14.71
CA PHE B 182 31.58 -33.55 13.91
C PHE B 182 32.35 -34.36 12.88
N ASP B 183 32.03 -35.65 12.77
CA ASP B 183 32.56 -36.53 11.73
C ASP B 183 31.40 -36.84 10.78
N ILE B 184 31.34 -36.13 9.66
CA ILE B 184 30.20 -36.17 8.76
C ILE B 184 30.61 -36.70 7.40
N ASP B 185 29.78 -37.57 6.84
CA ASP B 185 29.87 -37.98 5.44
C ASP B 185 28.63 -37.49 4.73
N PRO B 186 28.72 -36.40 3.95
CA PRO B 186 27.51 -35.78 3.41
C PRO B 186 26.97 -36.45 2.16
N MET B 187 26.85 -37.77 2.18
CA MET B 187 26.19 -38.51 1.11
C MET B 187 24.77 -38.82 1.55
N VAL B 188 23.79 -38.35 0.79
CA VAL B 188 22.39 -38.45 1.19
C VAL B 188 21.90 -39.87 0.95
N VAL B 189 21.39 -40.51 2.00
CA VAL B 189 20.79 -41.83 1.93
C VAL B 189 19.28 -41.68 2.04
N THR B 190 18.55 -42.34 1.14
CA THR B 190 17.10 -42.25 1.10
C THR B 190 16.48 -43.53 1.65
N ASP B 191 15.49 -43.36 2.53
CA ASP B 191 14.78 -44.47 3.15
C ASP B 191 13.29 -44.23 2.96
N CYS B 192 12.66 -45.04 2.11
CA CYS B 192 11.26 -44.85 1.73
C CYS B 192 10.39 -45.93 2.34
N ILE B 193 9.19 -45.52 2.78
CA ILE B 193 8.16 -46.44 3.25
C ILE B 193 7.02 -46.41 2.25
N GLN B 194 6.54 -47.58 1.85
CA GLN B 194 5.50 -47.71 0.84
C GLN B 194 4.18 -48.00 1.53
N VAL B 195 3.15 -47.22 1.18
CA VAL B 195 1.82 -47.36 1.76
C VAL B 195 0.86 -47.72 0.64
N ASP B 196 0.11 -48.79 0.83
CA ASP B 196 -0.87 -49.26 -0.14
C ASP B 196 -2.25 -48.71 0.22
N PRO B 197 -3.00 -48.19 -0.75
CA PRO B 197 -4.34 -47.70 -0.44
C PRO B 197 -5.22 -48.82 0.05
N PRO B 198 -6.19 -48.52 0.91
CA PRO B 198 -7.06 -49.58 1.42
C PRO B 198 -7.86 -50.25 0.32
N GLU B 199 -8.00 -51.57 0.44
CA GLU B 199 -8.73 -52.38 -0.53
C GLU B 199 -10.17 -52.49 -0.06
N ARG B 200 -11.01 -51.55 -0.48
CA ARG B 200 -12.40 -51.57 -0.08
C ARG B 200 -13.32 -51.59 -1.30
N PRO B 201 -14.45 -52.31 -1.23
CA PRO B 201 -15.44 -52.35 -2.31
C PRO B 201 -16.06 -50.99 -2.62
N SER B 217 2.30 -49.65 9.83
CA SER B 217 3.67 -49.86 9.40
C SER B 217 4.41 -48.53 9.26
N TYR B 218 3.72 -47.54 8.69
CA TYR B 218 4.31 -46.21 8.54
C TYR B 218 4.36 -45.46 9.87
N LYS B 219 3.66 -45.92 10.90
CA LYS B 219 3.67 -45.29 12.21
C LYS B 219 4.86 -45.69 13.05
N ASN B 220 5.66 -46.67 12.60
CA ASN B 220 6.91 -47.02 13.23
C ASN B 220 8.09 -46.24 12.68
N LEU B 221 7.85 -45.05 12.13
CA LEU B 221 8.88 -44.26 11.46
C LEU B 221 9.79 -43.61 12.49
N THR B 222 11.08 -43.94 12.42
CA THR B 222 12.11 -43.22 13.17
C THR B 222 12.78 -42.22 12.24
N LEU B 223 12.91 -40.98 12.69
CA LEU B 223 13.14 -39.87 11.79
C LEU B 223 14.60 -39.42 11.71
N LYS B 224 15.46 -39.83 12.64
CA LYS B 224 16.89 -39.50 12.61
C LYS B 224 17.09 -37.98 12.52
N PHE B 225 16.71 -37.30 13.61
CA PHE B 225 16.58 -35.85 13.56
C PHE B 225 17.92 -35.14 13.39
N HIS B 226 18.99 -35.66 14.01
CA HIS B 226 20.24 -34.90 14.05
C HIS B 226 20.91 -34.80 12.69
N LYS B 227 20.65 -35.73 11.77
CA LYS B 227 21.23 -35.69 10.44
C LYS B 227 20.16 -35.72 9.34
N LEU B 228 18.92 -35.37 9.67
CA LEU B 228 17.84 -35.42 8.69
C LEU B 228 17.99 -34.30 7.68
N VAL B 229 17.80 -34.62 6.40
CA VAL B 229 17.87 -33.61 5.34
C VAL B 229 16.47 -33.13 5.00
N ASN B 230 15.60 -34.05 4.58
CA ASN B 230 14.20 -33.72 4.36
C ASN B 230 13.37 -34.99 4.43
N VAL B 231 12.07 -34.81 4.63
CA VAL B 231 11.09 -35.89 4.54
C VAL B 231 10.05 -35.49 3.51
N THR B 232 9.77 -36.40 2.57
CA THR B 232 8.86 -36.11 1.48
C THR B 232 7.81 -37.20 1.37
N ILE B 233 6.60 -36.79 1.01
CA ILE B 233 5.48 -37.70 0.79
C ILE B 233 5.02 -37.55 -0.65
N HIS B 234 5.02 -38.66 -1.40
CA HIS B 234 4.65 -38.66 -2.80
C HIS B 234 3.43 -39.54 -3.00
N PHE B 235 2.39 -39.00 -3.64
CA PHE B 235 1.26 -39.80 -4.07
C PHE B 235 0.55 -39.09 -5.21
N ARG B 236 -0.25 -39.85 -5.95
CA ARG B 236 -0.96 -39.36 -7.12
C ARG B 236 -2.45 -39.60 -6.97
N LEU B 237 -3.26 -38.66 -7.45
CA LEU B 237 -4.71 -38.74 -7.38
C LEU B 237 -5.30 -38.42 -8.74
N LYS B 238 -6.28 -39.22 -9.16
CA LYS B 238 -6.99 -39.00 -10.41
C LYS B 238 -8.37 -38.43 -10.14
N THR B 239 -8.77 -37.47 -10.96
CA THR B 239 -10.07 -36.81 -10.81
C THR B 239 -10.50 -36.31 -12.17
N ILE B 240 -11.78 -35.98 -12.28
CA ILE B 240 -12.39 -35.54 -13.54
C ILE B 240 -12.87 -34.11 -13.37
N ASN B 241 -12.51 -33.26 -14.34
CA ASN B 241 -12.88 -31.85 -14.31
C ASN B 241 -14.31 -31.72 -14.83
N LEU B 242 -15.27 -31.92 -13.93
CA LEU B 242 -16.67 -31.85 -14.32
C LEU B 242 -17.13 -30.44 -14.63
N GLN B 243 -16.42 -29.42 -14.15
CA GLN B 243 -16.80 -28.04 -14.47
C GLN B 243 -16.62 -27.74 -15.94
N SER B 244 -15.85 -28.54 -16.67
CA SER B 244 -15.76 -28.36 -18.11
C SER B 244 -16.97 -29.00 -18.76
N LEU B 245 -18.15 -28.66 -18.26
CA LEU B 245 -19.42 -29.11 -18.82
C LEU B 245 -20.43 -28.00 -18.99
N ILE B 246 -20.32 -26.89 -18.24
CA ILE B 246 -21.11 -25.71 -18.53
C ILE B 246 -20.65 -25.05 -19.83
N ASN B 247 -19.42 -25.32 -20.26
CA ASN B 247 -18.89 -24.79 -21.50
C ASN B 247 -19.07 -25.74 -22.67
N ASN B 248 -19.70 -26.91 -22.44
CA ASN B 248 -20.02 -27.87 -23.48
C ASN B 248 -18.75 -28.32 -24.22
N GLU B 249 -17.83 -28.88 -23.44
CA GLU B 249 -16.54 -29.30 -23.95
C GLU B 249 -16.16 -30.73 -23.60
N ILE B 250 -16.94 -31.42 -22.77
CA ILE B 250 -16.68 -32.74 -22.21
C ILE B 250 -15.66 -32.60 -21.08
N PRO B 251 -15.74 -33.42 -20.02
CA PRO B 251 -14.74 -33.37 -18.94
C PRO B 251 -13.47 -34.13 -19.23
N ASP B 252 -12.32 -33.51 -19.00
CA ASP B 252 -11.06 -34.23 -19.12
C ASP B 252 -10.73 -34.97 -17.82
N CYS B 253 -9.81 -35.91 -17.92
CA CYS B 253 -9.33 -36.69 -16.78
C CYS B 253 -7.97 -36.16 -16.35
N TYR B 254 -7.88 -35.74 -15.09
CA TYR B 254 -6.67 -35.15 -14.54
C TYR B 254 -5.99 -36.13 -13.59
N THR B 255 -4.67 -35.98 -13.46
CA THR B 255 -3.88 -36.76 -12.51
C THR B 255 -2.98 -35.80 -11.76
N PHE B 256 -3.26 -35.60 -10.47
CA PHE B 256 -2.48 -34.70 -9.64
C PHE B 256 -1.38 -35.49 -8.93
N SER B 257 -0.14 -35.06 -9.10
CA SER B 257 1.00 -35.64 -8.41
C SER B 257 1.34 -34.74 -7.23
N VAL B 258 1.03 -35.21 -6.01
CA VAL B 258 1.12 -34.40 -4.81
C VAL B 258 2.46 -34.67 -4.13
N LEU B 259 3.16 -33.60 -3.75
CA LEU B 259 4.45 -33.69 -3.07
C LEU B 259 4.40 -32.84 -1.82
N ILE B 260 4.50 -33.48 -0.65
CA ILE B 260 4.53 -32.80 0.62
C ILE B 260 5.97 -32.86 1.14
N THR B 261 6.57 -31.71 1.37
CA THR B 261 7.98 -31.62 1.74
C THR B 261 8.11 -31.12 3.17
N PHE B 262 8.95 -31.80 3.95
CA PHE B 262 9.34 -31.38 5.29
C PHE B 262 10.83 -31.06 5.20
N ASP B 263 11.16 -29.79 5.04
CA ASP B 263 12.50 -29.37 4.63
C ASP B 263 13.34 -29.05 5.85
N ASN B 264 14.39 -29.85 6.07
CA ASN B 264 15.34 -29.64 7.16
C ASN B 264 16.74 -29.32 6.64
N LYS B 265 16.83 -28.74 5.44
CA LYS B 265 18.14 -28.46 4.87
C LYS B 265 18.90 -27.39 5.62
N ALA B 266 18.21 -26.50 6.33
CA ALA B 266 18.88 -25.44 7.07
C ALA B 266 19.42 -25.92 8.42
N HIS B 267 18.89 -27.01 8.96
CA HIS B 267 19.30 -27.55 10.25
C HIS B 267 19.23 -26.49 11.34
N SER B 268 18.16 -25.69 11.32
CA SER B 268 18.03 -24.55 12.23
C SER B 268 16.94 -24.75 13.27
N GLY B 269 16.44 -25.97 13.45
CA GLY B 269 15.39 -26.22 14.39
C GLY B 269 14.00 -25.85 13.92
N ARG B 270 13.88 -25.28 12.72
CA ARG B 270 12.60 -24.93 12.11
C ARG B 270 12.51 -25.67 10.79
N ILE B 271 11.46 -26.47 10.63
CA ILE B 271 11.27 -27.28 9.42
C ILE B 271 10.04 -26.80 8.69
N PRO B 272 10.16 -26.01 7.63
CA PRO B 272 8.99 -25.57 6.88
C PRO B 272 8.31 -26.73 6.16
N ILE B 273 7.00 -26.62 6.04
CA ILE B 273 6.18 -27.64 5.40
C ILE B 273 5.45 -27.00 4.22
N SER B 274 5.54 -27.64 3.06
CA SER B 274 4.89 -27.13 1.85
C SER B 274 4.28 -28.29 1.08
N LEU B 275 3.28 -27.95 0.26
CA LEU B 275 2.63 -28.91 -0.60
C LEU B 275 2.59 -28.35 -2.02
N GLU B 276 3.06 -29.14 -2.98
CA GLU B 276 3.06 -28.76 -4.38
C GLU B 276 2.44 -29.87 -5.20
N THR B 277 1.76 -29.49 -6.28
CA THR B 277 1.08 -30.44 -7.14
C THR B 277 1.46 -30.19 -8.60
N GLN B 278 1.54 -31.28 -9.36
CA GLN B 278 1.69 -31.21 -10.81
C GLN B 278 0.50 -31.90 -11.45
N ALA B 279 -0.18 -31.19 -12.35
CA ALA B 279 -1.39 -31.69 -12.98
C ALA B 279 -1.10 -32.15 -14.40
N HIS B 280 -1.59 -33.34 -14.75
CA HIS B 280 -1.36 -33.94 -16.06
C HIS B 280 -2.71 -34.23 -16.69
N ILE B 281 -3.07 -33.47 -17.70
CA ILE B 281 -4.37 -33.59 -18.35
C ILE B 281 -4.28 -34.61 -19.48
N GLN B 282 -5.34 -35.41 -19.62
CA GLN B 282 -5.46 -36.35 -20.72
C GLN B 282 -6.94 -36.66 -20.92
N GLU B 283 -7.26 -37.19 -22.09
CA GLU B 283 -8.64 -37.51 -22.39
C GLU B 283 -9.06 -38.77 -21.64
N CYS B 284 -10.35 -38.81 -21.28
CA CYS B 284 -10.88 -39.98 -20.61
C CYS B 284 -11.24 -41.05 -21.63
N LYS B 285 -11.40 -42.28 -21.13
CA LYS B 285 -11.67 -43.43 -21.98
C LYS B 285 -13.17 -43.58 -22.21
N HIS B 286 -13.57 -43.50 -23.48
CA HIS B 286 -14.95 -43.64 -23.95
C HIS B 286 -15.96 -42.98 -23.00
N PRO B 287 -15.89 -41.67 -22.82
CA PRO B 287 -16.85 -40.99 -21.94
C PRO B 287 -18.20 -40.82 -22.62
N SER B 288 -19.20 -40.48 -21.81
CA SER B 288 -20.57 -40.33 -22.30
C SER B 288 -21.21 -39.11 -21.64
N VAL B 289 -21.64 -38.16 -22.45
CA VAL B 289 -22.42 -37.03 -21.98
C VAL B 289 -23.75 -37.04 -22.72
N PHE B 290 -24.85 -37.06 -21.97
CA PHE B 290 -26.17 -37.18 -22.58
C PHE B 290 -26.51 -35.91 -23.35
N GLN B 291 -26.75 -36.05 -24.65
CA GLN B 291 -27.08 -34.95 -25.54
C GLN B 291 -26.09 -33.80 -25.40
N HIS B 292 -24.81 -34.13 -25.58
CA HIS B 292 -23.78 -33.10 -25.52
C HIS B 292 -23.79 -32.25 -26.78
N GLY B 293 -23.87 -32.87 -27.95
CA GLY B 293 -23.82 -32.14 -29.19
C GLY B 293 -22.39 -31.91 -29.64
N ASP B 294 -22.26 -31.16 -30.71
CA ASP B 294 -20.93 -30.86 -31.23
C ASP B 294 -20.57 -29.41 -30.93
N ASN B 295 -19.29 -29.10 -31.15
CA ASN B 295 -18.79 -27.73 -31.11
C ASN B 295 -18.50 -27.25 -32.53
N SER B 296 -19.44 -27.52 -33.44
CA SER B 296 -19.33 -27.06 -34.82
C SER B 296 -19.14 -25.56 -34.86
N PHE B 297 -19.85 -24.81 -34.02
CA PHE B 297 -19.69 -23.35 -34.02
C PHE B 297 -18.28 -22.94 -33.65
N ARG B 298 -17.71 -23.56 -32.62
CA ARG B 298 -16.35 -23.22 -32.21
C ARG B 298 -15.35 -23.59 -33.30
N LEU B 299 -15.49 -24.78 -33.88
CA LEU B 299 -14.56 -25.19 -34.94
C LEU B 299 -14.67 -24.30 -36.16
N LEU B 300 -15.90 -23.94 -36.55
CA LEU B 300 -16.10 -23.11 -37.72
C LEU B 300 -15.57 -21.70 -37.48
N PHE B 301 -15.72 -21.18 -36.25
CA PHE B 301 -15.16 -19.87 -35.95
C PHE B 301 -13.64 -19.89 -35.94
N ASP B 302 -13.04 -20.99 -35.46
CA ASP B 302 -11.59 -21.12 -35.56
C ASP B 302 -11.14 -21.15 -37.01
N VAL B 303 -11.87 -21.85 -37.87
CA VAL B 303 -11.55 -21.89 -39.29
C VAL B 303 -11.71 -20.50 -39.91
N VAL B 304 -12.74 -19.76 -39.49
CA VAL B 304 -12.97 -18.42 -40.00
C VAL B 304 -11.82 -17.49 -39.61
N VAL B 305 -11.37 -17.57 -38.36
CA VAL B 305 -10.22 -16.78 -37.92
C VAL B 305 -8.99 -17.15 -38.72
N ILE B 306 -8.77 -18.45 -38.94
CA ILE B 306 -7.61 -18.90 -39.70
C ILE B 306 -7.66 -18.34 -41.11
N LEU B 307 -8.82 -18.40 -41.76
CA LEU B 307 -8.93 -17.92 -43.14
C LEU B 307 -8.75 -16.40 -43.22
N THR B 308 -9.33 -15.66 -42.27
CA THR B 308 -9.14 -14.21 -42.26
C THR B 308 -7.68 -13.85 -42.10
N CYS B 309 -6.99 -14.49 -41.15
CA CYS B 309 -5.58 -14.20 -40.95
C CYS B 309 -4.74 -14.64 -42.13
N SER B 310 -5.15 -15.71 -42.82
CA SER B 310 -4.42 -16.16 -44.01
C SER B 310 -4.55 -15.15 -45.15
N LEU B 311 -5.76 -14.65 -45.38
CA LEU B 311 -5.94 -13.62 -46.41
C LEU B 311 -5.14 -12.37 -46.07
N SER B 312 -5.16 -11.95 -44.80
CA SER B 312 -4.39 -10.78 -44.40
C SER B 312 -2.90 -11.00 -44.60
N PHE B 313 -2.41 -12.18 -44.24
CA PHE B 313 -0.99 -12.48 -44.42
C PHE B 313 -0.61 -12.47 -45.90
N LEU B 314 -1.47 -13.04 -46.76
CA LEU B 314 -1.16 -13.07 -48.18
C LEU B 314 -1.11 -11.67 -48.76
N LEU B 315 -2.07 -10.82 -48.41
CA LEU B 315 -2.06 -9.45 -48.92
C LEU B 315 -0.83 -8.69 -48.43
N CYS B 316 -0.50 -8.85 -47.14
CA CYS B 316 0.67 -8.15 -46.60
C CYS B 316 1.96 -8.60 -47.27
N ALA B 317 2.11 -9.91 -47.52
CA ALA B 317 3.32 -10.39 -48.17
C ALA B 317 3.39 -9.92 -49.62
N ARG B 318 2.24 -9.86 -50.30
CA ARG B 318 2.22 -9.33 -51.65
C ARG B 318 2.68 -7.88 -51.68
N SER B 319 2.20 -7.07 -50.73
CA SER B 319 2.61 -5.67 -50.69
C SER B 319 4.09 -5.54 -50.36
N LEU B 320 4.61 -6.36 -49.45
CA LEU B 320 6.03 -6.34 -49.14
C LEU B 320 6.87 -6.68 -50.36
N LEU B 321 6.49 -7.72 -51.11
CA LEU B 321 7.26 -8.11 -52.28
C LEU B 321 7.17 -7.05 -53.38
N ARG B 322 6.02 -6.41 -53.52
CA ARG B 322 5.89 -5.31 -54.48
C ARG B 322 6.80 -4.16 -54.10
N GLY B 323 6.86 -3.83 -52.80
CA GLY B 323 7.75 -2.77 -52.37
C GLY B 323 9.21 -3.12 -52.58
N PHE B 324 9.58 -4.39 -52.40
CA PHE B 324 10.95 -4.81 -52.68
C PHE B 324 11.29 -4.65 -54.15
N LEU B 325 10.37 -5.06 -55.04
CA LEU B 325 10.60 -4.90 -56.46
C LEU B 325 10.75 -3.42 -56.84
N LEU B 326 9.90 -2.56 -56.28
CA LEU B 326 10.01 -1.13 -56.57
C LEU B 326 11.33 -0.57 -56.04
N GLN B 327 11.77 -1.02 -54.86
CA GLN B 327 13.05 -0.57 -54.33
C GLN B 327 14.19 -0.99 -55.25
N ASN B 328 14.16 -2.23 -55.74
CA ASN B 328 15.19 -2.69 -56.67
C ASN B 328 15.20 -1.84 -57.93
N GLU B 329 14.02 -1.57 -58.47
CA GLU B 329 13.94 -0.74 -59.68
C GLU B 329 14.51 0.65 -59.43
N PHE B 330 14.19 1.25 -58.28
CA PHE B 330 14.69 2.59 -57.98
C PHE B 330 16.19 2.60 -57.80
N VAL B 331 16.75 1.59 -57.12
CA VAL B 331 18.19 1.55 -56.92
C VAL B 331 18.90 1.33 -58.26
N GLY B 332 18.29 0.54 -59.15
CA GLY B 332 18.83 0.44 -60.50
C GLY B 332 18.81 1.77 -61.23
N PHE B 333 17.72 2.50 -61.09
CA PHE B 333 17.63 3.85 -61.65
C PHE B 333 18.77 4.73 -61.13
N MET B 334 19.02 4.69 -59.82
CA MET B 334 20.08 5.51 -59.25
C MET B 334 21.45 5.08 -59.77
N TRP B 335 21.69 3.76 -59.87
CA TRP B 335 22.97 3.29 -60.39
C TRP B 335 23.19 3.74 -61.83
N ARG B 336 22.13 3.70 -62.65
CA ARG B 336 22.25 4.19 -64.03
C ARG B 336 22.63 5.67 -64.05
N GLN B 337 21.99 6.46 -63.20
CA GLN B 337 22.26 7.89 -63.11
C GLN B 337 23.70 8.16 -62.68
N LEU B 344 23.28 2.75 -47.40
CA LEU B 344 22.21 1.79 -47.68
C LEU B 344 21.19 1.80 -46.55
N TRP B 345 20.78 3.00 -46.13
CA TRP B 345 19.85 3.17 -45.03
C TRP B 345 18.48 3.65 -45.48
N GLU B 346 18.28 3.90 -46.78
CA GLU B 346 16.99 4.31 -47.31
C GLU B 346 16.27 3.20 -48.05
N ARG B 347 17.00 2.26 -48.64
CA ARG B 347 16.36 1.12 -49.27
C ARG B 347 15.60 0.29 -48.24
N LEU B 348 16.11 0.23 -47.00
CA LEU B 348 15.34 -0.39 -45.93
C LEU B 348 14.13 0.47 -45.55
N GLU B 349 14.27 1.79 -45.65
CA GLU B 349 13.14 2.68 -45.39
C GLU B 349 12.05 2.53 -46.45
N PHE B 350 12.41 2.03 -47.64
CA PHE B 350 11.40 1.68 -48.64
C PHE B 350 10.39 0.67 -48.13
N VAL B 351 10.70 -0.03 -47.05
CA VAL B 351 9.91 -1.16 -46.58
C VAL B 351 8.93 -0.65 -45.52
N ASN B 352 7.80 -1.35 -45.38
CA ASN B 352 6.76 -0.99 -44.43
C ASN B 352 6.89 -1.89 -43.20
N GLY B 353 7.14 -1.27 -42.05
CA GLY B 353 7.21 -2.00 -40.80
C GLY B 353 5.87 -2.37 -40.22
N TRP B 354 4.81 -1.68 -40.62
CA TRP B 354 3.48 -2.12 -40.21
C TRP B 354 3.11 -3.44 -40.87
N TYR B 355 3.62 -3.70 -42.08
CA TYR B 355 3.36 -5.00 -42.69
C TYR B 355 4.17 -6.11 -42.02
N ILE B 356 5.38 -5.79 -41.53
CA ILE B 356 6.12 -6.74 -40.71
C ILE B 356 5.33 -7.06 -39.45
N LEU B 357 4.79 -6.03 -38.81
CA LEU B 357 3.98 -6.26 -37.61
C LEU B 357 2.74 -7.08 -37.94
N LEU B 358 2.10 -6.81 -39.08
CA LEU B 358 0.90 -7.53 -39.45
C LEU B 358 1.19 -9.00 -39.76
N VAL B 359 2.30 -9.29 -40.43
CA VAL B 359 2.62 -10.69 -40.71
C VAL B 359 3.03 -11.42 -39.44
N THR B 360 3.74 -10.75 -38.53
CA THR B 360 4.03 -11.36 -37.23
C THR B 360 2.73 -11.69 -36.49
N SER B 361 1.79 -10.76 -36.49
CA SER B 361 0.51 -11.00 -35.83
C SER B 361 -0.26 -12.11 -36.51
N ASP B 362 -0.21 -12.18 -37.85
CA ASP B 362 -0.91 -13.24 -38.57
C ASP B 362 -0.36 -14.61 -38.23
N VAL B 363 0.97 -14.75 -38.21
CA VAL B 363 1.54 -16.05 -37.89
C VAL B 363 1.28 -16.41 -36.43
N LEU B 364 1.31 -15.42 -35.53
CA LEU B 364 0.98 -15.71 -34.13
C LEU B 364 -0.46 -16.18 -33.99
N THR B 365 -1.39 -15.51 -34.67
CA THR B 365 -2.79 -15.90 -34.57
C THR B 365 -3.03 -17.28 -35.16
N ILE B 366 -2.38 -17.59 -36.29
CA ILE B 366 -2.57 -18.90 -36.89
C ILE B 366 -2.02 -19.99 -35.99
N SER B 367 -0.82 -19.78 -35.41
CA SER B 367 -0.26 -20.77 -34.50
C SER B 367 -1.16 -20.96 -33.28
N GLY B 368 -1.66 -19.86 -32.71
CA GLY B 368 -2.54 -19.96 -31.57
C GLY B 368 -3.83 -20.68 -31.89
N THR B 369 -4.39 -20.43 -33.07
CA THR B 369 -5.64 -21.10 -33.44
C THR B 369 -5.42 -22.59 -33.68
N ILE B 370 -4.29 -22.96 -34.30
CA ILE B 370 -4.00 -24.39 -34.47
C ILE B 370 -3.84 -25.06 -33.12
N MET B 371 -3.12 -24.41 -32.20
CA MET B 371 -2.95 -24.98 -30.87
C MET B 371 -4.29 -25.09 -30.14
N LYS B 372 -5.16 -24.10 -30.30
CA LYS B 372 -6.47 -24.15 -29.67
C LYS B 372 -7.34 -25.26 -30.25
N ILE B 373 -7.28 -25.45 -31.56
CA ILE B 373 -7.99 -26.56 -32.18
C ILE B 373 -7.48 -27.89 -31.64
N GLY B 374 -6.17 -28.00 -31.45
CA GLY B 374 -5.62 -29.21 -30.82
C GLY B 374 -6.12 -29.39 -29.40
N ILE B 375 -6.19 -28.31 -28.63
CA ILE B 375 -6.67 -28.38 -27.25
C ILE B 375 -8.11 -28.88 -27.23
N GLU B 376 -8.96 -28.34 -28.11
CA GLU B 376 -10.36 -28.75 -28.12
C GLU B 376 -10.54 -30.15 -28.71
N ALA B 377 -9.62 -30.58 -29.56
CA ALA B 377 -9.60 -31.95 -30.05
C ALA B 377 -8.88 -32.91 -29.12
N LYS B 378 -8.43 -32.43 -27.95
CA LYS B 378 -7.91 -33.23 -26.83
C LYS B 378 -6.51 -33.80 -27.06
N ASN B 379 -5.73 -33.29 -28.00
CA ASN B 379 -4.41 -33.84 -28.25
C ASN B 379 -3.32 -33.08 -27.50
N LEU B 380 -3.33 -31.75 -27.60
CA LEU B 380 -2.28 -30.90 -27.03
C LEU B 380 -2.88 -30.07 -25.92
N ALA B 381 -2.47 -30.34 -24.69
CA ALA B 381 -2.91 -29.57 -23.52
C ALA B 381 -1.80 -28.59 -23.12
N SER B 382 -1.73 -27.48 -23.86
CA SER B 382 -0.80 -26.39 -23.53
C SER B 382 -1.63 -25.10 -23.51
N TYR B 383 -2.31 -24.90 -22.39
CA TYR B 383 -3.16 -23.71 -22.23
C TYR B 383 -2.33 -22.45 -22.06
N ASP B 384 -1.19 -22.53 -21.38
CA ASP B 384 -0.36 -21.34 -21.20
C ASP B 384 0.23 -20.89 -22.53
N VAL B 385 0.74 -21.83 -23.32
CA VAL B 385 1.30 -21.48 -24.63
C VAL B 385 0.22 -20.92 -25.54
N CYS B 386 -0.95 -21.59 -25.58
CA CYS B 386 -2.03 -21.10 -26.43
C CYS B 386 -2.49 -19.72 -26.02
N SER B 387 -2.61 -19.48 -24.71
CA SER B 387 -3.04 -18.18 -24.21
C SER B 387 -2.03 -17.10 -24.52
N ILE B 388 -0.74 -17.40 -24.37
CA ILE B 388 0.28 -16.40 -24.66
C ILE B 388 0.28 -16.04 -26.13
N LEU B 389 0.20 -17.05 -27.01
CA LEU B 389 0.14 -16.76 -28.44
C LEU B 389 -1.08 -15.91 -28.78
N LEU B 390 -2.26 -16.32 -28.31
CA LEU B 390 -3.48 -15.60 -28.68
C LEU B 390 -3.50 -14.18 -28.10
N GLY B 391 -3.04 -14.00 -26.87
CA GLY B 391 -3.04 -12.68 -26.27
C GLY B 391 -2.05 -11.75 -26.95
N THR B 392 -0.85 -12.24 -27.27
CA THR B 392 0.10 -11.41 -27.99
C THR B 392 -0.43 -11.03 -29.37
N SER B 393 -1.07 -11.99 -30.05
CA SER B 393 -1.64 -11.68 -31.36
C SER B 393 -2.76 -10.66 -31.26
N THR B 394 -3.60 -10.76 -30.22
CA THR B 394 -4.65 -9.76 -30.04
C THR B 394 -4.07 -8.38 -29.76
N LEU B 395 -3.04 -8.30 -28.92
CA LEU B 395 -2.41 -7.02 -28.66
C LEU B 395 -1.83 -6.41 -29.92
N LEU B 396 -1.13 -7.21 -30.73
CA LEU B 396 -0.56 -6.69 -31.97
C LEU B 396 -1.64 -6.30 -32.95
N VAL B 397 -2.73 -7.06 -32.99
CA VAL B 397 -3.84 -6.75 -33.90
C VAL B 397 -4.48 -5.41 -33.54
N TRP B 398 -4.67 -5.17 -32.25
CA TRP B 398 -5.23 -3.88 -31.82
C TRP B 398 -4.26 -2.74 -32.08
N VAL B 399 -2.96 -2.98 -31.86
CA VAL B 399 -1.97 -1.94 -32.10
C VAL B 399 -1.88 -1.59 -33.58
N GLY B 400 -2.13 -2.57 -34.46
CA GLY B 400 -1.93 -2.34 -35.88
C GLY B 400 -2.90 -1.41 -36.57
N VAL B 401 -3.87 -0.83 -35.85
CA VAL B 401 -4.77 0.13 -36.48
C VAL B 401 -4.23 1.55 -36.43
N ILE B 402 -3.18 1.81 -35.65
CA ILE B 402 -2.50 3.10 -35.72
C ILE B 402 -1.94 3.33 -37.11
N ARG B 403 -1.74 2.25 -37.87
CA ARG B 403 -1.25 2.36 -39.24
C ARG B 403 -2.11 3.29 -40.08
N TYR B 404 -3.42 3.32 -39.84
CA TYR B 404 -4.32 4.18 -40.58
C TYR B 404 -4.49 5.54 -39.94
N LEU B 405 -3.82 5.80 -38.81
CA LEU B 405 -3.76 7.13 -38.22
C LEU B 405 -2.45 7.83 -38.51
N THR B 406 -1.48 7.14 -39.11
CA THR B 406 -0.19 7.74 -39.40
C THR B 406 -0.28 8.80 -40.49
N PHE B 407 -1.20 8.63 -41.44
CA PHE B 407 -1.29 9.53 -42.58
C PHE B 407 -1.85 10.89 -42.22
N PHE B 408 -2.64 10.99 -41.16
CA PHE B 408 -3.41 12.20 -40.92
C PHE B 408 -2.56 13.35 -40.40
N HIS B 409 -1.44 13.04 -39.73
CA HIS B 409 -0.46 14.01 -39.26
C HIS B 409 -1.01 14.82 -38.09
N ASN B 410 -2.27 14.59 -37.73
CA ASN B 410 -2.85 15.10 -36.50
C ASN B 410 -3.06 14.01 -35.46
N TYR B 411 -2.99 12.74 -35.85
CA TYR B 411 -3.27 11.63 -34.96
C TYR B 411 -2.06 10.77 -34.64
N ASN B 412 -0.94 10.97 -35.34
CA ASN B 412 0.25 10.13 -35.18
C ASN B 412 1.34 10.88 -34.40
N ILE B 413 0.92 11.71 -33.44
CA ILE B 413 1.88 12.42 -32.61
C ILE B 413 2.76 11.44 -31.85
N LEU B 414 2.15 10.38 -31.30
CA LEU B 414 2.92 9.39 -30.56
C LEU B 414 3.94 8.70 -31.46
N ILE B 415 3.52 8.28 -32.66
CA ILE B 415 4.41 7.54 -33.53
C ILE B 415 5.57 8.42 -34.00
N ALA B 416 5.27 9.66 -34.41
CA ALA B 416 6.33 10.56 -34.86
C ALA B 416 7.29 10.90 -33.73
N THR B 417 6.75 11.18 -32.54
CA THR B 417 7.60 11.50 -31.40
C THR B 417 8.51 10.33 -31.05
N LEU B 418 7.98 9.11 -31.08
CA LEU B 418 8.81 7.94 -30.80
C LEU B 418 9.88 7.74 -31.87
N ARG B 419 9.50 7.92 -33.14
CA ARG B 419 10.47 7.75 -34.22
C ARG B 419 11.62 8.74 -34.09
N VAL B 420 11.32 9.97 -33.64
CA VAL B 420 12.40 10.95 -33.47
C VAL B 420 13.19 10.68 -32.20
N ALA B 421 12.53 10.24 -31.13
CA ALA B 421 13.15 10.15 -29.82
C ALA B 421 13.90 8.84 -29.58
N LEU B 422 13.71 7.83 -30.42
CA LEU B 422 14.27 6.52 -30.11
C LEU B 422 15.80 6.49 -29.99
N PRO B 423 16.59 7.08 -30.89
CA PRO B 423 18.05 6.94 -30.74
C PRO B 423 18.62 7.58 -29.49
N SER B 424 18.20 8.81 -29.18
CA SER B 424 18.67 9.46 -27.96
C SER B 424 18.29 8.67 -26.72
N VAL B 425 17.07 8.13 -26.72
CA VAL B 425 16.64 7.27 -25.62
C VAL B 425 17.53 6.03 -25.53
N MET B 426 17.93 5.48 -26.68
CA MET B 426 18.78 4.30 -26.67
C MET B 426 20.15 4.60 -26.06
N ARG B 427 20.74 5.75 -26.39
CA ARG B 427 22.04 6.10 -25.82
C ARG B 427 21.94 6.40 -24.32
N PHE B 428 20.94 7.21 -23.94
CA PHE B 428 20.69 7.47 -22.54
C PHE B 428 20.51 6.16 -21.76
N CYS B 429 19.81 5.20 -22.36
CA CYS B 429 19.66 3.89 -21.74
C CYS B 429 20.99 3.13 -21.73
N CYS B 430 21.85 3.33 -22.72
CA CYS B 430 23.16 2.70 -22.69
C CYS B 430 23.94 3.10 -21.44
N CYS B 431 23.76 4.34 -20.98
CA CYS B 431 24.44 4.74 -19.74
C CYS B 431 23.66 4.31 -18.49
N VAL B 432 22.36 4.59 -18.47
CA VAL B 432 21.54 4.26 -17.32
C VAL B 432 21.50 2.77 -17.08
N ALA B 433 21.80 1.95 -18.10
CA ALA B 433 21.79 0.51 -17.93
C ALA B 433 22.94 0.04 -17.05
N VAL B 434 24.14 0.58 -17.26
CA VAL B 434 25.25 0.19 -16.39
C VAL B 434 25.02 0.72 -14.98
N ILE B 435 24.46 1.93 -14.86
CA ILE B 435 24.17 2.44 -13.51
C ILE B 435 23.16 1.52 -12.81
N TYR B 436 22.09 1.17 -13.52
CA TYR B 436 21.02 0.36 -12.94
C TYR B 436 21.50 -1.04 -12.61
N LEU B 437 22.36 -1.62 -13.44
CA LEU B 437 22.86 -2.97 -13.17
C LEU B 437 23.79 -2.98 -11.97
N GLY B 438 24.65 -1.96 -11.84
CA GLY B 438 25.46 -1.87 -10.63
C GLY B 438 24.60 -1.81 -9.38
N TYR B 439 23.56 -0.97 -9.42
CA TYR B 439 22.69 -0.86 -8.26
C TYR B 439 21.95 -2.18 -7.99
N CYS B 440 21.52 -2.87 -9.06
CA CYS B 440 20.79 -4.12 -8.88
C CYS B 440 21.66 -5.18 -8.23
N PHE B 441 22.88 -5.36 -8.73
CA PHE B 441 23.76 -6.37 -8.14
C PHE B 441 24.10 -6.05 -6.70
N CYS B 442 24.45 -4.78 -6.43
CA CYS B 442 24.79 -4.41 -5.06
C CYS B 442 23.62 -4.65 -4.12
N GLY B 443 22.43 -4.17 -4.49
CA GLY B 443 21.27 -4.37 -3.64
C GLY B 443 20.97 -5.84 -3.43
N TRP B 444 20.92 -6.61 -4.51
CA TRP B 444 20.68 -8.04 -4.39
C TRP B 444 21.59 -8.69 -3.36
N ILE B 445 22.91 -8.59 -3.58
CA ILE B 445 23.81 -9.37 -2.74
C ILE B 445 23.84 -8.84 -1.32
N VAL B 446 23.79 -7.53 -1.12
CA VAL B 446 23.98 -7.01 0.24
C VAL B 446 22.68 -7.07 1.03
N LEU B 447 21.59 -6.52 0.49
CA LEU B 447 20.35 -6.42 1.24
C LEU B 447 19.44 -7.64 1.07
N GLY B 448 19.80 -8.60 0.22
CA GLY B 448 18.97 -9.76 -0.01
C GLY B 448 18.67 -10.60 1.21
N PRO B 449 19.70 -10.94 1.99
CA PRO B 449 19.45 -11.72 3.21
C PRO B 449 18.58 -11.02 4.23
N TYR B 450 18.53 -9.68 4.22
CA TYR B 450 17.80 -8.92 5.22
C TYR B 450 16.50 -8.32 4.73
N HIS B 451 16.39 -8.00 3.44
CA HIS B 451 15.22 -7.32 2.90
C HIS B 451 14.34 -8.31 2.15
N VAL B 452 13.03 -8.24 2.39
CA VAL B 452 12.11 -9.18 1.76
C VAL B 452 11.90 -8.87 0.28
N LYS B 453 12.21 -7.67 -0.17
CA LYS B 453 12.01 -7.26 -1.55
C LYS B 453 13.28 -7.35 -2.38
N PHE B 454 14.36 -7.91 -1.83
CA PHE B 454 15.63 -8.07 -2.52
C PHE B 454 16.08 -9.52 -2.57
N ARG B 455 15.15 -10.47 -2.43
CA ARG B 455 15.54 -11.87 -2.28
C ARG B 455 16.19 -12.43 -3.55
N SER B 456 15.65 -12.08 -4.71
CA SER B 456 16.17 -12.58 -5.98
C SER B 456 16.45 -11.40 -6.91
N LEU B 457 17.15 -11.68 -8.00
CA LEU B 457 17.57 -10.61 -8.91
C LEU B 457 16.37 -9.98 -9.62
N SER B 458 15.42 -10.80 -10.07
CA SER B 458 14.22 -10.25 -10.68
C SER B 458 13.43 -9.43 -9.67
N MET B 459 13.37 -9.87 -8.42
CA MET B 459 12.68 -9.11 -7.39
C MET B 459 13.37 -7.78 -7.13
N VAL B 460 14.70 -7.78 -7.16
CA VAL B 460 15.45 -6.52 -7.00
C VAL B 460 15.15 -5.58 -8.15
N SER B 461 15.11 -6.11 -9.37
CA SER B 461 14.80 -5.27 -10.52
C SER B 461 13.40 -4.69 -10.41
N GLU B 462 12.43 -5.50 -10.00
CA GLU B 462 11.06 -5.01 -9.81
C GLU B 462 11.01 -3.93 -8.73
N CYS B 463 11.70 -4.15 -7.61
CA CYS B 463 11.69 -3.19 -6.51
C CYS B 463 12.28 -1.85 -6.95
N LEU B 464 13.42 -1.90 -7.64
CA LEU B 464 14.06 -0.66 -8.06
C LEU B 464 13.24 0.05 -9.13
N PHE B 465 12.64 -0.70 -10.06
CA PHE B 465 11.81 -0.10 -11.09
C PHE B 465 10.56 0.54 -10.48
N SER B 466 10.02 -0.07 -9.42
CA SER B 466 8.90 0.55 -8.71
C SER B 466 9.33 1.78 -7.94
N LEU B 467 10.55 1.76 -7.38
CA LEU B 467 11.04 2.92 -6.64
C LEU B 467 11.26 4.11 -7.56
N ILE B 468 11.71 3.85 -8.80
CA ILE B 468 11.87 4.94 -9.76
C ILE B 468 10.55 5.64 -10.01
N ASN B 469 9.43 4.91 -9.96
CA ASN B 469 8.12 5.50 -10.13
C ASN B 469 7.46 5.88 -8.80
N GLY B 470 8.24 5.91 -7.72
CA GLY B 470 7.72 6.34 -6.45
C GLY B 470 6.71 5.40 -5.81
N ASP B 471 6.96 4.10 -5.85
CA ASP B 471 6.04 3.10 -5.31
C ASP B 471 6.70 2.35 -4.16
N ASP B 472 5.96 2.17 -3.07
CA ASP B 472 6.39 1.37 -1.92
C ASP B 472 7.68 1.90 -1.29
N MET B 473 7.88 3.22 -1.35
CA MET B 473 9.12 3.80 -0.87
C MET B 473 9.26 3.63 0.64
N PHE B 474 8.22 3.99 1.40
CA PHE B 474 8.31 3.89 2.85
C PHE B 474 8.36 2.45 3.31
N VAL B 475 7.64 1.54 2.64
CA VAL B 475 7.73 0.13 2.99
C VAL B 475 9.14 -0.39 2.76
N THR B 476 9.76 0.01 1.65
CA THR B 476 11.13 -0.40 1.38
C THR B 476 12.08 0.16 2.44
N PHE B 477 11.87 1.40 2.86
CA PHE B 477 12.71 1.99 3.90
C PHE B 477 12.52 1.28 5.24
N ALA B 478 11.28 0.95 5.59
CA ALA B 478 10.96 0.42 6.91
C ALA B 478 11.16 -1.08 7.03
N ALA B 479 11.40 -1.78 5.92
CA ALA B 479 11.71 -3.20 6.07
C ALA B 479 13.08 -3.45 6.73
N MET B 480 13.80 -2.41 7.14
CA MET B 480 15.08 -2.56 7.83
C MET B 480 15.08 -1.93 9.22
N GLN B 481 13.93 -1.47 9.72
CA GLN B 481 13.88 -0.95 11.08
C GLN B 481 14.19 -2.05 12.10
N ALA B 482 13.89 -3.31 11.76
CA ALA B 482 14.30 -4.42 12.61
C ALA B 482 15.81 -4.58 12.62
N GLN B 483 16.46 -4.33 11.49
CA GLN B 483 17.92 -4.41 11.41
C GLN B 483 18.62 -3.15 11.88
N GLN B 484 17.88 -2.10 12.19
CA GLN B 484 18.53 -0.91 12.77
C GLN B 484 19.24 -1.28 14.07
N GLY B 485 18.63 -2.12 14.89
CA GLY B 485 19.23 -2.52 16.15
C GLY B 485 20.29 -3.59 16.00
N ARG B 486 19.99 -4.64 15.24
CA ARG B 486 20.94 -5.71 14.95
C ARG B 486 21.40 -5.59 13.50
N SER B 487 22.72 -5.56 13.31
CA SER B 487 23.35 -5.18 12.05
C SER B 487 23.04 -3.72 11.72
N SER B 488 23.42 -2.82 12.63
CA SER B 488 23.26 -1.39 12.38
C SER B 488 24.08 -0.93 11.19
N LEU B 489 25.21 -1.59 10.91
CA LEU B 489 26.00 -1.24 9.74
C LEU B 489 25.23 -1.54 8.46
N VAL B 490 24.57 -2.69 8.39
CA VAL B 490 23.75 -3.01 7.23
C VAL B 490 22.56 -2.06 7.14
N TRP B 491 21.99 -1.68 8.28
CA TRP B 491 20.89 -0.71 8.24
C TRP B 491 21.34 0.63 7.68
N LEU B 492 22.51 1.12 8.11
CA LEU B 492 23.02 2.38 7.61
C LEU B 492 23.36 2.29 6.12
N PHE B 493 23.93 1.16 5.69
CA PHE B 493 24.18 0.96 4.27
C PHE B 493 22.88 0.97 3.48
N SER B 494 21.82 0.36 4.02
CA SER B 494 20.54 0.38 3.34
C SER B 494 20.00 1.79 3.23
N GLN B 495 20.13 2.58 4.30
CA GLN B 495 19.70 3.98 4.23
C GLN B 495 20.42 4.73 3.12
N LEU B 496 21.75 4.64 3.09
CA LEU B 496 22.51 5.35 2.06
C LEU B 496 22.17 4.85 0.67
N TYR B 497 22.06 3.53 0.50
CA TYR B 497 21.76 2.94 -0.79
C TYR B 497 20.41 3.42 -1.31
N LEU B 498 19.38 3.35 -0.47
CA LEU B 498 18.05 3.75 -0.92
C LEU B 498 17.98 5.24 -1.21
N TYR B 499 18.53 6.08 -0.33
CA TYR B 499 18.48 7.51 -0.57
C TYR B 499 19.20 7.88 -1.86
N SER B 500 20.40 7.34 -2.06
CA SER B 500 21.18 7.66 -3.25
C SER B 500 20.45 7.21 -4.51
N PHE B 501 19.97 5.97 -4.53
CA PHE B 501 19.29 5.47 -5.72
C PHE B 501 18.05 6.30 -6.03
N ILE B 502 17.24 6.58 -5.01
CA ILE B 502 15.99 7.29 -5.24
C ILE B 502 16.28 8.69 -5.77
N SER B 503 17.19 9.41 -5.13
CA SER B 503 17.52 10.77 -5.60
C SER B 503 18.04 10.75 -7.03
N LEU B 504 19.06 9.92 -7.28
CA LEU B 504 19.72 9.93 -8.59
C LEU B 504 18.76 9.54 -9.70
N PHE B 505 17.89 8.56 -9.46
CA PHE B 505 17.06 8.07 -10.56
C PHE B 505 15.75 8.82 -10.72
N ILE B 506 15.10 9.23 -9.63
CA ILE B 506 13.86 9.97 -9.79
C ILE B 506 14.14 11.40 -10.24
N TYR B 507 15.18 12.04 -9.69
CA TYR B 507 15.34 13.46 -9.91
C TYR B 507 16.29 13.81 -11.05
N MET B 508 17.34 13.01 -11.28
CA MET B 508 18.30 13.31 -12.34
C MET B 508 18.05 12.51 -13.62
N VAL B 509 17.83 11.21 -13.51
CA VAL B 509 17.77 10.36 -14.70
C VAL B 509 16.40 10.43 -15.36
N LEU B 510 15.34 10.22 -14.58
CA LEU B 510 13.99 10.22 -15.14
C LEU B 510 13.64 11.58 -15.73
N SER B 511 14.12 12.66 -15.10
CA SER B 511 13.89 13.99 -15.62
C SER B 511 14.50 14.15 -17.02
N LEU B 512 15.72 13.64 -17.21
CA LEU B 512 16.35 13.74 -18.52
C LEU B 512 15.70 12.84 -19.54
N PHE B 513 15.21 11.67 -19.12
CA PHE B 513 14.45 10.81 -20.03
C PHE B 513 13.21 11.53 -20.56
N ILE B 514 12.41 12.08 -19.64
CA ILE B 514 11.21 12.81 -20.04
C ILE B 514 11.58 14.03 -20.86
N ALA B 515 12.72 14.66 -20.54
CA ALA B 515 13.16 15.82 -21.30
C ALA B 515 13.50 15.44 -22.73
N LEU B 516 14.15 14.30 -22.93
CA LEU B 516 14.43 13.83 -24.29
C LEU B 516 13.14 13.60 -25.06
N ILE B 517 12.17 12.93 -24.43
CA ILE B 517 10.93 12.61 -25.13
C ILE B 517 10.17 13.89 -25.48
N THR B 518 10.07 14.83 -24.53
CA THR B 518 9.35 16.07 -24.82
C THR B 518 10.11 16.97 -25.78
N GLY B 519 11.45 16.91 -25.80
CA GLY B 519 12.18 17.66 -26.80
C GLY B 519 11.97 17.12 -28.20
N ALA B 520 11.89 15.79 -28.33
CA ALA B 520 11.53 15.21 -29.61
C ALA B 520 10.13 15.62 -30.03
N TYR B 521 9.20 15.68 -29.07
CA TYR B 521 7.86 16.17 -29.39
C TYR B 521 7.90 17.61 -29.86
N ASP B 522 8.69 18.46 -29.20
CA ASP B 522 8.79 19.85 -29.61
C ASP B 522 9.39 19.97 -31.00
N THR B 523 10.33 19.09 -31.34
CA THR B 523 10.85 19.04 -32.71
C THR B 523 9.75 18.67 -33.69
N ILE B 524 8.93 17.69 -33.34
CA ILE B 524 7.89 17.20 -34.25
C ILE B 524 6.84 18.27 -34.48
N LYS B 525 6.36 18.91 -33.41
CA LYS B 525 5.22 19.82 -33.54
C LYS B 525 5.55 21.10 -34.29
N HIS B 526 6.82 21.39 -34.53
CA HIS B 526 7.19 22.56 -35.32
C HIS B 526 7.57 22.15 -36.75
N LEU C 41 54.24 19.80 -26.76
CA LEU C 41 53.65 20.14 -25.47
C LEU C 41 52.14 20.31 -25.61
N ARG C 42 51.72 21.14 -26.57
CA ARG C 42 50.30 21.21 -26.89
C ARG C 42 49.81 19.91 -27.52
N ARG C 43 50.64 19.28 -28.36
CA ARG C 43 50.30 17.95 -28.84
C ARG C 43 50.37 16.92 -27.71
N ARG C 44 51.21 17.17 -26.71
CA ARG C 44 51.20 16.32 -25.51
C ARG C 44 49.86 16.43 -24.80
N LEU C 45 49.34 17.64 -24.65
CA LEU C 45 48.01 17.83 -24.05
C LEU C 45 46.94 17.17 -24.91
N LYS C 46 47.04 17.32 -26.23
CA LYS C 46 46.13 16.64 -27.15
C LYS C 46 46.12 15.14 -26.88
N TYR C 47 47.31 14.53 -26.80
CA TYR C 47 47.40 13.11 -26.55
C TYR C 47 46.85 12.74 -25.17
N PHE C 48 47.14 13.56 -24.16
CA PHE C 48 46.70 13.27 -22.80
C PHE C 48 45.19 13.36 -22.63
N PHE C 49 44.51 14.24 -23.38
CA PHE C 49 43.07 14.39 -23.30
C PHE C 49 42.33 13.69 -24.43
N MET C 50 43.03 12.99 -25.32
CA MET C 50 42.40 12.22 -26.38
C MET C 50 41.56 11.08 -25.81
N SER C 51 40.52 10.70 -26.57
CA SER C 51 39.69 9.55 -26.23
C SER C 51 40.44 8.25 -26.52
N PRO C 52 39.98 7.11 -25.98
CA PRO C 52 40.74 5.86 -26.23
C PRO C 52 40.83 5.48 -27.70
N CYS C 53 39.74 5.67 -28.45
CA CYS C 53 39.73 5.27 -29.86
C CYS C 53 40.68 6.13 -30.68
N ASP C 54 40.66 7.46 -30.49
CA ASP C 54 41.60 8.32 -31.18
C ASP C 54 43.03 8.15 -30.68
N LYS C 55 43.20 7.74 -29.42
CA LYS C 55 44.52 7.36 -28.94
C LYS C 55 45.05 6.15 -29.70
N PHE C 56 44.20 5.15 -29.93
CA PHE C 56 44.58 3.99 -30.73
C PHE C 56 44.87 4.36 -32.17
N ARG C 57 44.09 5.29 -32.72
CA ARG C 57 44.40 5.81 -34.05
C ARG C 57 45.76 6.51 -34.06
N ALA C 58 46.07 7.25 -33.01
CA ALA C 58 47.31 8.02 -32.96
C ALA C 58 48.54 7.11 -32.89
N LYS C 59 48.62 6.27 -31.85
CA LYS C 59 49.83 5.50 -31.61
C LYS C 59 49.63 3.99 -31.75
N GLY C 60 48.52 3.57 -32.33
CA GLY C 60 48.22 2.14 -32.40
C GLY C 60 48.27 1.45 -31.06
N ARG C 61 47.86 2.15 -30.01
CA ARG C 61 47.96 1.65 -28.64
C ARG C 61 46.68 0.89 -28.30
N LYS C 62 46.81 -0.39 -28.00
CA LYS C 62 45.68 -1.15 -27.51
C LYS C 62 45.29 -0.66 -26.12
N PRO C 63 44.02 -0.32 -25.87
CA PRO C 63 43.62 0.17 -24.54
C PRO C 63 43.68 -0.92 -23.48
N CYS C 64 44.88 -1.22 -23.01
CA CYS C 64 45.05 -2.19 -21.92
C CYS C 64 44.21 -1.80 -20.71
N LYS C 65 44.15 -0.52 -20.39
CA LYS C 65 43.30 -0.06 -19.30
C LYS C 65 41.85 -0.45 -19.54
N LEU C 66 41.35 -0.23 -20.76
CA LEU C 66 39.97 -0.58 -21.09
C LEU C 66 39.74 -2.08 -20.99
N MET C 67 40.70 -2.89 -21.46
CA MET C 67 40.58 -4.34 -21.34
C MET C 67 40.54 -4.77 -19.88
N LEU C 68 41.40 -4.17 -19.06
CA LEU C 68 41.41 -4.47 -17.63
C LEU C 68 40.07 -4.11 -16.99
N GLN C 69 39.52 -2.95 -17.35
CA GLN C 69 38.20 -2.58 -16.82
C GLN C 69 37.14 -3.59 -17.26
N VAL C 70 37.19 -4.01 -18.52
CA VAL C 70 36.14 -4.92 -19.03
C VAL C 70 36.19 -6.24 -18.29
N VAL C 71 37.39 -6.81 -18.12
CA VAL C 71 37.47 -8.06 -17.36
C VAL C 71 37.19 -7.82 -15.88
N LYS C 72 37.45 -6.61 -15.38
CA LYS C 72 37.18 -6.27 -13.99
C LYS C 72 35.68 -6.27 -13.70
N ILE C 73 34.88 -5.83 -14.68
CA ILE C 73 33.42 -5.84 -14.52
C ILE C 73 32.93 -7.24 -14.24
N LEU C 74 33.47 -8.23 -14.94
CA LEU C 74 33.01 -9.61 -14.77
C LEU C 74 33.58 -10.22 -13.50
N VAL C 75 34.88 -10.03 -13.24
CA VAL C 75 35.48 -10.71 -12.10
C VAL C 75 34.90 -10.20 -10.79
N VAL C 76 34.67 -8.89 -10.67
CA VAL C 76 34.17 -8.35 -9.41
C VAL C 76 32.74 -8.82 -9.15
N THR C 77 31.90 -8.84 -10.19
CA THR C 77 30.52 -9.27 -10.02
C THR C 77 30.44 -10.76 -9.69
N VAL C 78 31.26 -11.58 -10.36
CA VAL C 78 31.26 -13.00 -10.06
C VAL C 78 31.71 -13.25 -8.63
N GLN C 79 32.74 -12.53 -8.17
CA GLN C 79 33.18 -12.68 -6.79
C GLN C 79 32.10 -12.24 -5.82
N LEU C 80 31.38 -11.16 -6.14
CA LEU C 80 30.31 -10.70 -5.27
C LEU C 80 29.22 -11.76 -5.12
N ILE C 81 28.83 -12.39 -6.23
CA ILE C 81 27.81 -13.44 -6.15
C ILE C 81 28.31 -14.63 -5.34
N LEU C 82 29.55 -15.05 -5.59
CA LEU C 82 30.10 -16.20 -4.87
C LEU C 82 30.16 -15.95 -3.37
N PHE C 83 30.53 -14.73 -2.96
CA PHE C 83 30.48 -14.39 -1.54
C PHE C 83 29.05 -14.34 -1.03
N GLY C 84 28.13 -13.80 -1.84
CA GLY C 84 26.75 -13.70 -1.42
C GLY C 84 26.15 -15.04 -1.07
N LEU C 85 26.61 -16.11 -1.71
CA LEU C 85 26.17 -17.45 -1.33
C LEU C 85 26.39 -17.72 0.17
N SER C 86 27.64 -17.54 0.61
CA SER C 86 27.97 -17.82 2.02
C SER C 86 27.31 -16.81 2.95
N ASN C 87 27.23 -15.55 2.53
CA ASN C 87 26.54 -14.55 3.34
C ASN C 87 25.08 -14.94 3.56
N GLN C 88 24.40 -15.41 2.51
CA GLN C 88 23.03 -15.87 2.63
C GLN C 88 22.94 -17.05 3.58
N LEU C 89 23.88 -18.00 3.47
CA LEU C 89 23.86 -19.14 4.39
C LEU C 89 23.93 -18.69 5.84
N ALA C 90 24.87 -17.80 6.16
CA ALA C 90 25.05 -17.38 7.55
C ALA C 90 23.84 -16.62 8.07
N VAL C 91 23.35 -15.66 7.29
CA VAL C 91 22.20 -14.86 7.73
C VAL C 91 20.97 -15.74 7.90
N THR C 92 20.77 -16.68 6.97
CA THR C 92 19.64 -17.59 7.08
C THR C 92 19.72 -18.44 8.34
N PHE C 93 20.93 -18.97 8.64
CA PHE C 93 21.07 -19.76 9.85
C PHE C 93 20.70 -18.94 11.08
N ARG C 94 21.22 -17.72 11.18
CA ARG C 94 20.93 -16.89 12.35
C ARG C 94 19.43 -16.61 12.47
N GLU C 95 18.80 -16.15 11.39
CA GLU C 95 17.40 -15.74 11.48
C GLU C 95 16.48 -16.94 11.75
N GLU C 96 16.74 -18.07 11.09
CA GLU C 96 15.88 -19.22 11.31
C GLU C 96 16.05 -19.77 12.73
N ASN C 97 17.26 -19.74 13.26
CA ASN C 97 17.45 -20.15 14.65
C ASN C 97 16.72 -19.22 15.61
N THR C 98 16.73 -17.92 15.33
CA THR C 98 16.01 -16.99 16.19
C THR C 98 14.51 -17.26 16.14
N ILE C 99 13.97 -17.54 14.95
CA ILE C 99 12.54 -17.83 14.82
C ILE C 99 12.19 -19.11 15.59
N ALA C 100 13.02 -20.14 15.45
CA ALA C 100 12.78 -21.38 16.18
C ALA C 100 12.82 -21.16 17.68
N PHE C 101 13.76 -20.32 18.15
CA PHE C 101 13.82 -20.02 19.57
C PHE C 101 12.56 -19.31 20.04
N ARG C 102 12.06 -18.36 19.24
CA ARG C 102 10.82 -17.68 19.62
C ARG C 102 9.67 -18.67 19.75
N HIS C 103 9.50 -19.54 18.75
CA HIS C 103 8.39 -20.49 18.80
C HIS C 103 8.57 -21.52 19.92
N LEU C 104 9.82 -21.84 20.27
CA LEU C 104 10.06 -22.81 21.33
C LEU C 104 9.83 -22.24 22.72
N PHE C 105 10.29 -21.01 22.97
CA PHE C 105 10.36 -20.49 24.33
C PHE C 105 9.26 -19.49 24.67
N LEU C 106 8.61 -18.88 23.69
CA LEU C 106 7.55 -17.91 23.98
C LEU C 106 6.20 -18.63 23.95
N LEU C 107 5.48 -18.56 25.06
CA LEU C 107 4.22 -19.29 25.21
C LEU C 107 3.12 -18.58 24.43
N GLY C 108 2.45 -19.31 23.54
CA GLY C 108 1.40 -18.73 22.74
C GLY C 108 1.87 -17.85 21.60
N TYR C 109 3.16 -17.90 21.26
CA TYR C 109 3.68 -17.09 20.18
C TYR C 109 3.27 -17.64 18.83
N SER C 110 2.87 -16.74 17.93
CA SER C 110 2.55 -17.08 16.56
C SER C 110 3.33 -16.16 15.62
N ASP C 111 3.55 -16.62 14.39
CA ASP C 111 4.29 -15.83 13.43
C ASP C 111 3.60 -14.50 13.16
N GLY C 112 4.39 -13.46 12.98
CA GLY C 112 3.91 -12.12 13.13
C GLY C 112 3.90 -11.78 14.61
N ALA C 113 3.32 -10.63 14.93
CA ALA C 113 3.09 -10.22 16.32
C ALA C 113 4.36 -10.32 17.17
N ASP C 114 5.50 -9.97 16.57
CA ASP C 114 6.71 -9.81 17.36
C ASP C 114 6.55 -8.66 18.33
N ASP C 115 5.90 -7.59 17.90
CA ASP C 115 5.36 -6.58 18.80
C ASP C 115 3.92 -6.99 19.16
N THR C 116 3.21 -6.18 19.94
CA THR C 116 1.88 -6.52 20.42
C THR C 116 1.83 -7.93 21.00
N PHE C 117 2.89 -8.34 21.69
CA PHE C 117 2.94 -9.63 22.36
C PHE C 117 3.35 -9.37 23.80
N ALA C 118 2.40 -9.52 24.72
CA ALA C 118 2.62 -9.07 26.08
C ALA C 118 1.85 -9.96 27.05
N ALA C 119 2.09 -9.74 28.33
CA ALA C 119 1.31 -10.35 29.39
C ALA C 119 0.48 -9.27 30.07
N TYR C 120 -0.75 -9.63 30.44
CA TYR C 120 -1.66 -8.68 31.07
C TYR C 120 -2.16 -9.14 32.42
N THR C 121 -1.91 -10.38 32.81
CA THR C 121 -2.25 -10.84 34.15
C THR C 121 -1.03 -11.51 34.79
N ARG C 122 -1.04 -11.54 36.12
CA ARG C 122 0.03 -12.17 36.86
C ARG C 122 0.18 -13.64 36.47
N GLU C 123 -0.94 -14.33 36.27
CA GLU C 123 -0.88 -15.73 35.88
C GLU C 123 -0.28 -15.89 34.49
N GLN C 124 -0.61 -14.97 33.56
CA GLN C 124 0.00 -15.01 32.24
C GLN C 124 1.51 -14.83 32.34
N LEU C 125 1.97 -13.88 33.16
CA LEU C 125 3.40 -13.65 33.28
C LEU C 125 4.12 -14.86 33.88
N TYR C 126 3.55 -15.42 34.96
CA TYR C 126 4.14 -16.60 35.58
C TYR C 126 4.19 -17.78 34.61
N GLN C 127 3.10 -17.99 33.87
CA GLN C 127 3.06 -19.09 32.91
C GLN C 127 4.09 -18.90 31.81
N ALA C 128 4.24 -17.66 31.32
CA ALA C 128 5.24 -17.39 30.29
C ALA C 128 6.64 -17.70 30.80
N ILE C 129 6.97 -17.24 32.01
CA ILE C 129 8.30 -17.46 32.56
C ILE C 129 8.56 -18.95 32.76
N PHE C 130 7.61 -19.64 33.38
CA PHE C 130 7.81 -21.06 33.66
C PHE C 130 7.83 -21.89 32.39
N HIS C 131 7.06 -21.51 31.37
CA HIS C 131 7.12 -22.20 30.09
C HIS C 131 8.47 -22.00 29.43
N ALA C 132 9.03 -20.78 29.50
CA ALA C 132 10.35 -20.56 28.94
C ALA C 132 11.39 -21.44 29.63
N VAL C 133 11.35 -21.52 30.96
CA VAL C 133 12.34 -22.31 31.67
C VAL C 133 12.14 -23.81 31.42
N ASP C 134 10.88 -24.25 31.35
CA ASP C 134 10.61 -25.67 31.09
C ASP C 134 11.06 -26.07 29.70
N GLN C 135 10.83 -25.21 28.70
CA GLN C 135 11.30 -25.51 27.35
C GLN C 135 12.82 -25.51 27.30
N TYR C 136 13.47 -24.64 28.07
CA TYR C 136 14.92 -24.71 28.15
C TYR C 136 15.37 -26.05 28.70
N LEU C 137 14.73 -26.51 29.77
CA LEU C 137 15.12 -27.77 30.38
C LEU C 137 14.75 -28.98 29.54
N ALA C 138 13.81 -28.86 28.60
CA ALA C 138 13.37 -30.00 27.81
C ALA C 138 13.82 -29.95 26.35
N LEU C 139 14.60 -28.94 25.96
CA LEU C 139 15.13 -28.82 24.59
C LEU C 139 15.65 -30.10 23.96
N PRO C 140 16.60 -30.83 24.56
CA PRO C 140 17.28 -31.91 23.83
C PRO C 140 16.38 -33.05 23.36
N ASP C 141 15.16 -33.17 23.90
CA ASP C 141 14.23 -34.22 23.45
C ASP C 141 12.93 -33.65 22.89
N VAL C 142 12.84 -32.35 22.68
CA VAL C 142 11.68 -31.76 22.00
C VAL C 142 12.04 -30.93 20.79
N SER C 143 13.27 -30.44 20.66
CA SER C 143 13.59 -29.55 19.57
C SER C 143 13.97 -30.34 18.31
N LEU C 144 13.74 -29.72 17.16
CA LEU C 144 14.11 -30.31 15.88
C LEU C 144 15.58 -30.08 15.53
N GLY C 145 16.24 -29.15 16.20
CA GLY C 145 17.66 -28.95 16.03
C GLY C 145 18.43 -29.53 17.20
N ARG C 146 19.73 -29.73 16.99
CA ARG C 146 20.60 -30.27 18.02
C ARG C 146 21.39 -29.15 18.64
N TYR C 147 21.18 -28.91 19.93
CA TYR C 147 21.82 -27.83 20.67
C TYR C 147 22.59 -28.40 21.85
N ALA C 148 23.60 -27.64 22.28
CA ALA C 148 24.40 -27.99 23.45
C ALA C 148 24.32 -26.88 24.47
N TYR C 149 24.33 -27.28 25.75
CA TYR C 149 24.26 -26.34 26.85
C TYR C 149 25.64 -25.77 27.16
N VAL C 150 25.66 -24.50 27.59
CA VAL C 150 26.88 -23.80 27.93
C VAL C 150 26.83 -23.48 29.41
N ARG C 151 27.67 -24.15 30.20
CA ARG C 151 27.70 -23.88 31.63
C ARG C 151 28.31 -22.51 31.91
N GLY C 152 27.92 -21.92 33.03
CA GLY C 152 28.20 -20.52 33.30
C GLY C 152 29.66 -20.11 33.34
N GLY C 153 29.98 -19.06 32.60
CA GLY C 153 31.30 -18.46 32.64
C GLY C 153 31.28 -16.96 32.46
N GLY C 154 30.09 -16.36 32.47
CA GLY C 154 29.94 -14.98 32.04
C GLY C 154 29.28 -14.12 33.11
N ASP C 155 28.51 -13.13 32.64
CA ASP C 155 28.00 -12.10 33.55
C ASP C 155 26.93 -12.63 34.49
N PRO C 156 25.75 -13.11 34.01
CA PRO C 156 24.69 -13.47 34.95
C PRO C 156 24.85 -14.86 35.52
N TRP C 157 25.60 -15.72 34.83
CA TRP C 157 25.67 -17.13 35.15
C TRP C 157 26.78 -17.41 36.15
N THR C 158 26.48 -18.23 37.14
CA THR C 158 27.48 -18.75 38.06
C THR C 158 28.07 -20.03 37.48
N ASN C 159 29.00 -20.64 38.23
CA ASN C 159 29.62 -21.88 37.76
C ASN C 159 28.59 -23.01 37.74
N GLY C 160 28.44 -23.64 36.57
CA GLY C 160 27.48 -24.70 36.38
C GLY C 160 26.11 -24.23 35.95
N SER C 161 25.84 -22.93 35.98
CA SER C 161 24.52 -22.42 35.64
C SER C 161 24.38 -22.27 34.14
N GLY C 162 23.29 -22.77 33.59
CA GLY C 162 23.03 -22.62 32.17
C GLY C 162 22.05 -21.51 31.89
N LEU C 163 21.06 -21.35 32.77
CA LEU C 163 20.02 -20.34 32.63
C LEU C 163 20.00 -19.47 33.87
N ALA C 164 19.94 -18.15 33.68
CA ALA C 164 19.84 -17.19 34.77
C ALA C 164 18.48 -16.52 34.70
N LEU C 165 17.71 -16.64 35.78
CA LEU C 165 16.39 -16.04 35.89
C LEU C 165 16.49 -14.86 36.85
N CYS C 166 16.60 -13.66 36.30
CA CYS C 166 16.81 -12.45 37.07
C CYS C 166 15.59 -11.56 37.01
N GLN C 167 15.14 -11.10 38.17
CA GLN C 167 14.13 -10.05 38.26
C GLN C 167 14.76 -8.82 38.89
N ARG C 168 14.40 -7.65 38.38
CA ARG C 168 14.94 -6.39 38.84
C ARG C 168 13.82 -5.49 39.33
N TYR C 169 14.01 -4.89 40.50
CA TYR C 169 12.99 -4.06 41.12
C TYR C 169 13.66 -2.92 41.86
N TYR C 170 12.88 -1.91 42.20
CA TYR C 170 13.39 -0.79 42.98
C TYR C 170 13.79 -1.27 44.36
N HIS C 171 14.85 -0.66 44.90
CA HIS C 171 15.35 -1.08 46.21
C HIS C 171 14.29 -0.92 47.28
N ARG C 172 13.50 0.14 47.20
CA ARG C 172 12.41 0.37 48.15
C ARG C 172 11.26 1.04 47.41
N GLY C 173 10.13 0.36 47.32
CA GLY C 173 8.99 0.94 46.65
C GLY C 173 7.70 0.77 47.43
N HIS C 174 7.10 1.89 47.83
CA HIS C 174 5.82 1.90 48.54
C HIS C 174 4.83 2.68 47.68
N VAL C 175 4.23 1.99 46.72
CA VAL C 175 3.30 2.63 45.79
C VAL C 175 1.90 2.48 46.36
N ASP C 176 1.23 3.60 46.59
CA ASP C 176 -0.11 3.60 47.17
C ASP C 176 -0.98 4.62 46.45
N PRO C 177 -1.63 4.21 45.35
CA PRO C 177 -2.51 5.14 44.64
C PRO C 177 -3.75 5.55 45.40
N ALA C 178 -4.11 4.82 46.46
CA ALA C 178 -5.30 5.15 47.24
C ALA C 178 -5.12 6.47 47.96
N ASN C 179 -3.97 6.66 48.62
CA ASN C 179 -3.69 7.87 49.37
C ASN C 179 -2.85 8.87 48.58
N ASP C 180 -2.62 8.61 47.30
CA ASP C 180 -1.82 9.48 46.43
C ASP C 180 -0.45 9.76 47.05
N THR C 181 0.21 8.70 47.51
CA THR C 181 1.52 8.81 48.13
C THR C 181 2.41 7.67 47.66
N PHE C 182 3.72 7.91 47.68
CA PHE C 182 4.69 6.87 47.41
C PHE C 182 6.03 7.27 48.00
N ASP C 183 6.67 6.36 48.74
CA ASP C 183 8.03 6.53 49.24
C ASP C 183 8.92 5.57 48.47
N ILE C 184 9.61 6.08 47.47
CA ILE C 184 10.33 5.25 46.51
C ILE C 184 11.82 5.56 46.57
N ASP C 185 12.64 4.50 46.54
CA ASP C 185 14.08 4.62 46.33
C ASP C 185 14.40 3.96 44.99
N PRO C 186 14.63 4.73 43.93
CA PRO C 186 14.74 4.11 42.60
C PRO C 186 16.11 3.54 42.29
N MET C 187 16.66 2.76 43.21
CA MET C 187 17.89 2.01 42.97
C MET C 187 17.53 0.58 42.61
N VAL C 188 17.92 0.14 41.43
CA VAL C 188 17.49 -1.17 40.92
C VAL C 188 18.28 -2.27 41.61
N VAL C 189 17.58 -3.20 42.23
CA VAL C 189 18.18 -4.37 42.86
C VAL C 189 17.88 -5.59 41.98
N THR C 190 18.91 -6.38 41.72
CA THR C 190 18.81 -7.54 40.85
C THR C 190 18.81 -8.81 41.68
N ASP C 191 17.87 -9.71 41.39
CA ASP C 191 17.74 -10.99 42.08
C ASP C 191 17.68 -12.09 41.03
N CYS C 192 18.74 -12.89 40.94
CA CYS C 192 18.89 -13.89 39.90
C CYS C 192 18.75 -15.29 40.48
N ILE C 193 18.08 -16.16 39.71
CA ILE C 193 17.97 -17.58 40.03
C ILE C 193 18.75 -18.35 38.99
N GLN C 194 19.60 -19.28 39.43
CA GLN C 194 20.47 -20.05 38.56
C GLN C 194 19.87 -21.43 38.34
N VAL C 195 19.76 -21.84 37.08
CA VAL C 195 19.19 -23.12 36.70
C VAL C 195 20.27 -23.91 35.99
N ASP C 196 20.52 -25.14 36.46
CA ASP C 196 21.51 -26.03 35.88
C ASP C 196 20.84 -26.97 34.88
N PRO C 197 21.41 -27.16 33.70
CA PRO C 197 20.82 -28.08 32.74
C PRO C 197 20.80 -29.49 33.30
N PRO C 198 19.81 -30.30 32.91
CA PRO C 198 19.73 -31.67 33.44
C PRO C 198 20.96 -32.49 33.06
N GLU C 199 21.41 -33.31 34.00
CA GLU C 199 22.59 -34.17 33.81
C GLU C 199 22.09 -35.52 33.32
N ARG C 200 22.00 -35.67 32.00
CA ARG C 200 21.52 -36.91 31.43
C ARG C 200 22.55 -37.48 30.46
N PRO C 201 22.71 -38.81 30.41
CA PRO C 201 23.62 -39.48 29.47
C PRO C 201 23.25 -39.25 28.01
N SER C 217 13.00 -25.30 41.93
CA SER C 217 13.58 -24.18 42.65
C SER C 217 13.20 -22.86 42.00
N TYR C 218 13.22 -22.82 40.66
CA TYR C 218 12.81 -21.62 39.94
C TYR C 218 11.30 -21.42 39.96
N LYS C 219 10.52 -22.43 40.34
CA LYS C 219 9.07 -22.32 40.42
C LYS C 219 8.59 -21.68 41.70
N ASN C 220 9.48 -21.43 42.66
CA ASN C 220 9.17 -20.67 43.86
C ASN C 220 9.43 -19.17 43.68
N LEU C 221 9.37 -18.68 42.46
CA LEU C 221 9.72 -17.30 42.16
C LEU C 221 8.59 -16.37 42.58
N THR C 222 8.89 -15.43 43.48
CA THR C 222 7.99 -14.34 43.81
C THR C 222 8.44 -13.10 43.05
N LEU C 223 7.50 -12.43 42.39
CA LEU C 223 7.85 -11.51 41.32
C LEU C 223 7.85 -10.04 41.73
N LYS C 224 7.26 -9.69 42.89
CA LYS C 224 7.26 -8.31 43.39
C LYS C 224 6.69 -7.34 42.36
N PHE C 225 5.39 -7.49 42.08
CA PHE C 225 4.79 -6.86 40.92
C PHE C 225 4.74 -5.34 41.04
N HIS C 226 4.50 -4.82 42.25
CA HIS C 226 4.24 -3.39 42.38
C HIS C 226 5.47 -2.53 42.12
N LYS C 227 6.68 -3.08 42.29
CA LYS C 227 7.90 -2.33 42.02
C LYS C 227 8.81 -3.05 41.03
N LEU C 228 8.27 -3.98 40.25
CA LEU C 228 9.07 -4.73 39.30
C LEU C 228 9.50 -3.84 38.14
N VAL C 229 10.78 -3.96 37.74
CA VAL C 229 11.30 -3.20 36.62
C VAL C 229 11.27 -4.07 35.37
N ASN C 230 11.98 -5.20 35.41
CA ASN C 230 11.92 -6.16 34.32
C ASN C 230 12.34 -7.52 34.84
N VAL C 231 11.99 -8.56 34.09
CA VAL C 231 12.45 -9.92 34.33
C VAL C 231 13.13 -10.41 33.06
N THR C 232 14.33 -10.95 33.19
CA THR C 232 15.11 -11.38 32.04
C THR C 232 15.60 -12.80 32.25
N ILE C 233 15.65 -13.55 31.14
CA ILE C 233 16.15 -14.92 31.12
C ILE C 233 17.35 -14.97 30.18
N HIS C 234 18.49 -15.42 30.69
CA HIS C 234 19.72 -15.49 29.93
C HIS C 234 20.19 -16.93 29.84
N PHE C 235 20.44 -17.40 28.62
CA PHE C 235 21.09 -18.70 28.44
C PHE C 235 21.73 -18.73 27.06
N ARG C 236 22.68 -19.66 26.90
CA ARG C 236 23.44 -19.80 25.67
C ARG C 236 23.30 -21.21 25.12
N LEU C 237 23.25 -21.31 23.79
CA LEU C 237 23.11 -22.59 23.11
C LEU C 237 24.14 -22.69 21.99
N LYS C 238 24.78 -23.85 21.88
CA LYS C 238 25.75 -24.11 20.84
C LYS C 238 25.16 -25.02 19.78
N THR C 239 25.43 -24.71 18.52
CA THR C 239 24.91 -25.50 17.41
C THR C 239 25.87 -25.37 16.24
N ILE C 240 25.72 -26.26 15.27
CA ILE C 240 26.61 -26.32 14.12
C ILE C 240 25.81 -26.02 12.86
N ASN C 241 26.32 -25.11 12.03
CA ASN C 241 25.66 -24.71 10.80
C ASN C 241 25.96 -25.74 9.72
N LEU C 242 25.15 -26.81 9.72
CA LEU C 242 25.35 -27.89 8.77
C LEU C 242 24.98 -27.49 7.35
N GLN C 243 24.16 -26.45 7.17
CA GLN C 243 23.83 -26.02 5.81
C GLN C 243 25.03 -25.45 5.09
N SER C 244 26.09 -25.08 5.80
CA SER C 244 27.31 -24.67 5.12
C SER C 244 28.08 -25.91 4.69
N LEU C 245 27.38 -26.81 4.01
CA LEU C 245 27.99 -28.01 3.44
C LEU C 245 27.56 -28.26 1.99
N ILE C 246 26.42 -27.72 1.55
CA ILE C 246 26.10 -27.73 0.13
C ILE C 246 27.01 -26.77 -0.64
N ASN C 247 27.62 -25.81 0.05
CA ASN C 247 28.54 -24.87 -0.56
C ASN C 247 29.99 -25.32 -0.44
N ASN C 248 30.25 -26.47 0.18
CA ASN C 248 31.57 -27.06 0.29
C ASN C 248 32.53 -26.09 1.00
N GLU C 249 32.14 -25.74 2.23
CA GLU C 249 32.90 -24.79 3.02
C GLU C 249 33.23 -25.27 4.43
N ILE C 250 32.72 -26.42 4.85
CA ILE C 250 32.82 -26.97 6.21
C ILE C 250 31.83 -26.24 7.11
N PRO C 251 31.23 -26.93 8.10
CA PRO C 251 30.32 -26.25 9.04
C PRO C 251 31.02 -25.51 10.17
N ASP C 252 30.63 -24.27 10.42
CA ASP C 252 31.16 -23.57 11.58
C ASP C 252 30.33 -23.89 12.83
N CYS C 253 30.91 -23.58 13.98
CA CYS C 253 30.27 -23.78 15.28
C CYS C 253 29.75 -22.44 15.79
N TYR C 254 28.46 -22.36 16.05
CA TYR C 254 27.80 -21.14 16.48
C TYR C 254 27.43 -21.24 17.96
N THR C 255 27.36 -20.08 18.61
CA THR C 255 26.91 -19.98 20.00
C THR C 255 25.89 -18.86 20.07
N PHE C 256 24.62 -19.22 20.30
CA PHE C 256 23.55 -18.25 20.39
C PHE C 256 23.35 -17.85 21.84
N SER C 257 23.42 -16.55 22.13
CA SER C 257 23.14 -16.02 23.46
C SER C 257 21.72 -15.48 23.46
N VAL C 258 20.81 -16.19 24.13
CA VAL C 258 19.38 -15.90 24.07
C VAL C 258 19.00 -15.04 25.27
N LEU C 259 18.25 -13.97 25.00
CA LEU C 259 17.79 -13.05 26.04
C LEU C 259 16.29 -12.87 25.89
N ILE C 260 15.53 -13.32 26.89
CA ILE C 260 14.09 -13.17 26.93
C ILE C 260 13.77 -12.08 27.96
N THR C 261 13.11 -11.02 27.52
CA THR C 261 12.86 -9.86 28.36
C THR C 261 11.36 -9.73 28.65
N PHE C 262 11.03 -9.52 29.91
CA PHE C 262 9.68 -9.21 30.36
C PHE C 262 9.73 -7.78 30.89
N ASP C 263 9.36 -6.81 30.05
CA ASP C 263 9.65 -5.41 30.29
C ASP C 263 8.48 -4.75 31.02
N ASN C 264 8.71 -4.32 32.26
CA ASN C 264 7.72 -3.61 33.05
C ASN C 264 8.17 -2.17 33.35
N LYS C 265 8.98 -1.59 32.49
CA LYS C 265 9.50 -0.25 32.76
C LYS C 265 8.41 0.82 32.69
N ALA C 266 7.33 0.56 31.94
CA ALA C 266 6.26 1.55 31.82
C ALA C 266 5.30 1.52 33.01
N HIS C 267 5.26 0.41 33.75
CA HIS C 267 4.37 0.27 34.90
C HIS C 267 2.92 0.57 34.53
N SER C 268 2.51 0.09 33.35
CA SER C 268 1.19 0.40 32.80
C SER C 268 0.25 -0.80 32.79
N GLY C 269 0.58 -1.88 33.50
CA GLY C 269 -0.25 -3.06 33.50
C GLY C 269 -0.09 -3.94 32.29
N ARG C 270 0.72 -3.55 31.32
CA ARG C 270 1.01 -4.34 30.13
C ARG C 270 2.51 -4.57 30.08
N ILE C 271 2.92 -5.84 30.05
CA ILE C 271 4.34 -6.19 30.06
C ILE C 271 4.69 -6.86 28.74
N PRO C 272 5.30 -6.16 27.79
CA PRO C 272 5.70 -6.79 26.53
C PRO C 272 6.79 -7.83 26.73
N ILE C 273 6.75 -8.86 25.90
CA ILE C 273 7.70 -9.96 25.95
C ILE C 273 8.41 -10.04 24.61
N SER C 274 9.74 -10.10 24.65
CA SER C 274 10.56 -10.15 23.44
C SER C 274 11.69 -11.14 23.64
N LEU C 275 12.20 -11.66 22.53
CA LEU C 275 13.35 -12.56 22.53
C LEU C 275 14.37 -12.06 21.52
N GLU C 276 15.61 -11.90 21.97
CA GLU C 276 16.70 -11.45 21.12
C GLU C 276 17.86 -12.41 21.28
N THR C 277 18.62 -12.59 20.19
CA THR C 277 19.75 -13.50 20.17
C THR C 277 20.97 -12.80 19.60
N GLN C 278 22.14 -13.15 20.13
CA GLN C 278 23.41 -12.75 19.58
C GLN C 278 24.20 -14.00 19.18
N ALA C 279 24.64 -14.04 17.93
CA ALA C 279 25.32 -15.21 17.39
C ALA C 279 26.82 -14.94 17.32
N HIS C 280 27.61 -15.91 17.79
CA HIS C 280 29.07 -15.80 17.81
C HIS C 280 29.65 -16.98 17.05
N ILE C 281 30.20 -16.71 15.88
CA ILE C 281 30.73 -17.75 15.00
C ILE C 281 32.19 -18.00 15.35
N GLN C 282 32.58 -19.28 15.31
CA GLN C 282 33.97 -19.67 15.50
C GLN C 282 34.15 -21.03 14.86
N GLU C 283 35.41 -21.37 14.60
CA GLU C 283 35.71 -22.65 13.97
C GLU C 283 35.55 -23.79 14.97
N CYS C 284 35.14 -24.94 14.47
CA CYS C 284 35.00 -26.11 15.32
C CYS C 284 36.36 -26.78 15.51
N LYS C 285 36.43 -27.64 16.52
CA LYS C 285 37.68 -28.30 16.89
C LYS C 285 37.83 -29.60 16.10
N HIS C 286 38.90 -29.68 15.30
CA HIS C 286 39.27 -30.83 14.49
C HIS C 286 38.05 -31.51 13.83
N PRO C 287 37.32 -30.80 12.98
CA PRO C 287 36.16 -31.41 12.32
C PRO C 287 36.59 -32.34 11.19
N SER C 288 35.64 -33.14 10.73
CA SER C 288 35.89 -34.12 9.69
C SER C 288 34.72 -34.16 8.72
N VAL C 289 34.99 -33.89 7.45
CA VAL C 289 34.02 -34.04 6.38
C VAL C 289 34.58 -35.04 5.38
N PHE C 290 33.83 -36.10 5.11
CA PHE C 290 34.32 -37.16 4.24
C PHE C 290 34.42 -36.66 2.81
N GLN C 291 35.64 -36.72 2.25
CA GLN C 291 35.92 -36.28 0.89
C GLN C 291 35.38 -34.87 0.64
N HIS C 292 35.78 -33.94 1.50
CA HIS C 292 35.38 -32.55 1.31
C HIS C 292 36.12 -31.91 0.15
N GLY C 293 37.43 -32.09 0.09
CA GLY C 293 38.24 -31.45 -0.92
C GLY C 293 38.66 -30.06 -0.51
N ASP C 294 39.30 -29.37 -1.42
CA ASP C 294 39.75 -28.02 -1.15
C ASP C 294 38.87 -27.02 -1.90
N ASN C 295 39.03 -25.75 -1.53
CA ASN C 295 38.45 -24.64 -2.26
C ASN C 295 39.54 -23.89 -3.02
N SER C 296 40.39 -24.66 -3.70
CA SER C 296 41.44 -24.10 -4.55
C SER C 296 40.84 -23.15 -5.57
N PHE C 297 39.70 -23.51 -6.17
CA PHE C 297 39.08 -22.63 -7.16
C PHE C 297 38.68 -21.30 -6.56
N ARG C 298 38.07 -21.31 -5.37
CA ARG C 298 37.66 -20.07 -4.73
C ARG C 298 38.88 -19.23 -4.36
N LEU C 299 39.91 -19.86 -3.80
CA LEU C 299 41.11 -19.11 -3.42
C LEU C 299 41.81 -18.52 -4.64
N LEU C 300 41.92 -19.31 -5.72
CA LEU C 300 42.58 -18.84 -6.92
C LEU C 300 41.79 -17.72 -7.59
N PHE C 301 40.46 -17.79 -7.54
CA PHE C 301 39.66 -16.70 -8.09
C PHE C 301 39.78 -15.44 -7.25
N ASP C 302 39.88 -15.58 -5.93
CA ASP C 302 40.14 -14.41 -5.10
C ASP C 302 41.49 -13.79 -5.42
N VAL C 303 42.50 -14.63 -5.64
CA VAL C 303 43.82 -14.12 -6.02
C VAL C 303 43.76 -13.44 -7.38
N VAL C 304 42.98 -13.99 -8.31
CA VAL C 304 42.84 -13.40 -9.64
C VAL C 304 42.18 -12.03 -9.55
N VAL C 305 41.12 -11.92 -8.74
CA VAL C 305 40.47 -10.62 -8.53
C VAL C 305 41.45 -9.63 -7.91
N ILE C 306 42.23 -10.08 -6.92
CA ILE C 306 43.21 -9.21 -6.28
C ILE C 306 44.23 -8.71 -7.29
N LEU C 307 44.74 -9.60 -8.15
CA LEU C 307 45.75 -9.22 -9.12
C LEU C 307 45.18 -8.27 -10.17
N THR C 308 43.96 -8.53 -10.65
CA THR C 308 43.33 -7.64 -11.62
C THR C 308 43.15 -6.24 -11.03
N CYS C 309 42.64 -6.17 -9.80
CA CYS C 309 42.44 -4.87 -9.17
C CYS C 309 43.77 -4.19 -8.87
N SER C 310 44.82 -4.95 -8.59
CA SER C 310 46.13 -4.37 -8.36
C SER C 310 46.70 -3.76 -9.62
N LEU C 311 46.59 -4.48 -10.74
CA LEU C 311 47.05 -3.92 -12.02
C LEU C 311 46.27 -2.66 -12.38
N SER C 312 44.95 -2.69 -12.19
CA SER C 312 44.14 -1.51 -12.48
C SER C 312 44.55 -0.34 -11.59
N PHE C 313 44.77 -0.59 -10.30
CA PHE C 313 45.19 0.48 -9.40
C PHE C 313 46.53 1.05 -9.80
N LEU C 314 47.48 0.19 -10.19
CA LEU C 314 48.79 0.67 -10.58
C LEU C 314 48.71 1.54 -11.83
N LEU C 315 47.93 1.11 -12.83
CA LEU C 315 47.81 1.93 -14.04
C LEU C 315 47.13 3.26 -13.75
N CYS C 316 46.07 3.24 -12.93
CA CYS C 316 45.38 4.47 -12.60
C CYS C 316 46.29 5.44 -11.84
N ALA C 317 47.09 4.93 -10.90
CA ALA C 317 47.97 5.82 -10.16
C ALA C 317 49.08 6.37 -11.06
N ARG C 318 49.56 5.55 -12.00
CA ARG C 318 50.55 6.05 -12.94
C ARG C 318 49.98 7.19 -13.79
N SER C 319 48.74 7.03 -14.25
CA SER C 319 48.12 8.08 -15.06
C SER C 319 47.90 9.36 -14.23
N LEU C 320 47.48 9.19 -12.97
CA LEU C 320 47.31 10.35 -12.09
C LEU C 320 48.62 11.10 -11.88
N LEU C 321 49.70 10.36 -11.63
CA LEU C 321 50.99 11.02 -11.40
C LEU C 321 51.51 11.68 -12.68
N ARG C 322 51.26 11.06 -13.83
CA ARG C 322 51.63 11.68 -15.10
C ARG C 322 50.86 12.98 -15.32
N GLY C 323 49.56 12.98 -15.00
CA GLY C 323 48.78 14.19 -15.11
C GLY C 323 49.24 15.28 -14.17
N PHE C 324 49.67 14.91 -12.96
CA PHE C 324 50.21 15.89 -12.02
C PHE C 324 51.49 16.51 -12.56
N LEU C 325 52.37 15.68 -13.11
CA LEU C 325 53.61 16.21 -13.68
C LEU C 325 53.31 17.16 -14.85
N LEU C 326 52.38 16.78 -15.72
CA LEU C 326 52.02 17.67 -16.83
C LEU C 326 51.41 18.97 -16.32
N GLN C 327 50.58 18.89 -15.28
CA GLN C 327 50.02 20.11 -14.70
C GLN C 327 51.11 21.02 -14.16
N ASN C 328 52.08 20.44 -13.46
CA ASN C 328 53.20 21.22 -12.94
C ASN C 328 53.97 21.88 -14.07
N GLU C 329 54.24 21.13 -15.15
CA GLU C 329 54.96 21.70 -16.27
C GLU C 329 54.17 22.86 -16.90
N PHE C 330 52.85 22.69 -17.05
CA PHE C 330 52.04 23.75 -17.65
C PHE C 330 51.99 24.99 -16.77
N VAL C 331 51.87 24.82 -15.45
CA VAL C 331 51.83 25.98 -14.57
C VAL C 331 53.18 26.69 -14.57
N GLY C 332 54.27 25.93 -14.67
CA GLY C 332 55.57 26.56 -14.86
C GLY C 332 55.64 27.36 -16.15
N PHE C 333 55.11 26.79 -17.23
CA PHE C 333 55.02 27.51 -18.50
C PHE C 333 54.27 28.82 -18.32
N MET C 334 53.13 28.78 -17.63
CA MET C 334 52.35 30.00 -17.42
C MET C 334 53.11 31.02 -16.59
N TRP C 335 53.79 30.56 -15.53
CA TRP C 335 54.57 31.48 -14.70
C TRP C 335 55.68 32.14 -15.51
N ARG C 336 56.35 31.38 -16.38
CA ARG C 336 57.37 31.98 -17.23
C ARG C 336 56.78 33.05 -18.14
N GLN C 337 55.63 32.78 -18.72
CA GLN C 337 54.94 33.73 -19.59
C GLN C 337 54.56 35.00 -18.84
N LEU C 344 43.19 29.21 -8.84
CA LEU C 344 43.76 27.87 -8.83
C LEU C 344 42.67 26.81 -8.91
N TRP C 345 41.73 27.01 -9.85
CA TRP C 345 40.60 26.13 -10.03
C TRP C 345 40.68 25.30 -11.30
N GLU C 346 41.71 25.50 -12.12
CA GLU C 346 41.91 24.72 -13.33
C GLU C 346 43.00 23.67 -13.21
N ARG C 347 43.99 23.90 -12.35
CA ARG C 347 45.00 22.88 -12.12
C ARG C 347 44.39 21.64 -11.49
N LEU C 348 43.35 21.82 -10.67
CA LEU C 348 42.58 20.67 -10.19
C LEU C 348 41.77 20.03 -11.32
N GLU C 349 41.30 20.85 -12.26
CA GLU C 349 40.59 20.30 -13.42
C GLU C 349 41.52 19.50 -14.31
N PHE C 350 42.83 19.74 -14.24
CA PHE C 350 43.80 18.90 -14.93
C PHE C 350 43.70 17.44 -14.52
N VAL C 351 43.06 17.15 -13.40
CA VAL C 351 43.07 15.83 -12.80
C VAL C 351 41.82 15.07 -13.26
N ASN C 352 41.91 13.75 -13.30
CA ASN C 352 40.82 12.89 -13.74
C ASN C 352 40.12 12.33 -12.50
N GLY C 353 38.83 12.66 -12.36
CA GLY C 353 38.02 12.12 -11.26
C GLY C 353 37.56 10.70 -11.48
N TRP C 354 37.54 10.24 -12.72
CA TRP C 354 37.26 8.83 -12.95
C TRP C 354 38.39 7.96 -12.44
N TYR C 355 39.63 8.45 -12.45
CA TYR C 355 40.72 7.67 -11.89
C TYR C 355 40.67 7.67 -10.36
N ILE C 356 40.20 8.76 -9.75
CA ILE C 356 39.93 8.75 -8.31
C ILE C 356 38.87 7.70 -7.98
N LEU C 357 37.80 7.67 -8.78
CA LEU C 357 36.76 6.67 -8.56
C LEU C 357 37.32 5.26 -8.74
N LEU C 358 38.17 5.06 -9.75
CA LEU C 358 38.72 3.74 -10.02
C LEU C 358 39.66 3.28 -8.90
N VAL C 359 40.48 4.19 -8.36
CA VAL C 359 41.36 3.78 -7.27
C VAL C 359 40.58 3.53 -5.99
N THR C 360 39.52 4.31 -5.74
CA THR C 360 38.65 4.01 -4.61
C THR C 360 38.03 2.64 -4.75
N SER C 361 37.54 2.32 -5.95
CA SER C 361 36.96 1.00 -6.18
C SER C 361 37.99 -0.10 -6.07
N ASP C 362 39.22 0.14 -6.52
CA ASP C 362 40.27 -0.87 -6.42
C ASP C 362 40.61 -1.16 -4.96
N VAL C 363 40.76 -0.12 -4.13
CA VAL C 363 41.09 -0.37 -2.73
C VAL C 363 39.91 -1.03 -2.02
N LEU C 364 38.67 -0.65 -2.36
CA LEU C 364 37.52 -1.32 -1.77
C LEU C 364 37.48 -2.80 -2.13
N THR C 365 37.73 -3.12 -3.40
CA THR C 365 37.69 -4.51 -3.83
C THR C 365 38.80 -5.32 -3.18
N ILE C 366 40.00 -4.73 -3.06
CA ILE C 366 41.10 -5.46 -2.43
C ILE C 366 40.81 -5.72 -0.96
N SER C 367 40.29 -4.71 -0.25
CA SER C 367 39.95 -4.90 1.16
C SER C 367 38.87 -5.96 1.31
N GLY C 368 37.84 -5.90 0.46
CA GLY C 368 36.79 -6.90 0.54
C GLY C 368 37.28 -8.30 0.24
N THR C 369 38.20 -8.45 -0.72
CA THR C 369 38.72 -9.76 -1.05
C THR C 369 39.59 -10.31 0.07
N ILE C 370 40.39 -9.45 0.70
CA ILE C 370 41.20 -9.90 1.84
C ILE C 370 40.29 -10.35 2.98
N MET C 371 39.24 -9.58 3.26
CA MET C 371 38.31 -9.96 4.31
C MET C 371 37.60 -11.26 3.98
N LYS C 372 37.25 -11.46 2.71
CA LYS C 372 36.59 -12.70 2.29
C LYS C 372 37.52 -13.89 2.41
N ILE C 373 38.80 -13.71 2.06
CA ILE C 373 39.78 -14.77 2.24
C ILE C 373 39.90 -15.12 3.71
N GLY C 374 39.89 -14.10 4.58
CA GLY C 374 39.89 -14.38 6.01
C GLY C 374 38.66 -15.14 6.47
N ILE C 375 37.49 -14.77 5.93
CA ILE C 375 36.26 -15.46 6.30
C ILE C 375 36.33 -16.92 5.91
N GLU C 376 36.81 -17.20 4.69
CA GLU C 376 36.89 -18.60 4.24
C GLU C 376 38.01 -19.36 4.93
N ALA C 377 39.05 -18.66 5.39
CA ALA C 377 40.08 -19.27 6.21
C ALA C 377 39.71 -19.31 7.70
N LYS C 378 38.50 -18.90 8.05
CA LYS C 378 37.88 -19.06 9.39
C LYS C 378 38.45 -18.14 10.47
N ASN C 379 39.14 -17.06 10.12
CA ASN C 379 39.70 -16.18 11.14
C ASN C 379 38.79 -15.01 11.46
N LEU C 380 38.30 -14.32 10.43
CA LEU C 380 37.51 -13.10 10.60
C LEU C 380 36.10 -13.37 10.12
N ALA C 381 35.14 -13.38 11.04
CA ALA C 381 33.73 -13.55 10.72
C ALA C 381 33.04 -12.19 10.75
N SER C 382 33.22 -11.43 9.68
CA SER C 382 32.53 -10.16 9.49
C SER C 382 31.87 -10.19 8.11
N TYR C 383 30.72 -10.85 8.03
CA TYR C 383 30.00 -10.98 6.78
C TYR C 383 29.37 -9.66 6.35
N ASP C 384 28.88 -8.87 7.31
CA ASP C 384 28.28 -7.59 6.95
C ASP C 384 29.31 -6.62 6.39
N VAL C 385 30.48 -6.55 7.03
CA VAL C 385 31.53 -5.66 6.54
C VAL C 385 32.02 -6.13 5.18
N CYS C 386 32.25 -7.44 5.03
CA CYS C 386 32.72 -7.96 3.75
C CYS C 386 31.70 -7.70 2.64
N SER C 387 30.42 -7.91 2.94
CA SER C 387 29.37 -7.70 1.95
C SER C 387 29.27 -6.23 1.56
N ILE C 388 29.36 -5.33 2.54
CA ILE C 388 29.27 -3.91 2.24
C ILE C 388 30.43 -3.47 1.36
N LEU C 389 31.65 -3.90 1.70
CA LEU C 389 32.81 -3.57 0.88
C LEU C 389 32.64 -4.08 -0.54
N LEU C 390 32.29 -5.36 -0.69
CA LEU C 390 32.22 -5.95 -2.02
C LEU C 390 31.09 -5.35 -2.84
N GLY C 391 29.93 -5.08 -2.22
CA GLY C 391 28.83 -4.50 -2.95
C GLY C 391 29.11 -3.08 -3.40
N THR C 392 29.71 -2.27 -2.52
CA THR C 392 30.07 -0.92 -2.90
C THR C 392 31.10 -0.93 -4.03
N SER C 393 32.07 -1.84 -3.95
CA SER C 393 33.06 -1.92 -5.02
C SER C 393 32.44 -2.37 -6.32
N THR C 394 31.48 -3.30 -6.29
CA THR C 394 30.80 -3.71 -7.51
C THR C 394 30.01 -2.56 -8.12
N LEU C 395 29.30 -1.79 -7.28
CA LEU C 395 28.55 -0.65 -7.78
C LEU C 395 29.47 0.37 -8.43
N LEU C 396 30.60 0.68 -7.79
CA LEU C 396 31.52 1.65 -8.38
C LEU C 396 32.16 1.11 -9.65
N VAL C 397 32.44 -0.19 -9.69
CA VAL C 397 33.02 -0.80 -10.88
C VAL C 397 32.06 -0.71 -12.06
N TRP C 398 30.78 -0.97 -11.82
CA TRP C 398 29.79 -0.86 -12.89
C TRP C 398 29.61 0.59 -13.32
N VAL C 399 29.63 1.52 -12.36
CA VAL C 399 29.47 2.93 -12.69
C VAL C 399 30.65 3.43 -13.51
N GLY C 400 31.84 2.89 -13.28
CA GLY C 400 33.03 3.41 -13.91
C GLY C 400 33.17 3.19 -15.41
N VAL C 401 32.19 2.56 -16.06
CA VAL C 401 32.27 2.41 -17.51
C VAL C 401 31.64 3.58 -18.25
N ILE C 402 30.91 4.46 -17.55
CA ILE C 402 30.47 5.70 -18.17
C ILE C 402 31.66 6.53 -18.63
N ARG C 403 32.84 6.29 -18.02
CA ARG C 403 34.05 6.99 -18.40
C ARG C 403 34.33 6.90 -19.89
N TYR C 404 34.00 5.76 -20.51
CA TYR C 404 34.22 5.57 -21.94
C TYR C 404 33.03 6.02 -22.78
N LEU C 405 31.97 6.51 -22.14
CA LEU C 405 30.86 7.15 -22.85
C LEU C 405 30.92 8.66 -22.79
N THR C 406 31.83 9.22 -22.00
CA THR C 406 31.95 10.67 -21.86
C THR C 406 32.45 11.32 -23.14
N PHE C 407 33.30 10.62 -23.91
CA PHE C 407 33.92 11.22 -25.07
C PHE C 407 32.96 11.39 -26.24
N PHE C 408 31.90 10.58 -26.30
CA PHE C 408 31.09 10.53 -27.51
C PHE C 408 30.20 11.74 -27.69
N HIS C 409 29.83 12.40 -26.59
CA HIS C 409 29.06 13.64 -26.59
C HIS C 409 27.61 13.40 -27.00
N ASN C 410 27.29 12.15 -27.36
CA ASN C 410 25.91 11.72 -27.55
C ASN C 410 25.44 10.80 -26.43
N TYR C 411 26.35 10.27 -25.62
CA TYR C 411 26.01 9.30 -24.58
C TYR C 411 26.20 9.83 -23.17
N ASN C 412 26.84 10.98 -23.00
CA ASN C 412 27.14 11.54 -21.68
C ASN C 412 26.21 12.69 -21.32
N ILE C 413 24.95 12.60 -21.77
CA ILE C 413 23.97 13.63 -21.45
C ILE C 413 23.80 13.73 -19.94
N LEU C 414 23.71 12.59 -19.27
CA LEU C 414 23.55 12.59 -17.81
C LEU C 414 24.73 13.25 -17.13
N ILE C 415 25.95 12.89 -17.53
CA ILE C 415 27.14 13.41 -16.85
C ILE C 415 27.27 14.91 -17.08
N ALA C 416 27.06 15.37 -18.32
CA ALA C 416 27.17 16.81 -18.60
C ALA C 416 26.08 17.59 -17.89
N THR C 417 24.85 17.07 -17.89
CA THR C 417 23.76 17.76 -17.21
C THR C 417 24.03 17.86 -15.71
N LEU C 418 24.53 16.79 -15.10
CA LEU C 418 24.86 16.83 -13.68
C LEU C 418 25.99 17.82 -13.41
N ARG C 419 27.03 17.81 -14.25
CA ARG C 419 28.15 18.73 -14.04
C ARG C 419 27.69 20.19 -14.11
N VAL C 420 26.74 20.48 -14.99
CA VAL C 420 26.24 21.86 -15.07
C VAL C 420 25.28 22.17 -13.93
N ALA C 421 24.46 21.20 -13.52
CA ALA C 421 23.38 21.45 -12.59
C ALA C 421 23.79 21.36 -11.12
N LEU C 422 24.97 20.83 -10.83
CA LEU C 422 25.31 20.58 -9.42
C LEU C 422 25.34 21.82 -8.54
N PRO C 423 25.95 22.95 -8.90
CA PRO C 423 26.01 24.08 -7.96
C PRO C 423 24.64 24.67 -7.62
N SER C 424 23.79 24.88 -8.62
CA SER C 424 22.46 25.41 -8.36
C SER C 424 21.67 24.46 -7.48
N VAL C 425 21.80 23.16 -7.73
CA VAL C 425 21.14 22.17 -6.87
C VAL C 425 21.68 22.27 -5.45
N MET C 426 22.99 22.51 -5.29
CA MET C 426 23.56 22.62 -3.95
C MET C 426 23.00 23.82 -3.20
N ARG C 427 22.82 24.96 -3.88
CA ARG C 427 22.27 26.14 -3.19
C ARG C 427 20.79 25.94 -2.86
N PHE C 428 20.02 25.45 -3.83
CA PHE C 428 18.62 25.13 -3.59
C PHE C 428 18.49 24.18 -2.41
N CYS C 429 19.38 23.20 -2.32
CA CYS C 429 19.39 22.30 -1.17
C CYS C 429 19.80 23.01 0.10
N CYS C 430 20.69 24.01 0.01
CA CYS C 430 21.04 24.79 1.20
C CYS C 430 19.80 25.43 1.82
N CYS C 431 18.84 25.84 1.00
CA CYS C 431 17.61 26.39 1.56
C CYS C 431 16.61 25.30 1.98
N VAL C 432 16.37 24.35 1.09
CA VAL C 432 15.41 23.30 1.35
C VAL C 432 15.85 22.45 2.54
N ALA C 433 17.14 22.46 2.89
CA ALA C 433 17.61 21.67 4.02
C ALA C 433 17.12 22.25 5.34
N VAL C 434 17.17 23.57 5.50
CA VAL C 434 16.65 24.15 6.73
C VAL C 434 15.14 24.00 6.80
N ILE C 435 14.46 24.13 5.65
CA ILE C 435 13.01 23.90 5.67
C ILE C 435 12.69 22.47 6.09
N TYR C 436 13.39 21.50 5.49
CA TYR C 436 13.14 20.08 5.75
C TYR C 436 13.49 19.71 7.18
N LEU C 437 14.56 20.28 7.73
CA LEU C 437 14.95 19.97 9.10
C LEU C 437 13.95 20.53 10.09
N GLY C 438 13.46 21.75 9.85
CA GLY C 438 12.40 22.27 10.71
C GLY C 438 11.19 21.36 10.71
N TYR C 439 10.77 20.93 9.52
CA TYR C 439 9.61 20.04 9.46
C TYR C 439 9.89 18.71 10.13
N CYS C 440 11.11 18.18 9.98
CA CYS C 440 11.44 16.89 10.59
C CYS C 440 11.38 16.96 12.10
N PHE C 441 12.01 17.98 12.69
CA PHE C 441 12.01 18.10 14.15
C PHE C 441 10.59 18.30 14.67
N CYS C 442 9.83 19.19 14.04
CA CYS C 442 8.46 19.44 14.51
C CYS C 442 7.63 18.17 14.44
N GLY C 443 7.66 17.47 13.29
CA GLY C 443 6.89 16.25 13.16
C GLY C 443 7.30 15.20 14.18
N TRP C 444 8.61 14.95 14.29
CA TRP C 444 9.11 13.99 15.26
C TRP C 444 8.54 14.26 16.64
N ILE C 445 8.80 15.45 17.19
CA ILE C 445 8.46 15.67 18.59
C ILE C 445 6.95 15.71 18.80
N VAL C 446 6.20 16.30 17.88
CA VAL C 446 4.78 16.49 18.14
C VAL C 446 3.99 15.24 17.82
N LEU C 447 4.15 14.69 16.60
CA LEU C 447 3.33 13.57 16.17
C LEU C 447 3.94 12.22 16.52
N GLY C 448 5.15 12.18 17.07
CA GLY C 448 5.79 10.93 17.39
C GLY C 448 5.03 10.03 18.35
N PRO C 449 4.57 10.58 19.48
CA PRO C 449 3.79 9.76 20.42
C PRO C 449 2.51 9.21 19.84
N TYR C 450 1.93 9.85 18.82
CA TYR C 450 0.65 9.46 18.28
C TYR C 450 0.71 8.75 16.93
N HIS C 451 1.72 9.05 16.11
CA HIS C 451 1.81 8.51 14.76
C HIS C 451 2.86 7.40 14.73
N VAL C 452 2.50 6.30 14.06
CA VAL C 452 3.39 5.14 14.00
C VAL C 452 4.57 5.38 13.07
N LYS C 453 4.48 6.35 12.16
CA LYS C 453 5.52 6.62 11.18
C LYS C 453 6.41 7.79 11.59
N PHE C 454 6.24 8.31 12.82
CA PHE C 454 7.04 9.41 13.32
C PHE C 454 7.75 9.06 14.62
N ARG C 455 7.96 7.77 14.89
CA ARG C 455 8.47 7.34 16.19
C ARG C 455 9.89 7.82 16.43
N SER C 456 10.76 7.75 15.42
CA SER C 456 12.14 8.16 15.54
C SER C 456 12.49 9.15 14.44
N LEU C 457 13.65 9.79 14.58
CA LEU C 457 14.03 10.84 13.64
C LEU C 457 14.30 10.30 12.25
N SER C 458 14.97 9.15 12.16
CA SER C 458 15.19 8.53 10.86
C SER C 458 13.86 8.12 10.23
N MET C 459 12.93 7.62 11.05
CA MET C 459 11.61 7.24 10.53
C MET C 459 10.85 8.46 10.03
N VAL C 460 10.99 9.60 10.73
CA VAL C 460 10.36 10.84 10.27
C VAL C 460 10.95 11.27 8.93
N SER C 461 12.28 11.18 8.81
CA SER C 461 12.93 11.56 7.55
C SER C 461 12.46 10.66 6.42
N GLU C 462 12.36 9.35 6.67
CA GLU C 462 11.86 8.43 5.65
C GLU C 462 10.42 8.75 5.26
N CYS C 463 9.57 9.01 6.25
CA CYS C 463 8.17 9.30 5.98
C CYS C 463 8.03 10.57 5.14
N LEU C 464 8.76 11.63 5.49
CA LEU C 464 8.65 12.87 4.74
C LEU C 464 9.23 12.73 3.35
N PHE C 465 10.34 12.00 3.21
CA PHE C 465 10.94 11.78 1.90
C PHE C 465 10.01 10.97 1.00
N SER C 466 9.28 10.02 1.59
CA SER C 466 8.29 9.27 0.83
C SER C 466 7.10 10.14 0.46
N LEU C 467 6.69 11.04 1.36
CA LEU C 467 5.57 11.93 1.06
C LEU C 467 5.91 12.88 -0.07
N ILE C 468 7.15 13.34 -0.14
CA ILE C 468 7.56 14.21 -1.25
C ILE C 468 7.36 13.50 -2.59
N ASN C 469 7.55 12.18 -2.62
CA ASN C 469 7.34 11.40 -3.83
C ASN C 469 5.94 10.82 -3.92
N GLY C 470 5.01 11.29 -3.09
CA GLY C 470 3.64 10.85 -3.16
C GLY C 470 3.40 9.42 -2.75
N ASP C 471 4.02 8.96 -1.67
CA ASP C 471 3.90 7.58 -1.21
C ASP C 471 3.25 7.56 0.17
N ASP C 472 2.29 6.65 0.35
CA ASP C 472 1.64 6.40 1.64
C ASP C 472 0.95 7.64 2.20
N MET C 473 0.45 8.50 1.30
CA MET C 473 -0.14 9.77 1.74
C MET C 473 -1.41 9.53 2.55
N PHE C 474 -2.32 8.70 2.03
CA PHE C 474 -3.58 8.49 2.75
C PHE C 474 -3.37 7.69 4.04
N VAL C 475 -2.42 6.75 4.04
CA VAL C 475 -2.12 6.03 5.27
C VAL C 475 -1.57 7.00 6.32
N THR C 476 -0.69 7.91 5.90
CA THR C 476 -0.17 8.90 6.84
C THR C 476 -1.28 9.80 7.36
N PHE C 477 -2.22 10.19 6.50
CA PHE C 477 -3.34 11.01 6.95
C PHE C 477 -4.24 10.26 7.92
N ALA C 478 -4.52 8.99 7.63
CA ALA C 478 -5.49 8.22 8.39
C ALA C 478 -4.93 7.60 9.65
N ALA C 479 -3.61 7.63 9.85
CA ALA C 479 -3.10 7.14 11.13
C ALA C 479 -3.48 8.04 12.31
N MET C 480 -4.24 9.11 12.10
CA MET C 480 -4.69 9.98 13.18
C MET C 480 -6.21 10.07 13.28
N GLN C 481 -6.94 9.25 12.52
CA GLN C 481 -8.40 9.24 12.68
C GLN C 481 -8.80 8.76 14.07
N ALA C 482 -7.98 7.92 14.69
CA ALA C 482 -8.23 7.54 16.08
C ALA C 482 -8.04 8.73 17.02
N GLN C 483 -7.09 9.61 16.72
CA GLN C 483 -6.85 10.79 17.53
C GLN C 483 -7.78 11.95 17.17
N GLN C 484 -8.57 11.82 16.11
CA GLN C 484 -9.55 12.87 15.83
C GLN C 484 -10.51 13.06 17.00
N GLY C 485 -10.92 11.95 17.64
CA GLY C 485 -11.82 12.04 18.76
C GLY C 485 -11.13 12.41 20.06
N ARG C 486 -10.02 11.75 20.36
CA ARG C 486 -9.23 12.05 21.55
C ARG C 486 -7.95 12.76 21.12
N SER C 487 -7.68 13.91 21.72
CA SER C 487 -6.66 14.85 21.26
C SER C 487 -7.02 15.40 19.88
N SER C 488 -8.20 16.02 19.80
CA SER C 488 -8.61 16.67 18.56
C SER C 488 -7.68 17.80 18.18
N LEU C 489 -7.06 18.45 19.16
CA LEU C 489 -6.09 19.50 18.85
C LEU C 489 -4.88 18.94 18.12
N VAL C 490 -4.37 17.79 18.60
CA VAL C 490 -3.25 17.14 17.92
C VAL C 490 -3.68 16.65 16.55
N TRP C 491 -4.91 16.17 16.42
CA TRP C 491 -5.39 15.74 15.10
C TRP C 491 -5.44 16.91 14.12
N LEU C 492 -5.94 18.06 14.56
CA LEU C 492 -6.00 19.24 13.70
C LEU C 492 -4.59 19.72 13.35
N PHE C 493 -3.67 19.70 14.31
CA PHE C 493 -2.29 20.06 14.01
C PHE C 493 -1.69 19.11 12.98
N SER C 494 -2.00 17.81 13.09
CA SER C 494 -1.50 16.86 12.11
C SER C 494 -2.06 17.15 10.73
N GLN C 495 -3.35 17.49 10.65
CA GLN C 495 -3.94 17.85 9.36
C GLN C 495 -3.20 19.03 8.74
N LEU C 496 -3.04 20.11 9.51
CA LEU C 496 -2.36 21.29 8.97
C LEU C 496 -0.92 20.99 8.59
N TYR C 497 -0.21 20.26 9.44
CA TYR C 497 1.19 19.92 9.18
C TYR C 497 1.33 19.13 7.89
N LEU C 498 0.53 18.09 7.73
CA LEU C 498 0.65 17.24 6.55
C LEU C 498 0.25 18.00 5.28
N TYR C 499 -0.86 18.75 5.33
CA TYR C 499 -1.27 19.48 4.14
C TYR C 499 -0.22 20.51 3.73
N SER C 500 0.30 21.27 4.69
CA SER C 500 1.29 22.29 4.38
C SER C 500 2.56 21.66 3.81
N PHE C 501 3.08 20.62 4.46
CA PHE C 501 4.31 20.01 3.98
C PHE C 501 4.13 19.45 2.58
N ILE C 502 3.02 18.72 2.35
CA ILE C 502 2.82 18.09 1.06
C ILE C 502 2.71 19.14 -0.03
N SER C 503 1.89 20.17 0.18
CA SER C 503 1.74 21.21 -0.83
C SER C 503 3.08 21.88 -1.12
N LEU C 504 3.74 22.38 -0.07
CA LEU C 504 4.97 23.15 -0.25
C LEU C 504 6.05 22.34 -0.93
N PHE C 505 6.21 21.06 -0.58
CA PHE C 505 7.33 20.31 -1.11
C PHE C 505 7.04 19.62 -2.43
N ILE C 506 5.83 19.09 -2.64
CA ILE C 506 5.55 18.46 -3.92
C ILE C 506 5.36 19.52 -5.00
N TYR C 507 4.67 20.62 -4.70
CA TYR C 507 4.26 21.53 -5.75
C TYR C 507 5.21 22.70 -5.96
N MET C 508 5.85 23.21 -4.90
CA MET C 508 6.75 24.35 -5.04
C MET C 508 8.22 23.96 -5.11
N VAL C 509 8.67 23.09 -4.21
CA VAL C 509 10.11 22.81 -4.10
C VAL C 509 10.55 21.81 -5.15
N LEU C 510 9.86 20.67 -5.26
CA LEU C 510 10.26 19.64 -6.22
C LEU C 510 10.15 20.14 -7.64
N SER C 511 9.16 20.98 -7.92
CA SER C 511 9.04 21.57 -9.25
C SER C 511 10.27 22.40 -9.60
N LEU C 512 10.76 23.21 -8.65
CA LEU C 512 11.94 24.02 -8.92
C LEU C 512 13.20 23.19 -9.02
N PHE C 513 13.29 22.09 -8.25
CA PHE C 513 14.42 21.17 -8.39
C PHE C 513 14.48 20.60 -9.80
N ILE C 514 13.36 20.04 -10.27
CA ILE C 514 13.30 19.47 -11.61
C ILE C 514 13.53 20.56 -12.65
N ALA C 515 13.05 21.78 -12.37
CA ALA C 515 13.27 22.89 -13.31
C ALA C 515 14.75 23.24 -13.43
N LEU C 516 15.48 23.23 -12.31
CA LEU C 516 16.92 23.45 -12.36
C LEU C 516 17.61 22.38 -13.20
N ILE C 517 17.25 21.12 -12.97
CA ILE C 517 17.91 20.03 -13.69
C ILE C 517 17.62 20.11 -15.18
N THR C 518 16.36 20.35 -15.54
CA THR C 518 16.00 20.43 -16.95
C THR C 518 16.53 21.70 -17.62
N GLY C 519 16.69 22.79 -16.87
CA GLY C 519 17.32 23.97 -17.43
C GLY C 519 18.80 23.75 -17.71
N ALA C 520 19.48 23.03 -16.82
CA ALA C 520 20.86 22.65 -17.11
C ALA C 520 20.94 21.76 -18.35
N TYR C 521 19.98 20.84 -18.49
CA TYR C 521 19.95 20.02 -19.70
C TYR C 521 19.74 20.87 -20.94
N ASP C 522 18.84 21.86 -20.87
CA ASP C 522 18.61 22.74 -22.01
C ASP C 522 19.86 23.55 -22.34
N THR C 523 20.62 23.94 -21.33
CA THR C 523 21.91 24.59 -21.57
C THR C 523 22.86 23.64 -22.28
N ILE C 524 22.91 22.38 -21.85
CA ILE C 524 23.85 21.43 -22.42
C ILE C 524 23.51 21.12 -23.88
N LYS C 525 22.23 20.86 -24.18
CA LYS C 525 21.86 20.40 -25.51
C LYS C 525 22.00 21.46 -26.58
N HIS C 526 22.19 22.73 -26.21
CA HIS C 526 22.42 23.79 -27.19
C HIS C 526 23.90 24.13 -27.28
N LEU D 41 19.65 60.43 3.68
CA LEU D 41 18.29 59.89 3.63
C LEU D 41 18.23 58.74 2.63
N ARG D 42 18.70 58.98 1.41
CA ARG D 42 18.84 57.88 0.46
C ARG D 42 19.93 56.91 0.91
N ARG D 43 21.02 57.43 1.48
CA ARG D 43 22.01 56.55 2.08
C ARG D 43 21.45 55.88 3.34
N ARG D 44 20.51 56.53 4.02
CA ARG D 44 19.80 55.88 5.12
C ARG D 44 19.01 54.68 4.61
N LEU D 45 18.32 54.84 3.49
CA LEU D 45 17.59 53.72 2.89
C LEU D 45 18.56 52.63 2.44
N LYS D 46 19.68 53.02 1.85
CA LYS D 46 20.74 52.08 1.49
C LYS D 46 21.14 51.25 2.70
N TYR D 47 21.43 51.91 3.82
CA TYR D 47 21.84 51.21 5.03
C TYR D 47 20.72 50.32 5.56
N PHE D 48 19.48 50.81 5.51
CA PHE D 48 18.35 50.06 6.05
C PHE D 48 18.04 48.80 5.24
N PHE D 49 18.28 48.82 3.93
CA PHE D 49 18.02 47.67 3.07
C PHE D 49 19.29 46.89 2.73
N MET D 50 20.44 47.28 3.26
CA MET D 50 21.68 46.53 3.05
C MET D 50 21.59 45.13 3.67
N SER D 51 22.36 44.20 3.10
CA SER D 51 22.49 42.85 3.63
C SER D 51 23.38 42.87 4.88
N PRO D 52 23.36 41.81 5.70
CA PRO D 52 24.17 41.84 6.93
C PRO D 52 25.67 41.98 6.66
N CYS D 53 26.18 41.30 5.63
CA CYS D 53 27.60 41.32 5.34
C CYS D 53 28.05 42.72 4.89
N ASP D 54 27.30 43.34 3.98
CA ASP D 54 27.62 44.71 3.55
C ASP D 54 27.35 45.73 4.66
N LYS D 55 26.42 45.43 5.56
CA LYS D 55 26.26 46.26 6.76
C LYS D 55 27.51 46.22 7.62
N PHE D 56 28.09 45.02 7.80
CA PHE D 56 29.33 44.90 8.55
C PHE D 56 30.49 45.58 7.83
N ARG D 57 30.51 45.50 6.51
CA ARG D 57 31.51 46.27 5.76
C ARG D 57 31.32 47.77 5.96
N ALA D 58 30.07 48.22 6.02
CA ALA D 58 29.79 49.65 6.13
C ALA D 58 30.22 50.20 7.49
N LYS D 59 29.66 49.65 8.58
CA LYS D 59 29.88 50.24 9.90
C LYS D 59 30.65 49.31 10.84
N GLY D 60 31.26 48.26 10.32
CA GLY D 60 31.93 47.29 11.19
C GLY D 60 31.02 46.74 12.27
N ARG D 61 29.75 46.59 11.96
CA ARG D 61 28.75 46.15 12.95
C ARG D 61 28.68 44.63 12.94
N LYS D 62 28.97 44.03 14.10
CA LYS D 62 28.77 42.59 14.24
C LYS D 62 27.28 42.28 14.23
N PRO D 63 26.81 41.35 13.40
CA PRO D 63 25.38 41.04 13.37
C PRO D 63 24.90 40.33 14.62
N CYS D 64 24.71 41.11 15.70
CA CYS D 64 24.16 40.56 16.94
C CYS D 64 22.84 39.84 16.71
N LYS D 65 22.00 40.39 15.84
CA LYS D 65 20.75 39.72 15.49
C LYS D 65 21.02 38.35 14.90
N LEU D 66 21.98 38.25 13.97
CA LEU D 66 22.31 36.98 13.36
C LEU D 66 22.88 36.00 14.39
N MET D 67 23.72 36.46 15.31
CA MET D 67 24.24 35.59 16.35
C MET D 67 23.11 35.09 17.25
N LEU D 68 22.18 35.97 17.60
CA LEU D 68 21.02 35.58 18.41
C LEU D 68 20.20 34.53 17.69
N GLN D 69 19.96 34.72 16.38
CA GLN D 69 19.23 33.72 15.62
C GLN D 69 19.97 32.38 15.61
N VAL D 70 21.29 32.42 15.44
CA VAL D 70 22.05 31.18 15.33
C VAL D 70 21.98 30.39 16.64
N VAL D 71 22.17 31.08 17.78
CA VAL D 71 22.04 30.37 19.06
C VAL D 71 20.58 30.00 19.33
N LYS D 72 19.63 30.75 18.77
CA LYS D 72 18.21 30.45 18.95
C LYS D 72 17.84 29.15 18.25
N ILE D 73 18.46 28.87 17.10
CA ILE D 73 18.21 27.62 16.39
C ILE D 73 18.52 26.44 17.27
N LEU D 74 19.63 26.51 18.02
CA LEU D 74 20.04 25.39 18.85
C LEU D 74 19.21 25.32 20.13
N VAL D 75 18.99 26.46 20.79
CA VAL D 75 18.31 26.42 22.08
C VAL D 75 16.87 25.96 21.92
N VAL D 76 16.18 26.42 20.87
CA VAL D 76 14.78 26.05 20.72
C VAL D 76 14.64 24.56 20.41
N THR D 77 15.51 24.04 19.55
CA THR D 77 15.43 22.62 19.19
C THR D 77 15.78 21.73 20.38
N VAL D 78 16.80 22.12 21.16
CA VAL D 78 17.16 21.34 22.33
C VAL D 78 16.01 21.33 23.34
N GLN D 79 15.38 22.50 23.54
CA GLN D 79 14.23 22.55 24.45
C GLN D 79 13.09 21.69 23.94
N LEU D 80 12.85 21.69 22.63
CA LEU D 80 11.78 20.88 22.06
C LEU D 80 12.02 19.40 22.32
N ILE D 81 13.26 18.94 22.13
CA ILE D 81 13.56 17.53 22.39
C ILE D 81 13.40 17.19 23.86
N LEU D 82 13.90 18.07 24.74
CA LEU D 82 13.79 17.80 26.17
C LEU D 82 12.34 17.71 26.62
N PHE D 83 11.49 18.59 26.10
CA PHE D 83 10.06 18.47 26.40
C PHE D 83 9.47 17.20 25.79
N GLY D 84 9.89 16.84 24.57
CA GLY D 84 9.36 15.66 23.92
C GLY D 84 9.58 14.41 24.73
N LEU D 85 10.66 14.37 25.52
CA LEU D 85 10.86 13.24 26.42
C LEU D 85 9.66 13.03 27.35
N SER D 86 9.27 14.07 28.07
CA SER D 86 8.16 13.97 29.02
C SER D 86 6.83 13.77 28.30
N ASN D 87 6.65 14.42 27.15
CA ASN D 87 5.45 14.22 26.37
C ASN D 87 5.29 12.75 25.97
N GLN D 88 6.40 12.14 25.53
CA GLN D 88 6.38 10.73 25.18
C GLN D 88 6.04 9.87 26.38
N LEU D 89 6.62 10.18 27.54
CA LEU D 89 6.29 9.42 28.75
C LEU D 89 4.80 9.45 29.05
N ALA D 90 4.20 10.64 29.03
CA ALA D 90 2.79 10.77 29.38
C ALA D 90 1.89 10.05 28.38
N VAL D 91 2.13 10.28 27.07
CA VAL D 91 1.29 9.64 26.06
C VAL D 91 1.44 8.13 26.11
N THR D 92 2.66 7.63 26.32
CA THR D 92 2.88 6.20 26.43
C THR D 92 2.12 5.62 27.62
N PHE D 93 2.17 6.29 28.77
CA PHE D 93 1.44 5.79 29.93
C PHE D 93 -0.05 5.69 29.62
N ARG D 94 -0.62 6.75 29.04
CA ARG D 94 -2.05 6.73 28.74
C ARG D 94 -2.41 5.58 27.79
N GLU D 95 -1.69 5.49 26.66
CA GLU D 95 -2.05 4.50 25.65
C GLU D 95 -1.86 3.07 26.15
N GLU D 96 -0.75 2.81 26.84
CA GLU D 96 -0.52 1.46 27.34
C GLU D 96 -1.52 1.07 28.40
N ASN D 97 -1.93 2.01 29.26
CA ASN D 97 -2.97 1.71 30.22
C ASN D 97 -4.30 1.42 29.53
N THR D 98 -4.62 2.15 28.46
CA THR D 98 -5.86 1.86 27.74
C THR D 98 -5.81 0.47 27.10
N ILE D 99 -4.66 0.09 26.54
CA ILE D 99 -4.53 -1.24 25.94
C ILE D 99 -4.68 -2.33 27.00
N ALA D 100 -4.04 -2.13 28.15
CA ALA D 100 -4.17 -3.11 29.23
C ALA D 100 -5.61 -3.22 29.70
N PHE D 101 -6.33 -2.09 29.78
CA PHE D 101 -7.74 -2.13 30.16
C PHE D 101 -8.56 -2.90 29.15
N ARG D 102 -8.30 -2.70 27.86
CA ARG D 102 -9.03 -3.46 26.85
C ARG D 102 -8.81 -4.95 27.02
N HIS D 103 -7.55 -5.37 27.15
CA HIS D 103 -7.27 -6.79 27.29
C HIS D 103 -7.81 -7.37 28.59
N LEU D 104 -7.88 -6.55 29.64
CA LEU D 104 -8.39 -7.03 30.92
C LEU D 104 -9.90 -7.17 30.94
N PHE D 105 -10.63 -6.19 30.38
CA PHE D 105 -12.06 -6.12 30.59
C PHE D 105 -12.90 -6.58 29.40
N LEU D 106 -12.34 -6.65 28.20
CA LEU D 106 -13.10 -7.08 27.04
C LEU D 106 -12.86 -8.57 26.83
N LEU D 107 -13.95 -9.34 26.84
CA LEU D 107 -13.86 -10.80 26.75
C LEU D 107 -13.56 -11.21 25.32
N GLY D 108 -12.50 -11.99 25.15
CA GLY D 108 -12.11 -12.45 23.82
C GLY D 108 -11.45 -11.40 22.97
N TYR D 109 -11.02 -10.29 23.56
CA TYR D 109 -10.36 -9.23 22.80
C TYR D 109 -8.94 -9.63 22.43
N SER D 110 -8.56 -9.34 21.18
CA SER D 110 -7.20 -9.55 20.70
C SER D 110 -6.71 -8.25 20.07
N ASP D 111 -5.39 -8.09 20.03
CA ASP D 111 -4.80 -6.89 19.46
C ASP D 111 -5.19 -6.74 17.99
N GLY D 112 -5.42 -5.51 17.58
CA GLY D 112 -6.19 -5.26 16.38
C GLY D 112 -7.66 -5.34 16.73
N ALA D 113 -8.50 -5.29 15.70
CA ALA D 113 -9.94 -5.52 15.84
C ALA D 113 -10.55 -4.65 16.94
N ASP D 114 -10.07 -3.42 17.05
CA ASP D 114 -10.76 -2.46 17.91
C ASP D 114 -12.14 -2.15 17.36
N ASP D 115 -12.28 -2.09 16.04
CA ASP D 115 -13.57 -2.18 15.38
C ASP D 115 -13.82 -3.66 15.05
N THR D 116 -14.93 -3.98 14.39
CA THR D 116 -15.32 -5.36 14.12
C THR D 116 -15.22 -6.23 15.37
N PHE D 117 -15.58 -5.67 16.52
CA PHE D 117 -15.62 -6.42 17.77
C PHE D 117 -16.99 -6.19 18.38
N ALA D 118 -17.83 -7.21 18.36
CA ALA D 118 -19.23 -7.04 18.71
C ALA D 118 -19.76 -8.32 19.34
N ALA D 119 -21.00 -8.23 19.82
CA ALA D 119 -21.74 -9.38 20.28
C ALA D 119 -22.89 -9.65 19.32
N TYR D 120 -23.16 -10.92 19.07
CA TYR D 120 -24.21 -11.30 18.14
C TYR D 120 -25.25 -12.20 18.75
N THR D 121 -25.05 -12.70 19.97
CA THR D 121 -26.07 -13.46 20.67
C THR D 121 -26.25 -12.89 22.07
N ARG D 122 -27.44 -13.16 22.64
CA ARG D 122 -27.74 -12.71 23.99
C ARG D 122 -26.74 -13.27 24.99
N GLU D 123 -26.35 -14.53 24.81
CA GLU D 123 -25.38 -15.13 25.72
C GLU D 123 -24.03 -14.46 25.59
N GLN D 124 -23.62 -14.11 24.36
CA GLN D 124 -22.37 -13.38 24.18
C GLN D 124 -22.41 -12.04 24.90
N LEU D 125 -23.53 -11.31 24.79
CA LEU D 125 -23.63 -10.01 25.43
C LEU D 125 -23.58 -10.14 26.96
N TYR D 126 -24.34 -11.09 27.50
CA TYR D 126 -24.33 -11.31 28.94
C TYR D 126 -22.95 -11.70 29.44
N GLN D 127 -22.28 -12.60 28.71
CA GLN D 127 -20.94 -13.03 29.12
C GLN D 127 -19.96 -11.87 29.08
N ALA D 128 -20.05 -11.03 28.04
CA ALA D 128 -19.17 -9.87 27.97
C ALA D 128 -19.37 -8.94 29.16
N ILE D 129 -20.64 -8.64 29.48
CA ILE D 129 -20.92 -7.73 30.58
C ILE D 129 -20.44 -8.30 31.91
N PHE D 130 -20.77 -9.58 32.16
CA PHE D 130 -20.39 -10.19 33.43
C PHE D 130 -18.88 -10.37 33.53
N HIS D 131 -18.20 -10.65 32.42
CA HIS D 131 -16.75 -10.73 32.45
C HIS D 131 -16.14 -9.38 32.76
N ALA D 132 -16.68 -8.29 32.19
CA ALA D 132 -16.18 -6.96 32.51
C ALA D 132 -16.32 -6.67 34.00
N VAL D 133 -17.48 -6.98 34.57
CA VAL D 133 -17.70 -6.68 35.98
C VAL D 133 -16.83 -7.57 36.87
N ASP D 134 -16.68 -8.85 36.51
CA ASP D 134 -15.85 -9.76 37.29
C ASP D 134 -14.39 -9.34 37.26
N GLN D 135 -13.89 -8.92 36.10
CA GLN D 135 -12.52 -8.44 36.03
C GLN D 135 -12.35 -7.15 36.83
N TYR D 136 -13.37 -6.29 36.85
CA TYR D 136 -13.30 -5.12 37.71
C TYR D 136 -13.17 -5.54 39.16
N LEU D 137 -13.98 -6.50 39.59
CA LEU D 137 -13.94 -6.93 40.99
C LEU D 137 -12.69 -7.72 41.34
N ALA D 138 -11.97 -8.28 40.36
CA ALA D 138 -10.80 -9.09 40.64
C ALA D 138 -9.48 -8.42 40.26
N LEU D 139 -9.51 -7.18 39.76
CA LEU D 139 -8.30 -6.44 39.41
C LEU D 139 -7.12 -6.55 40.38
N PRO D 140 -7.27 -6.24 41.67
CA PRO D 140 -6.09 -6.09 42.54
C PRO D 140 -5.26 -7.35 42.71
N ASP D 141 -5.77 -8.53 42.37
CA ASP D 141 -5.00 -9.76 42.45
C ASP D 141 -4.84 -10.47 41.11
N VAL D 142 -5.22 -9.84 40.00
CA VAL D 142 -4.96 -10.40 38.69
C VAL D 142 -4.21 -9.45 37.77
N SER D 143 -4.22 -8.14 38.01
CA SER D 143 -3.59 -7.22 37.08
C SER D 143 -2.10 -7.08 37.36
N LEU D 144 -1.35 -6.76 36.30
CA LEU D 144 0.08 -6.52 36.43
C LEU D 144 0.41 -5.12 36.90
N GLY D 145 -0.54 -4.20 36.84
CA GLY D 145 -0.36 -2.88 37.39
C GLY D 145 -1.10 -2.73 38.70
N ARG D 146 -0.72 -1.71 39.46
CA ARG D 146 -1.33 -1.45 40.75
C ARG D 146 -2.32 -0.30 40.61
N TYR D 147 -3.60 -0.59 40.84
CA TYR D 147 -4.68 0.37 40.69
C TYR D 147 -5.43 0.52 42.00
N ALA D 148 -6.07 1.68 42.16
CA ALA D 148 -6.90 1.97 43.32
C ALA D 148 -8.31 2.29 42.89
N TYR D 149 -9.28 1.87 43.70
CA TYR D 149 -10.68 2.11 43.41
C TYR D 149 -11.10 3.50 43.86
N VAL D 150 -12.03 4.09 43.11
CA VAL D 150 -12.54 5.42 43.39
C VAL D 150 -14.02 5.27 43.72
N ARG D 151 -14.37 5.49 44.99
CA ARG D 151 -15.77 5.41 45.40
C ARG D 151 -16.56 6.57 44.82
N GLY D 152 -17.86 6.35 44.62
CA GLY D 152 -18.68 7.26 43.85
C GLY D 152 -18.79 8.68 44.35
N GLY D 153 -18.55 9.64 43.44
CA GLY D 153 -18.75 11.04 43.74
C GLY D 153 -19.24 11.83 42.55
N GLY D 154 -19.60 11.14 41.47
CA GLY D 154 -19.83 11.79 40.18
C GLY D 154 -21.21 11.49 39.63
N ASP D 155 -21.29 11.43 38.29
CA ASP D 155 -22.60 11.39 37.63
C ASP D 155 -23.29 10.04 37.83
N PRO D 156 -22.75 8.90 37.35
CA PRO D 156 -23.52 7.65 37.42
C PRO D 156 -23.41 6.97 38.78
N TRP D 157 -22.35 7.28 39.52
CA TRP D 157 -22.02 6.55 40.74
C TRP D 157 -22.70 7.17 41.95
N THR D 158 -23.26 6.32 42.80
CA THR D 158 -23.78 6.75 44.09
C THR D 158 -22.66 6.67 45.13
N ASN D 159 -22.98 7.01 46.37
CA ASN D 159 -21.98 6.97 47.43
C ASN D 159 -21.54 5.53 47.70
N GLY D 160 -20.23 5.29 47.61
CA GLY D 160 -19.69 3.97 47.80
C GLY D 160 -19.61 3.13 46.54
N SER D 161 -20.23 3.56 45.45
CA SER D 161 -20.25 2.78 44.23
C SER D 161 -18.98 3.01 43.43
N GLY D 162 -18.35 1.93 42.99
CA GLY D 162 -17.17 2.04 42.16
C GLY D 162 -17.48 1.84 40.70
N LEU D 163 -18.42 0.93 40.41
CA LEU D 163 -18.81 0.60 39.05
C LEU D 163 -20.31 0.82 38.90
N ALA D 164 -20.70 1.48 37.81
CA ALA D 164 -22.12 1.70 37.50
C ALA D 164 -22.45 0.91 36.24
N LEU D 165 -23.44 0.03 36.35
CA LEU D 165 -23.89 -0.81 35.24
C LEU D 165 -25.26 -0.29 34.82
N CYS D 166 -25.28 0.53 33.76
CA CYS D 166 -26.48 1.21 33.30
C CYS D 166 -26.91 0.64 31.96
N GLN D 167 -28.19 0.29 31.85
CA GLN D 167 -28.80 -0.03 30.57
C GLN D 167 -29.86 1.02 30.25
N ARG D 168 -29.94 1.41 28.98
CA ARG D 168 -30.86 2.44 28.54
C ARG D 168 -31.78 1.86 27.47
N TYR D 169 -33.07 2.13 27.60
CA TYR D 169 -34.07 1.60 26.70
C TYR D 169 -35.18 2.61 26.51
N TYR D 170 -35.98 2.41 25.48
CA TYR D 170 -37.14 3.27 25.25
C TYR D 170 -38.13 3.13 26.38
N HIS D 171 -38.79 4.23 26.71
CA HIS D 171 -39.75 4.22 27.83
C HIS D 171 -40.86 3.21 27.58
N ARG D 172 -41.32 3.10 26.33
CA ARG D 172 -42.35 2.15 25.96
C ARG D 172 -42.07 1.66 24.55
N GLY D 173 -41.79 0.37 24.41
CA GLY D 173 -41.53 -0.17 23.10
C GLY D 173 -42.26 -1.47 22.84
N HIS D 174 -43.15 -1.48 21.86
CA HIS D 174 -43.88 -2.67 21.45
C HIS D 174 -43.53 -2.95 20.00
N VAL D 175 -42.42 -3.63 19.78
CA VAL D 175 -41.94 -3.93 18.44
C VAL D 175 -42.50 -5.27 18.03
N ASP D 176 -43.25 -5.30 16.93
CA ASP D 176 -43.87 -6.53 16.45
C ASP D 176 -43.74 -6.61 14.93
N PRO D 177 -42.62 -7.16 14.43
CA PRO D 177 -42.46 -7.29 12.98
C PRO D 177 -43.42 -8.27 12.33
N ALA D 178 -44.08 -9.14 13.11
CA ALA D 178 -45.01 -10.10 12.54
C ALA D 178 -46.23 -9.39 11.95
N ASN D 179 -46.81 -8.46 12.71
CA ASN D 179 -47.99 -7.73 12.26
C ASN D 179 -47.65 -6.37 11.66
N ASP D 180 -46.37 -6.08 11.46
CA ASP D 180 -45.90 -4.82 10.89
C ASP D 180 -46.47 -3.63 11.66
N THR D 181 -46.37 -3.69 13.00
CA THR D 181 -46.88 -2.65 13.86
C THR D 181 -45.89 -2.41 15.00
N PHE D 182 -45.90 -1.19 15.53
CA PHE D 182 -45.13 -0.86 16.72
C PHE D 182 -45.73 0.37 17.38
N ASP D 183 -45.95 0.30 18.69
CA ASP D 183 -46.36 1.44 19.50
C ASP D 183 -45.18 1.83 20.38
N ILE D 184 -44.44 2.85 19.96
CA ILE D 184 -43.17 3.20 20.57
C ILE D 184 -43.24 4.60 21.18
N ASP D 185 -42.69 4.75 22.38
CA ASP D 185 -42.43 6.05 22.98
C ASP D 185 -40.93 6.22 23.10
N PRO D 186 -40.29 6.99 22.24
CA PRO D 186 -38.82 7.00 22.19
C PRO D 186 -38.19 7.91 23.24
N MET D 187 -38.62 7.81 24.48
CA MET D 187 -37.98 8.50 25.60
C MET D 187 -37.07 7.51 26.32
N VAL D 188 -35.79 7.83 26.38
CA VAL D 188 -34.79 6.89 26.89
C VAL D 188 -34.87 6.86 28.41
N VAL D 189 -35.08 5.68 28.98
CA VAL D 189 -35.08 5.47 30.42
C VAL D 189 -33.79 4.76 30.80
N THR D 190 -33.13 5.26 31.83
CA THR D 190 -31.85 4.73 32.28
C THR D 190 -32.05 3.93 33.56
N ASP D 191 -31.47 2.73 33.60
CA ASP D 191 -31.54 1.84 34.76
C ASP D 191 -30.12 1.42 35.10
N CYS D 192 -29.61 1.91 36.24
CA CYS D 192 -28.22 1.70 36.63
C CYS D 192 -28.14 0.76 37.82
N ILE D 193 -27.14 -0.12 37.80
CA ILE D 193 -26.81 -0.99 38.92
C ILE D 193 -25.47 -0.55 39.48
N GLN D 194 -25.41 -0.40 40.80
CA GLN D 194 -24.22 0.08 41.48
C GLN D 194 -23.47 -1.09 42.10
N VAL D 195 -22.17 -1.16 41.82
CA VAL D 195 -21.31 -2.23 42.31
C VAL D 195 -20.24 -1.62 43.19
N ASP D 196 -20.12 -2.12 44.41
CA ASP D 196 -19.12 -1.64 45.37
C ASP D 196 -17.87 -2.52 45.30
N PRO D 197 -16.69 -1.91 45.27
CA PRO D 197 -15.47 -2.73 45.24
C PRO D 197 -15.36 -3.56 46.51
N PRO D 198 -14.74 -4.74 46.40
CA PRO D 198 -14.62 -5.60 47.59
C PRO D 198 -13.83 -4.92 48.70
N GLU D 199 -14.28 -5.13 49.93
CA GLU D 199 -13.64 -4.56 51.12
C GLU D 199 -12.65 -5.59 51.66
N ARG D 200 -11.41 -5.51 51.17
CA ARG D 200 -10.40 -6.44 51.60
C ARG D 200 -9.20 -5.70 52.18
N PRO D 201 -8.56 -6.24 53.23
CA PRO D 201 -7.36 -5.66 53.84
C PRO D 201 -6.17 -5.59 52.87
N SER D 217 -25.55 -9.47 42.71
CA SER D 217 -26.63 -8.53 42.49
C SER D 217 -26.66 -8.07 41.04
N TYR D 218 -25.48 -7.79 40.49
CA TYR D 218 -25.38 -7.39 39.09
C TYR D 218 -25.60 -8.55 38.13
N LYS D 219 -25.57 -9.79 38.62
CA LYS D 219 -25.78 -10.96 37.79
C LYS D 219 -27.27 -11.27 37.57
N ASN D 220 -28.16 -10.56 38.26
CA ASN D 220 -29.60 -10.64 38.02
C ASN D 220 -30.06 -9.64 36.98
N LEU D 221 -29.18 -9.20 36.08
CA LEU D 221 -29.48 -8.15 35.13
C LEU D 221 -30.37 -8.69 34.01
N THR D 222 -31.56 -8.12 33.85
CA THR D 222 -32.40 -8.36 32.69
C THR D 222 -32.22 -7.22 31.70
N LEU D 223 -31.99 -7.55 30.44
CA LEU D 223 -31.42 -6.58 29.51
C LEU D 223 -32.42 -5.91 28.59
N LYS D 224 -33.65 -6.42 28.48
CA LYS D 224 -34.70 -5.81 27.67
C LYS D 224 -34.24 -5.60 26.23
N PHE D 225 -34.04 -6.73 25.54
CA PHE D 225 -33.32 -6.69 24.26
C PHE D 225 -34.10 -5.97 23.17
N HIS D 226 -35.42 -6.12 23.16
CA HIS D 226 -36.19 -5.63 22.00
C HIS D 226 -36.23 -4.11 21.93
N LYS D 227 -36.05 -3.41 23.04
CA LYS D 227 -36.03 -1.95 23.05
C LYS D 227 -34.76 -1.38 23.67
N LEU D 228 -33.70 -2.17 23.73
CA LEU D 228 -32.46 -1.72 24.34
C LEU D 228 -31.76 -0.70 23.45
N VAL D 229 -31.27 0.38 24.05
CA VAL D 229 -30.54 1.41 23.31
C VAL D 229 -29.04 1.16 23.43
N ASN D 230 -28.53 1.16 24.67
CA ASN D 230 -27.14 0.81 24.90
C ASN D 230 -26.99 0.37 26.35
N VAL D 231 -25.88 -0.33 26.62
CA VAL D 231 -25.47 -0.68 27.97
C VAL D 231 -24.07 -0.14 28.18
N THR D 232 -23.86 0.57 29.27
CA THR D 232 -22.58 1.21 29.55
C THR D 232 -22.10 0.85 30.95
N ILE D 233 -20.78 0.70 31.08
CA ILE D 233 -20.13 0.41 32.35
C ILE D 233 -19.17 1.56 32.65
N HIS D 234 -19.35 2.20 33.80
CA HIS D 234 -18.53 3.34 34.21
C HIS D 234 -17.79 2.99 35.49
N PHE D 235 -16.46 3.18 35.48
CA PHE D 235 -15.68 3.08 36.71
C PHE D 235 -14.38 3.86 36.52
N ARG D 236 -13.76 4.20 37.64
CA ARG D 236 -12.53 4.99 37.65
C ARG D 236 -11.44 4.23 38.40
N LEU D 237 -10.21 4.38 37.92
CA LEU D 237 -9.05 3.72 38.49
C LEU D 237 -7.93 4.74 38.68
N LYS D 238 -7.27 4.69 39.82
CA LYS D 238 -6.14 5.56 40.12
C LYS D 238 -4.84 4.77 40.04
N THR D 239 -3.82 5.39 39.46
CA THR D 239 -2.53 4.74 39.31
C THR D 239 -1.46 5.83 39.25
N ILE D 240 -0.21 5.41 39.43
CA ILE D 240 0.92 6.32 39.49
C ILE D 240 1.84 6.03 38.33
N ASN D 241 2.23 7.08 37.59
CA ASN D 241 3.11 6.94 36.43
C ASN D 241 4.55 6.85 36.92
N LEU D 242 4.95 5.62 37.28
CA LEU D 242 6.30 5.41 37.79
C LEU D 242 7.36 5.54 36.73
N GLN D 243 7.00 5.43 35.45
CA GLN D 243 8.01 5.60 34.40
C GLN D 243 8.51 7.03 34.33
N SER D 244 7.80 7.99 34.91
CA SER D 244 8.32 9.35 34.99
C SER D 244 9.30 9.43 36.15
N LEU D 245 10.25 8.49 36.16
CA LEU D 245 11.33 8.48 37.13
C LEU D 245 12.70 8.26 36.51
N ILE D 246 12.77 7.67 35.31
CA ILE D 246 14.03 7.64 34.56
C ILE D 246 14.38 9.02 34.04
N ASN D 247 13.39 9.91 33.93
CA ASN D 247 13.60 11.28 33.50
C ASN D 247 13.80 12.24 34.65
N ASN D 248 13.77 11.75 35.89
CA ASN D 248 14.03 12.54 37.08
C ASN D 248 13.05 13.72 37.17
N GLU D 249 11.76 13.36 37.20
CA GLU D 249 10.69 14.34 37.24
C GLU D 249 9.66 14.13 38.34
N ILE D 250 9.75 13.03 39.08
CA ILE D 250 8.79 12.59 40.09
C ILE D 250 7.58 11.98 39.39
N PRO D 251 6.94 10.95 39.97
CA PRO D 251 5.73 10.37 39.36
C PRO D 251 4.45 11.13 39.66
N ASP D 252 3.65 11.40 38.64
CA ASP D 252 2.35 12.00 38.86
C ASP D 252 1.31 10.93 39.17
N CYS D 253 0.18 11.37 39.73
CA CYS D 253 -0.94 10.50 40.05
C CYS D 253 -2.03 10.67 39.00
N TYR D 254 -2.39 9.57 38.34
CA TYR D 254 -3.36 9.57 37.26
C TYR D 254 -4.67 8.95 37.73
N THR D 255 -5.76 9.37 37.11
CA THR D 255 -7.09 8.80 37.36
C THR D 255 -7.73 8.51 36.01
N PHE D 256 -7.88 7.23 35.69
CA PHE D 256 -8.47 6.80 34.42
C PHE D 256 -9.97 6.58 34.62
N SER D 257 -10.77 7.26 33.81
CA SER D 257 -12.22 7.06 33.80
C SER D 257 -12.57 6.15 32.64
N VAL D 258 -12.93 4.90 32.95
CA VAL D 258 -13.12 3.86 31.95
C VAL D 258 -14.60 3.77 31.59
N LEU D 259 -14.89 3.75 30.29
CA LEU D 259 -16.25 3.66 29.79
C LEU D 259 -16.32 2.50 28.79
N ILE D 260 -17.08 1.47 29.12
CA ILE D 260 -17.30 0.33 28.23
C ILE D 260 -18.71 0.43 27.69
N THR D 261 -18.84 0.52 26.37
CA THR D 261 -20.12 0.74 25.72
C THR D 261 -20.54 -0.49 24.93
N PHE D 262 -21.81 -0.89 25.12
CA PHE D 262 -22.44 -1.94 24.34
C PHE D 262 -23.54 -1.26 23.53
N ASP D 263 -23.24 -0.93 22.27
CA ASP D 263 -24.05 0.00 21.49
C ASP D 263 -25.08 -0.76 20.67
N ASN D 264 -26.35 -0.57 20.99
CA ASN D 264 -27.46 -1.17 20.25
C ASN D 264 -28.31 -0.11 19.55
N LYS D 265 -27.73 1.03 19.21
CA LYS D 265 -28.51 2.10 18.59
C LYS D 265 -28.99 1.74 17.19
N ALA D 266 -28.31 0.84 16.50
CA ALA D 266 -28.71 0.47 15.15
C ALA D 266 -29.84 -0.56 15.14
N HIS D 267 -30.02 -1.30 16.23
CA HIS D 267 -31.06 -2.33 16.33
C HIS D 267 -30.97 -3.32 15.18
N SER D 268 -29.74 -3.71 14.83
CA SER D 268 -29.49 -4.55 13.68
C SER D 268 -29.03 -5.96 14.05
N GLY D 269 -29.17 -6.36 15.31
CA GLY D 269 -28.72 -7.66 15.74
C GLY D 269 -27.24 -7.77 15.99
N ARG D 270 -26.47 -6.71 15.73
CA ARG D 270 -25.04 -6.67 15.99
C ARG D 270 -24.77 -5.52 16.94
N ILE D 271 -24.18 -5.83 18.09
CA ILE D 271 -23.91 -4.82 19.11
C ILE D 271 -22.40 -4.64 19.27
N PRO D 272 -21.82 -3.59 18.70
CA PRO D 272 -20.37 -3.38 18.86
C PRO D 272 -20.03 -3.02 20.29
N ILE D 273 -18.82 -3.44 20.69
CA ILE D 273 -18.31 -3.21 22.04
C ILE D 273 -17.03 -2.42 21.93
N SER D 274 -16.93 -1.34 22.71
CA SER D 274 -15.75 -0.48 22.70
C SER D 274 -15.42 -0.06 24.12
N LEU D 275 -14.16 0.29 24.33
CA LEU D 275 -13.68 0.78 25.61
C LEU D 275 -12.91 2.08 25.37
N GLU D 276 -13.28 3.12 26.11
CA GLU D 276 -12.62 4.41 26.02
C GLU D 276 -12.26 4.89 27.41
N THR D 277 -11.15 5.61 27.51
CA THR D 277 -10.65 6.10 28.78
C THR D 277 -10.34 7.58 28.70
N GLN D 278 -10.57 8.28 29.80
CA GLN D 278 -10.14 9.67 29.96
C GLN D 278 -9.19 9.75 31.15
N ALA D 279 -8.01 10.32 30.91
CA ALA D 279 -6.96 10.39 31.92
C ALA D 279 -6.89 11.78 32.50
N HIS D 280 -6.84 11.87 33.82
CA HIS D 280 -6.79 13.14 34.54
C HIS D 280 -5.54 13.16 35.42
N ILE D 281 -4.58 13.97 35.03
CA ILE D 281 -3.30 14.03 35.74
C ILE D 281 -3.37 15.07 36.85
N GLN D 282 -2.76 14.75 37.98
CA GLN D 282 -2.65 15.67 39.09
C GLN D 282 -1.46 15.24 39.94
N GLU D 283 -0.97 16.17 40.76
CA GLU D 283 0.17 15.87 41.60
C GLU D 283 -0.25 14.98 42.77
N CYS D 284 0.67 14.13 43.21
CA CYS D 284 0.42 13.26 44.33
C CYS D 284 0.64 14.02 45.64
N LYS D 285 0.10 13.46 46.73
CA LYS D 285 0.16 14.10 48.04
C LYS D 285 1.45 13.71 48.75
N HIS D 286 2.28 14.71 49.06
CA HIS D 286 3.55 14.56 49.77
C HIS D 286 4.33 13.31 49.36
N PRO D 287 4.73 13.20 48.09
CA PRO D 287 5.50 12.04 47.65
C PRO D 287 6.94 12.12 48.11
N SER D 288 7.64 10.99 47.99
CA SER D 288 9.02 10.88 48.44
C SER D 288 9.81 10.05 47.44
N VAL D 289 10.86 10.64 46.88
CA VAL D 289 11.80 9.92 46.03
C VAL D 289 13.18 10.07 46.66
N PHE D 290 13.82 8.94 46.94
CA PHE D 290 15.10 8.96 47.63
C PHE D 290 16.18 9.55 46.73
N GLN D 291 16.80 10.64 47.19
CA GLN D 291 17.85 11.35 46.47
C GLN D 291 17.42 11.66 45.04
N HIS D 292 16.27 12.33 44.92
CA HIS D 292 15.80 12.73 43.60
C HIS D 292 16.61 13.89 43.05
N GLY D 293 16.85 14.91 43.87
CA GLY D 293 17.55 16.10 43.43
C GLY D 293 16.60 17.08 42.79
N ASP D 294 17.18 18.15 42.26
CA ASP D 294 16.38 19.16 41.61
C ASP D 294 16.55 19.08 40.10
N ASN D 295 15.67 19.80 39.39
CA ASN D 295 15.79 20.01 37.95
C ASN D 295 16.25 21.44 37.68
N SER D 296 17.25 21.88 38.43
CA SER D 296 17.86 23.19 38.23
C SER D 296 18.31 23.36 36.80
N PHE D 297 18.91 22.32 36.20
CA PHE D 297 19.38 22.43 34.83
C PHE D 297 18.21 22.69 33.87
N ARG D 298 17.12 21.95 34.04
CA ARG D 298 15.96 22.14 33.16
C ARG D 298 15.36 23.52 33.33
N LEU D 299 15.21 23.97 34.59
CA LEU D 299 14.64 25.30 34.84
C LEU D 299 15.54 26.39 34.29
N LEU D 300 16.85 26.27 34.48
CA LEU D 300 17.79 27.27 34.00
C LEU D 300 17.82 27.31 32.48
N PHE D 301 17.71 26.15 31.83
CA PHE D 301 17.67 26.13 30.37
C PHE D 301 16.38 26.73 29.85
N ASP D 302 15.26 26.51 30.55
CA ASP D 302 14.02 27.18 30.16
C ASP D 302 14.14 28.69 30.30
N VAL D 303 14.79 29.16 31.38
CA VAL D 303 15.01 30.59 31.55
C VAL D 303 15.94 31.13 30.46
N VAL D 304 16.94 30.34 30.07
CA VAL D 304 17.87 30.78 29.02
C VAL D 304 17.13 30.91 27.69
N VAL D 305 16.27 29.94 27.37
CA VAL D 305 15.47 30.02 26.15
C VAL D 305 14.57 31.24 26.20
N ILE D 306 13.94 31.49 27.35
CA ILE D 306 13.06 32.66 27.48
C ILE D 306 13.83 33.94 27.25
N LEU D 307 15.02 34.06 27.84
CA LEU D 307 15.81 35.28 27.71
C LEU D 307 16.29 35.47 26.28
N THR D 308 16.73 34.39 25.62
CA THR D 308 17.17 34.50 24.23
C THR D 308 16.02 34.96 23.34
N CYS D 309 14.84 34.34 23.51
CA CYS D 309 13.70 34.74 22.69
C CYS D 309 13.24 36.16 23.03
N SER D 310 13.40 36.59 24.27
CA SER D 310 13.04 37.96 24.64
C SER D 310 13.96 38.97 23.99
N LEU D 311 15.27 38.71 24.00
CA LEU D 311 16.20 39.60 23.32
C LEU D 311 15.92 39.66 21.82
N SER D 312 15.65 38.50 21.22
CA SER D 312 15.33 38.48 19.79
C SER D 312 14.07 39.27 19.50
N PHE D 313 13.03 39.10 20.34
CA PHE D 313 11.78 39.83 20.14
C PHE D 313 12.01 41.33 20.27
N LEU D 314 12.81 41.75 21.26
CA LEU D 314 13.05 43.17 21.45
C LEU D 314 13.78 43.78 20.25
N LEU D 315 14.81 43.08 19.75
CA LEU D 315 15.54 43.60 18.59
C LEU D 315 14.64 43.67 17.36
N CYS D 316 13.82 42.63 17.14
CA CYS D 316 12.93 42.62 15.99
C CYS D 316 11.90 43.75 16.06
N ALA D 317 11.34 44.00 17.25
CA ALA D 317 10.36 45.07 17.38
C ALA D 317 11.02 46.43 17.20
N ARG D 318 12.25 46.59 17.69
CA ARG D 318 12.96 47.84 17.46
C ARG D 318 13.18 48.09 15.97
N SER D 319 13.57 47.05 15.23
CA SER D 319 13.77 47.22 13.80
C SER D 319 12.46 47.53 13.08
N LEU D 320 11.37 46.87 13.48
CA LEU D 320 10.07 47.18 12.88
C LEU D 320 9.66 48.62 13.13
N LEU D 321 9.84 49.11 14.36
CA LEU D 321 9.45 50.49 14.65
C LEU D 321 10.34 51.48 13.93
N ARG D 322 11.64 51.17 13.78
CA ARG D 322 12.53 52.02 13.00
C ARG D 322 12.09 52.07 11.55
N GLY D 323 11.72 50.93 10.97
CA GLY D 323 11.22 50.92 9.61
C GLY D 323 9.94 51.71 9.45
N PHE D 324 9.05 51.64 10.44
CA PHE D 324 7.82 52.44 10.39
C PHE D 324 8.14 53.93 10.40
N LEU D 325 9.07 54.35 11.26
CA LEU D 325 9.44 55.76 11.30
C LEU D 325 10.04 56.21 9.97
N LEU D 326 10.92 55.38 9.40
CA LEU D 326 11.50 55.73 8.10
C LEU D 326 10.43 55.79 7.02
N GLN D 327 9.47 54.88 7.05
CA GLN D 327 8.36 54.92 6.08
C GLN D 327 7.58 56.22 6.22
N ASN D 328 7.27 56.61 7.46
CA ASN D 328 6.56 57.86 7.69
C ASN D 328 7.35 59.05 7.15
N GLU D 329 8.65 59.08 7.41
CA GLU D 329 9.48 60.17 6.92
C GLU D 329 9.48 60.22 5.39
N PHE D 330 9.57 59.05 4.74
CA PHE D 330 9.59 59.01 3.28
C PHE D 330 8.25 59.46 2.69
N VAL D 331 7.14 59.04 3.29
CA VAL D 331 5.84 59.45 2.77
C VAL D 331 5.63 60.94 2.97
N GLY D 332 6.15 61.49 4.08
CA GLY D 332 6.14 62.93 4.24
C GLY D 332 6.95 63.64 3.16
N PHE D 333 8.12 63.08 2.86
CA PHE D 333 8.94 63.60 1.77
C PHE D 333 8.16 63.62 0.46
N MET D 334 7.46 62.52 0.16
CA MET D 334 6.68 62.45 -1.08
C MET D 334 5.55 63.47 -1.08
N TRP D 335 4.86 63.62 0.05
CA TRP D 335 3.78 64.60 0.13
C TRP D 335 4.29 66.02 -0.09
N ARG D 336 5.46 66.34 0.47
CA ARG D 336 6.05 67.65 0.25
C ARG D 336 6.34 67.87 -1.24
N GLN D 337 6.89 66.86 -1.90
CA GLN D 337 7.21 66.93 -3.32
C GLN D 337 5.95 67.12 -4.15
N LEU D 344 -1.39 52.84 -1.94
CA LEU D 344 -0.77 52.63 -0.64
C LEU D 344 -0.32 51.19 -0.48
N TRP D 345 0.36 50.67 -1.51
CA TRP D 345 0.81 49.29 -1.54
C TRP D 345 2.33 49.16 -1.40
N GLU D 346 3.05 50.28 -1.31
CA GLU D 346 4.50 50.25 -1.13
C GLU D 346 4.93 50.61 0.28
N ARG D 347 4.13 51.41 0.99
CA ARG D 347 4.45 51.69 2.39
C ARG D 347 4.38 50.42 3.22
N LEU D 348 3.48 49.50 2.86
CA LEU D 348 3.49 48.19 3.49
C LEU D 348 4.71 47.38 3.08
N GLU D 349 5.17 47.56 1.84
CA GLU D 349 6.39 46.89 1.39
C GLU D 349 7.62 47.41 2.11
N PHE D 350 7.54 48.62 2.67
CA PHE D 350 8.61 49.13 3.53
C PHE D 350 8.87 48.22 4.72
N VAL D 351 7.94 47.33 5.05
CA VAL D 351 7.99 46.56 6.27
C VAL D 351 8.62 45.20 5.97
N ASN D 352 9.24 44.61 6.98
CA ASN D 352 9.92 43.32 6.86
C ASN D 352 9.01 42.23 7.39
N GLY D 353 8.63 41.29 6.51
CA GLY D 353 7.82 40.15 6.93
C GLY D 353 8.60 39.07 7.64
N TRP D 354 9.91 39.03 7.45
CA TRP D 354 10.70 38.11 8.26
C TRP D 354 10.72 38.52 9.72
N TYR D 355 10.62 39.82 10.01
CA TYR D 355 10.53 40.23 11.41
C TYR D 355 9.16 39.92 12.00
N ILE D 356 8.10 39.98 11.19
CA ILE D 356 6.80 39.50 11.64
C ILE D 356 6.88 38.01 11.97
N LEU D 357 7.51 37.23 11.10
CA LEU D 357 7.67 35.81 11.38
C LEU D 357 8.49 35.58 12.64
N LEU D 358 9.55 36.37 12.83
CA LEU D 358 10.41 36.20 14.00
C LEU D 358 9.69 36.56 15.29
N VAL D 359 8.87 37.61 15.28
CA VAL D 359 8.14 37.96 16.50
C VAL D 359 7.04 36.95 16.79
N THR D 360 6.39 36.41 15.74
CA THR D 360 5.43 35.33 15.95
C THR D 360 6.12 34.13 16.58
N SER D 361 7.29 33.77 16.06
CA SER D 361 8.02 32.63 16.62
C SER D 361 8.48 32.91 18.05
N ASP D 362 8.88 34.15 18.34
CA ASP D 362 9.31 34.50 19.70
C ASP D 362 8.16 34.37 20.69
N VAL D 363 6.99 34.89 20.33
CA VAL D 363 5.86 34.79 21.25
C VAL D 363 5.41 33.34 21.40
N LEU D 364 5.47 32.55 20.32
CA LEU D 364 5.13 31.14 20.43
C LEU D 364 6.09 30.41 21.36
N THR D 365 7.40 30.68 21.21
CA THR D 365 8.38 30.00 22.05
C THR D 365 8.23 30.40 23.50
N ILE D 366 7.97 31.69 23.77
CA ILE D 366 7.81 32.13 25.15
C ILE D 366 6.57 31.50 25.78
N SER D 367 5.46 31.46 25.05
CA SER D 367 4.26 30.82 25.58
C SER D 367 4.49 29.34 25.84
N GLY D 368 5.15 28.65 24.91
CA GLY D 368 5.44 27.24 25.10
C GLY D 368 6.36 26.99 26.29
N THR D 369 7.35 27.86 26.48
CA THR D 369 8.25 27.67 27.61
C THR D 369 7.55 27.93 28.94
N ILE D 370 6.68 28.94 28.99
CA ILE D 370 5.93 29.17 30.22
C ILE D 370 5.02 27.99 30.53
N MET D 371 4.35 27.45 29.50
CA MET D 371 3.50 26.29 29.71
C MET D 371 4.32 25.08 30.16
N LYS D 372 5.51 24.90 29.59
CA LYS D 372 6.37 23.80 29.98
C LYS D 372 6.86 23.94 31.42
N ILE D 373 7.20 25.16 31.83
CA ILE D 373 7.57 25.40 33.21
C ILE D 373 6.41 25.07 34.13
N GLY D 374 5.19 25.43 33.73
CA GLY D 374 4.03 25.04 34.52
C GLY D 374 3.85 23.54 34.60
N ILE D 375 4.07 22.84 33.49
CA ILE D 375 3.95 21.38 33.48
C ILE D 375 4.95 20.76 34.44
N GLU D 376 6.20 21.24 34.42
CA GLU D 376 7.22 20.67 35.29
C GLU D 376 7.02 21.09 36.75
N ALA D 377 6.39 22.24 36.97
CA ALA D 377 5.99 22.65 38.32
C ALA D 377 4.66 22.05 38.75
N LYS D 378 4.05 21.19 37.94
CA LYS D 378 2.88 20.36 38.26
C LYS D 378 1.56 21.12 38.33
N ASN D 379 1.45 22.31 37.77
CA ASN D 379 0.21 23.05 37.84
C ASN D 379 -0.67 22.84 36.62
N LEU D 380 -0.09 22.95 35.42
CA LEU D 380 -0.84 22.89 34.17
C LEU D 380 -0.39 21.65 33.41
N ALA D 381 -1.29 20.68 33.27
CA ALA D 381 -1.03 19.46 32.51
C ALA D 381 -1.72 19.58 31.15
N SER D 382 -1.07 20.31 30.24
CA SER D 382 -1.51 20.42 28.85
C SER D 382 -0.32 20.10 27.96
N TYR D 383 -0.05 18.80 27.81
CA TYR D 383 1.07 18.35 27.00
C TYR D 383 0.83 18.58 25.52
N ASP D 384 -0.41 18.41 25.06
CA ASP D 384 -0.69 18.62 23.64
C ASP D 384 -0.53 20.08 23.25
N VAL D 385 -1.05 21.00 24.08
CA VAL D 385 -0.90 22.41 23.81
C VAL D 385 0.56 22.83 23.86
N CYS D 386 1.29 22.37 24.89
CA CYS D 386 2.70 22.72 25.00
C CYS D 386 3.50 22.20 23.82
N SER D 387 3.22 20.96 23.40
CA SER D 387 3.93 20.37 22.27
C SER D 387 3.63 21.10 20.97
N ILE D 388 2.36 21.48 20.76
CA ILE D 388 2.01 22.17 19.54
C ILE D 388 2.69 23.52 19.48
N LEU D 389 2.68 24.27 20.59
CA LEU D 389 3.35 25.56 20.63
C LEU D 389 4.84 25.40 20.35
N LEU D 390 5.50 24.49 21.05
CA LEU D 390 6.95 24.35 20.91
C LEU D 390 7.33 23.85 19.52
N GLY D 391 6.57 22.92 18.96
CA GLY D 391 6.89 22.42 17.63
C GLY D 391 6.68 23.46 16.54
N THR D 392 5.59 24.22 16.64
CA THR D 392 5.38 25.30 15.67
C THR D 392 6.47 26.35 15.78
N SER D 393 6.88 26.69 17.00
CA SER D 393 7.94 27.66 17.17
C SER D 393 9.27 27.14 16.62
N THR D 394 9.56 25.86 16.81
CA THR D 394 10.78 25.28 16.25
C THR D 394 10.76 25.32 14.73
N LEU D 395 9.62 24.97 14.13
CA LEU D 395 9.52 25.01 12.67
C LEU D 395 9.73 26.43 12.15
N LEU D 396 9.10 27.42 12.78
CA LEU D 396 9.28 28.79 12.33
C LEU D 396 10.71 29.28 12.55
N VAL D 397 11.33 28.85 13.65
CA VAL D 397 12.71 29.23 13.93
C VAL D 397 13.65 28.68 12.87
N TRP D 398 13.45 27.43 12.47
CA TRP D 398 14.29 26.85 11.42
C TRP D 398 14.03 27.51 10.08
N VAL D 399 12.76 27.83 9.79
CA VAL D 399 12.43 28.49 8.53
C VAL D 399 13.04 29.88 8.46
N GLY D 400 13.17 30.56 9.59
CA GLY D 400 13.60 31.94 9.59
C GLY D 400 15.04 32.22 9.22
N VAL D 401 15.83 31.17 8.90
CA VAL D 401 17.20 31.41 8.46
C VAL D 401 17.31 31.64 6.96
N ILE D 402 16.24 31.34 6.20
CA ILE D 402 16.21 31.72 4.79
C ILE D 402 16.35 33.23 4.64
N ARG D 403 16.01 33.98 5.69
CA ARG D 403 16.13 35.43 5.68
C ARG D 403 17.54 35.88 5.29
N TYR D 404 18.56 35.13 5.70
CA TYR D 404 19.94 35.46 5.37
C TYR D 404 20.41 34.83 4.06
N LEU D 405 19.54 34.10 3.38
CA LEU D 405 19.81 33.62 2.04
C LEU D 405 19.10 34.44 0.97
N THR D 406 18.21 35.36 1.37
CA THR D 406 17.47 36.16 0.42
C THR D 406 18.38 37.15 -0.32
N PHE D 407 19.43 37.64 0.35
CA PHE D 407 20.27 38.67 -0.23
C PHE D 407 21.17 38.16 -1.35
N PHE D 408 21.50 36.87 -1.34
CA PHE D 408 22.55 36.38 -2.23
C PHE D 408 22.09 36.27 -3.68
N HIS D 409 20.79 36.11 -3.92
CA HIS D 409 20.19 36.11 -5.25
C HIS D 409 20.56 34.83 -6.02
N ASN D 410 21.40 33.99 -5.42
CA ASN D 410 21.64 32.64 -5.91
C ASN D 410 21.00 31.58 -5.04
N TYR D 411 20.58 31.93 -3.82
CA TYR D 411 20.05 30.96 -2.87
C TYR D 411 18.56 31.14 -2.59
N ASN D 412 17.96 32.24 -3.03
CA ASN D 412 16.55 32.55 -2.74
C ASN D 412 15.66 32.30 -3.95
N ILE D 413 16.00 31.28 -4.74
CA ILE D 413 15.19 30.93 -5.89
C ILE D 413 13.78 30.56 -5.45
N LEU D 414 13.66 29.78 -4.37
CA LEU D 414 12.35 29.40 -3.87
C LEU D 414 11.54 30.61 -3.44
N ILE D 415 12.15 31.52 -2.68
CA ILE D 415 11.41 32.66 -2.16
C ILE D 415 10.97 33.58 -3.30
N ALA D 416 11.86 33.86 -4.24
CA ALA D 416 11.50 34.74 -5.35
C ALA D 416 10.43 34.09 -6.24
N THR D 417 10.56 32.80 -6.52
CA THR D 417 9.56 32.11 -7.33
C THR D 417 8.20 32.14 -6.65
N LEU D 418 8.16 31.91 -5.34
CA LEU D 418 6.89 31.95 -4.63
C LEU D 418 6.30 33.36 -4.62
N ARG D 419 7.15 34.38 -4.42
CA ARG D 419 6.66 35.76 -4.40
C ARG D 419 6.05 36.13 -5.74
N VAL D 420 6.62 35.64 -6.84
CA VAL D 420 6.06 35.93 -8.15
C VAL D 420 4.83 35.09 -8.44
N ALA D 421 4.82 33.84 -8.00
CA ALA D 421 3.78 32.89 -8.39
C ALA D 421 2.54 32.93 -7.50
N LEU D 422 2.59 33.60 -6.36
CA LEU D 422 1.48 33.50 -5.42
C LEU D 422 0.14 34.01 -5.95
N PRO D 423 0.03 35.17 -6.61
CA PRO D 423 -1.30 35.63 -7.03
C PRO D 423 -1.97 34.73 -8.06
N SER D 424 -1.23 34.31 -9.08
CA SER D 424 -1.80 33.42 -10.09
C SER D 424 -2.25 32.10 -9.46
N VAL D 425 -1.44 31.58 -8.52
CA VAL D 425 -1.83 30.38 -7.79
C VAL D 425 -3.10 30.63 -7.01
N MET D 426 -3.25 31.82 -6.42
CA MET D 426 -4.45 32.13 -5.65
C MET D 426 -5.69 32.13 -6.52
N ARG D 427 -5.60 32.69 -7.74
CA ARG D 427 -6.77 32.71 -8.62
C ARG D 427 -7.09 31.32 -9.14
N PHE D 428 -6.07 30.59 -9.59
CA PHE D 428 -6.27 29.21 -10.00
C PHE D 428 -6.91 28.40 -8.89
N CYS D 429 -6.50 28.62 -7.65
CA CYS D 429 -7.13 27.96 -6.52
C CYS D 429 -8.55 28.46 -6.31
N CYS D 430 -8.84 29.72 -6.60
CA CYS D 430 -10.21 30.22 -6.50
C CYS D 430 -11.16 29.40 -7.38
N CYS D 431 -10.66 28.94 -8.54
CA CYS D 431 -11.52 28.10 -9.39
C CYS D 431 -11.49 26.63 -8.95
N VAL D 432 -10.29 26.09 -8.74
CA VAL D 432 -10.15 24.69 -8.37
C VAL D 432 -10.81 24.41 -7.02
N ALA D 433 -11.02 25.44 -6.19
CA ALA D 433 -11.66 25.24 -4.90
C ALA D 433 -13.13 24.89 -5.06
N VAL D 434 -13.85 25.59 -5.94
CA VAL D 434 -15.24 25.23 -6.15
C VAL D 434 -15.35 23.87 -6.82
N ILE D 435 -14.44 23.57 -7.74
CA ILE D 435 -14.47 22.23 -8.36
C ILE D 435 -14.25 21.15 -7.29
N TYR D 436 -13.23 21.35 -6.44
CA TYR D 436 -12.86 20.37 -5.43
C TYR D 436 -13.95 20.22 -4.38
N LEU D 437 -14.62 21.32 -4.01
CA LEU D 437 -15.67 21.23 -3.01
C LEU D 437 -16.90 20.51 -3.56
N GLY D 438 -17.26 20.78 -4.82
CA GLY D 438 -18.33 20.00 -5.43
C GLY D 438 -18.03 18.51 -5.41
N TYR D 439 -16.81 18.14 -5.81
CA TYR D 439 -16.45 16.73 -5.80
C TYR D 439 -16.46 16.16 -4.38
N CYS D 440 -15.99 16.93 -3.40
CA CYS D 440 -15.95 16.45 -2.02
C CYS D 440 -17.34 16.17 -1.48
N PHE D 441 -18.26 17.12 -1.66
CA PHE D 441 -19.62 16.91 -1.16
C PHE D 441 -20.29 15.74 -1.86
N CYS D 442 -20.18 15.66 -3.19
CA CYS D 442 -20.81 14.56 -3.91
C CYS D 442 -20.26 13.22 -3.44
N GLY D 443 -18.93 13.09 -3.38
CA GLY D 443 -18.34 11.85 -2.95
C GLY D 443 -18.76 11.48 -1.55
N TRP D 444 -18.65 12.43 -0.61
CA TRP D 444 -19.06 12.18 0.76
C TRP D 444 -20.46 11.59 0.82
N ILE D 445 -21.44 12.33 0.31
CA ILE D 445 -22.83 11.91 0.54
C ILE D 445 -23.15 10.63 -0.22
N VAL D 446 -22.65 10.46 -1.45
CA VAL D 446 -23.08 9.31 -2.24
C VAL D 446 -22.30 8.06 -1.87
N LEU D 447 -20.97 8.13 -1.88
CA LEU D 447 -20.15 6.95 -1.67
C LEU D 447 -19.82 6.69 -0.20
N GLY D 448 -20.20 7.60 0.71
CA GLY D 448 -19.90 7.43 2.11
C GLY D 448 -20.42 6.16 2.75
N PRO D 449 -21.71 5.87 2.56
CA PRO D 449 -22.26 4.62 3.13
C PRO D 449 -21.60 3.36 2.61
N TYR D 450 -21.01 3.40 1.41
CA TYR D 450 -20.46 2.20 0.79
C TYR D 450 -18.94 2.14 0.80
N HIS D 451 -18.25 3.28 0.78
CA HIS D 451 -16.80 3.32 0.69
C HIS D 451 -16.20 3.63 2.05
N VAL D 452 -15.16 2.88 2.40
CA VAL D 452 -14.53 3.05 3.71
C VAL D 452 -13.70 4.32 3.79
N LYS D 453 -13.31 4.90 2.66
CA LYS D 453 -12.48 6.09 2.62
C LYS D 453 -13.28 7.36 2.40
N PHE D 454 -14.62 7.27 2.42
CA PHE D 454 -15.49 8.43 2.24
C PHE D 454 -16.45 8.61 3.42
N ARG D 455 -16.10 8.08 4.60
CA ARG D 455 -17.04 8.05 5.70
C ARG D 455 -17.35 9.46 6.22
N SER D 456 -16.35 10.32 6.32
CA SER D 456 -16.53 11.68 6.82
C SER D 456 -15.95 12.67 5.82
N LEU D 457 -16.26 13.94 6.03
CA LEU D 457 -15.85 14.98 5.07
C LEU D 457 -14.34 15.15 5.07
N SER D 458 -13.71 15.15 6.24
CA SER D 458 -12.25 15.24 6.28
C SER D 458 -11.61 14.03 5.62
N MET D 459 -12.20 12.85 5.82
CA MET D 459 -11.69 11.64 5.18
C MET D 459 -11.83 11.72 3.66
N VAL D 460 -12.93 12.29 3.17
CA VAL D 460 -13.11 12.49 1.75
C VAL D 460 -12.06 13.44 1.20
N SER D 461 -11.80 14.53 1.92
CA SER D 461 -10.78 15.48 1.49
C SER D 461 -9.41 14.82 1.43
N GLU D 462 -9.08 14.02 2.45
CA GLU D 462 -7.80 13.31 2.45
C GLU D 462 -7.71 12.34 1.29
N CYS D 463 -8.78 11.59 1.04
CA CYS D 463 -8.77 10.61 -0.05
C CYS D 463 -8.58 11.28 -1.40
N LEU D 464 -9.30 12.38 -1.65
CA LEU D 464 -9.19 13.07 -2.93
C LEU D 464 -7.82 13.72 -3.07
N PHE D 465 -7.29 14.31 -1.99
CA PHE D 465 -5.98 14.92 -2.06
C PHE D 465 -4.89 13.88 -2.31
N SER D 466 -5.06 12.68 -1.76
CA SER D 466 -4.13 11.60 -2.06
C SER D 466 -4.27 11.10 -3.49
N LEU D 467 -5.50 11.08 -4.01
CA LEU D 467 -5.71 10.64 -5.38
C LEU D 467 -5.09 11.61 -6.38
N ILE D 468 -5.12 12.91 -6.06
CA ILE D 468 -4.47 13.88 -6.94
C ILE D 468 -2.98 13.60 -7.07
N ASN D 469 -2.36 13.08 -6.00
CA ASN D 469 -0.96 12.72 -6.03
C ASN D 469 -0.74 11.26 -6.39
N GLY D 470 -1.77 10.58 -6.90
CA GLY D 470 -1.60 9.21 -7.35
C GLY D 470 -1.37 8.20 -6.25
N ASP D 471 -2.09 8.30 -5.14
CA ASP D 471 -1.92 7.40 -4.00
C ASP D 471 -3.19 6.61 -3.77
N ASP D 472 -3.03 5.29 -3.54
CA ASP D 472 -4.14 4.40 -3.19
C ASP D 472 -5.23 4.37 -4.25
N MET D 473 -4.84 4.54 -5.51
CA MET D 473 -5.83 4.62 -6.59
C MET D 473 -6.55 3.29 -6.76
N PHE D 474 -5.80 2.18 -6.85
CA PHE D 474 -6.44 0.90 -7.07
C PHE D 474 -7.23 0.44 -5.85
N VAL D 475 -6.75 0.75 -4.66
CA VAL D 475 -7.52 0.42 -3.45
C VAL D 475 -8.85 1.19 -3.45
N THR D 476 -8.81 2.46 -3.82
CA THR D 476 -10.02 3.25 -3.89
C THR D 476 -10.98 2.69 -4.94
N PHE D 477 -10.45 2.26 -6.08
CA PHE D 477 -11.29 1.66 -7.11
C PHE D 477 -11.90 0.34 -6.65
N ALA D 478 -11.12 -0.49 -5.97
CA ALA D 478 -11.54 -1.84 -5.62
C ALA D 478 -12.36 -1.91 -4.35
N ALA D 479 -12.44 -0.82 -3.58
CA ALA D 479 -13.34 -0.88 -2.42
C ALA D 479 -14.82 -0.94 -2.81
N MET D 480 -15.16 -0.99 -4.09
CA MET D 480 -16.54 -1.10 -4.55
C MET D 480 -16.78 -2.35 -5.38
N GLN D 481 -15.81 -3.26 -5.48
CA GLN D 481 -16.05 -4.51 -6.20
C GLN D 481 -17.13 -5.34 -5.50
N ALA D 482 -17.25 -5.20 -4.18
CA ALA D 482 -18.36 -5.84 -3.47
C ALA D 482 -19.70 -5.24 -3.86
N GLN D 483 -19.74 -3.93 -4.12
CA GLN D 483 -20.96 -3.27 -4.54
C GLN D 483 -21.21 -3.37 -6.04
N GLN D 484 -20.27 -3.93 -6.80
CA GLN D 484 -20.56 -4.17 -8.21
C GLN D 484 -21.76 -5.08 -8.39
N GLY D 485 -21.89 -6.09 -7.54
CA GLY D 485 -23.00 -7.02 -7.63
C GLY D 485 -24.27 -6.48 -7.01
N ARG D 486 -24.17 -5.93 -5.80
CA ARG D 486 -25.29 -5.32 -5.11
C ARG D 486 -25.12 -3.81 -5.12
N SER D 487 -26.15 -3.09 -5.58
CA SER D 487 -26.06 -1.68 -5.91
C SER D 487 -25.10 -1.46 -7.07
N SER D 488 -25.39 -2.11 -8.20
CA SER D 488 -24.59 -1.90 -9.41
C SER D 488 -24.67 -0.47 -9.90
N LEU D 489 -25.78 0.22 -9.65
CA LEU D 489 -25.87 1.62 -10.03
C LEU D 489 -24.89 2.47 -9.25
N VAL D 490 -24.77 2.23 -7.94
CA VAL D 490 -23.80 2.95 -7.14
C VAL D 490 -22.38 2.58 -7.56
N TRP D 491 -22.15 1.32 -7.92
CA TRP D 491 -20.82 0.93 -8.39
C TRP D 491 -20.46 1.67 -9.68
N LEU D 492 -21.40 1.76 -10.62
CA LEU D 492 -21.15 2.48 -11.87
C LEU D 492 -20.93 3.96 -11.62
N PHE D 493 -21.70 4.55 -10.72
CA PHE D 493 -21.49 5.94 -10.36
C PHE D 493 -20.11 6.14 -9.75
N SER D 494 -19.66 5.20 -8.92
CA SER D 494 -18.32 5.29 -8.34
C SER D 494 -17.25 5.22 -9.42
N GLN D 495 -17.44 4.33 -10.40
CA GLN D 495 -16.49 4.24 -11.51
C GLN D 495 -16.39 5.58 -12.23
N LEU D 496 -17.53 6.14 -12.63
CA LEU D 496 -17.51 7.41 -13.36
C LEU D 496 -16.92 8.52 -12.51
N TYR D 497 -17.31 8.60 -11.24
CA TYR D 497 -16.82 9.64 -10.35
C TYR D 497 -15.31 9.59 -10.21
N LEU D 498 -14.77 8.41 -9.93
CA LEU D 498 -13.33 8.29 -9.73
C LEU D 498 -12.56 8.56 -11.01
N TYR D 499 -13.02 8.00 -12.14
CA TYR D 499 -12.30 8.24 -13.39
C TYR D 499 -12.30 9.72 -13.74
N SER D 500 -13.45 10.38 -13.64
CA SER D 500 -13.54 11.80 -13.99
C SER D 500 -12.66 12.64 -13.08
N PHE D 501 -12.75 12.43 -11.77
CA PHE D 501 -11.95 13.22 -10.85
C PHE D 501 -10.46 13.03 -11.10
N ILE D 502 -10.03 11.77 -11.25
CA ILE D 502 -8.61 11.51 -11.42
C ILE D 502 -8.09 12.14 -12.69
N SER D 503 -8.80 11.95 -13.81
CA SER D 503 -8.37 12.54 -15.07
C SER D 503 -8.29 14.06 -14.96
N LEU D 504 -9.40 14.68 -14.54
CA LEU D 504 -9.47 16.14 -14.53
C LEU D 504 -8.42 16.76 -13.63
N PHE D 505 -8.17 16.16 -12.46
CA PHE D 505 -7.28 16.81 -11.51
C PHE D 505 -5.82 16.45 -11.71
N ILE D 506 -5.50 15.20 -12.03
CA ILE D 506 -4.09 14.87 -12.26
C ILE D 506 -3.59 15.44 -13.57
N TYR D 507 -4.41 15.36 -14.62
CA TYR D 507 -3.89 15.69 -15.95
C TYR D 507 -4.14 17.12 -16.39
N MET D 508 -5.26 17.73 -16.00
CA MET D 508 -5.56 19.09 -16.40
C MET D 508 -5.22 20.14 -15.36
N VAL D 509 -5.60 19.91 -14.10
CA VAL D 509 -5.46 20.96 -13.08
C VAL D 509 -4.04 21.01 -12.52
N LEU D 510 -3.51 19.85 -12.11
CA LEU D 510 -2.19 19.82 -11.51
C LEU D 510 -1.13 20.25 -12.53
N SER D 511 -1.32 19.89 -13.80
CA SER D 511 -0.40 20.33 -14.84
C SER D 511 -0.35 21.85 -14.93
N LEU D 512 -1.51 22.50 -14.86
CA LEU D 512 -1.52 23.97 -14.95
C LEU D 512 -0.97 24.61 -13.68
N PHE D 513 -1.18 23.99 -12.53
CA PHE D 513 -0.56 24.48 -11.29
C PHE D 513 0.96 24.49 -11.41
N ILE D 514 1.52 23.34 -11.79
CA ILE D 514 2.97 23.25 -11.95
C ILE D 514 3.45 24.18 -13.06
N ALA D 515 2.63 24.36 -14.10
CA ALA D 515 3.00 25.27 -15.18
C ALA D 515 3.08 26.71 -14.68
N LEU D 516 2.14 27.12 -13.83
CA LEU D 516 2.20 28.46 -13.25
C LEU D 516 3.47 28.63 -12.43
N ILE D 517 3.79 27.65 -11.58
CA ILE D 517 4.96 27.77 -10.73
C ILE D 517 6.24 27.83 -11.55
N THR D 518 6.36 26.95 -12.55
CA THR D 518 7.56 26.95 -13.37
C THR D 518 7.64 28.16 -14.29
N GLY D 519 6.51 28.72 -14.71
CA GLY D 519 6.55 29.96 -15.46
C GLY D 519 7.02 31.13 -14.63
N ALA D 520 6.58 31.18 -13.37
CA ALA D 520 7.12 32.19 -12.46
C ALA D 520 8.61 32.00 -12.26
N TYR D 521 9.07 30.76 -12.16
CA TYR D 521 10.51 30.53 -12.06
C TYR D 521 11.24 31.01 -13.32
N ASP D 522 10.67 30.75 -14.50
CA ASP D 522 11.29 31.21 -15.74
C ASP D 522 11.34 32.73 -15.79
N THR D 523 10.32 33.39 -15.25
CA THR D 523 10.35 34.85 -15.14
C THR D 523 11.48 35.29 -14.22
N ILE D 524 11.65 34.60 -13.09
CA ILE D 524 12.65 35.01 -12.11
C ILE D 524 14.06 34.82 -12.66
N LYS D 525 14.34 33.67 -13.27
CA LYS D 525 15.70 33.35 -13.67
C LYS D 525 16.22 34.21 -14.82
N HIS D 526 15.34 34.95 -15.50
CA HIS D 526 15.79 35.86 -16.56
C HIS D 526 15.82 37.30 -16.05
#